data_6EV2
#
_entry.id   6EV2
#
_cell.length_a   81.732
_cell.length_b   131.502
_cell.length_c   91.034
_cell.angle_alpha   90.00
_cell.angle_beta   91.50
_cell.angle_gamma   90.00
#
_symmetry.space_group_name_H-M   'P 1 21 1'
#
loop_
_entity.id
_entity.type
_entity.pdbx_description
1 polymer 'Heavy chain'
2 polymer 'Light chain'
3 branched beta-D-glucopyranose-(1-3)-beta-D-glucopyranose
4 non-polymer beta-D-glucopyranose
5 water water
#
loop_
_entity_poly.entity_id
_entity_poly.type
_entity_poly.pdbx_seq_one_letter_code
_entity_poly.pdbx_strand_id
1 'polypeptide(L)'
;EVQLQQSGAELAKPGASVKMSCKASGYTFTSYWMHWVKQRPGQGLEWIGYINPSTGYTEYNQKFKDKATLTADKSSSTAY
MQLSSLTSEDSAVYYCAPLWPLGTDYWGQGTTLTVSSASTKGPSVFPLAPSSKSTSGGTAALGCLVKDYFPEPVTVSWNS
GALTSGVHTFPAVLQSSGLYSLSSVVTVPSSSLGTQTYICNVNHKPSNTKVDKKVEPKSCAA
;
A,C,E,G
2 'polypeptide(L)'
;DIVLTQSPAIMSASPGEKVTMTCSASSSVSYMHWYQQKSGTSPKRWIYDTSKLASGVPARFSGSGSGTSYSLTISSMEAE
DAATYYCQQWSSNPPTFGAGTKLELKRTVAAPSVFIFPPSDEQLKSGTASVVCLLNNFYPREAKVQWKVDNALQSGNSQE
SVTEQDSKDSTYSLSSTLTLSKADYEKHKVYACEVTHQGLRSPVTKSFNRGECAAAH
;
B,D,F,H
#
loop_
_chem_comp.id
_chem_comp.type
_chem_comp.name
_chem_comp.formula
BGC D-saccharide, beta linking beta-D-glucopyranose 'C6 H12 O6'
#
# COMPACT_ATOMS: atom_id res chain seq x y z
N GLU A 1 -13.77 5.71 9.35
CA GLU A 1 -14.52 6.91 9.69
C GLU A 1 -15.21 6.79 11.04
N VAL A 2 -16.13 5.83 11.16
CA VAL A 2 -16.77 5.53 12.43
C VAL A 2 -15.82 4.72 13.27
N GLN A 3 -15.71 5.06 14.54
CA GLN A 3 -14.64 4.48 15.33
C GLN A 3 -15.17 4.16 16.73
N LEU A 4 -14.88 2.95 17.21
CA LEU A 4 -15.18 2.52 18.57
C LEU A 4 -13.84 2.14 19.21
N GLN A 5 -13.29 3.03 20.02
CA GLN A 5 -11.98 2.83 20.63
C GLN A 5 -12.13 2.33 22.06
N GLN A 6 -11.68 1.11 22.32
CA GLN A 6 -11.76 0.53 23.64
C GLN A 6 -10.42 0.62 24.35
N SER A 7 -10.47 0.73 25.67
CA SER A 7 -9.26 0.89 26.46
C SER A 7 -8.38 -0.37 26.37
N GLY A 8 -7.12 -0.19 26.76
CA GLY A 8 -6.13 -1.25 26.62
C GLY A 8 -6.40 -2.45 27.51
N ALA A 9 -5.57 -3.48 27.31
CA ALA A 9 -5.71 -4.71 28.06
C ALA A 9 -5.60 -4.47 29.56
N GLU A 10 -6.25 -5.33 30.34
CA GLU A 10 -6.30 -5.19 31.79
C GLU A 10 -5.90 -6.51 32.42
N LEU A 11 -5.06 -6.44 33.45
CA LEU A 11 -4.70 -7.57 34.27
C LEU A 11 -5.20 -7.28 35.68
N ALA A 12 -5.86 -8.27 36.29
CA ALA A 12 -6.46 -8.08 37.60
C ALA A 12 -6.33 -9.36 38.41
N LYS A 13 -6.48 -9.22 39.73
CA LYS A 13 -6.46 -10.37 40.61
C LYS A 13 -7.89 -10.78 40.97
N PRO A 14 -8.08 -12.05 41.38
CA PRO A 14 -9.44 -12.49 41.73
C PRO A 14 -10.03 -11.63 42.84
N GLY A 15 -11.33 -11.36 42.71
CA GLY A 15 -12.03 -10.52 43.67
C GLY A 15 -11.89 -9.03 43.46
N ALA A 16 -10.99 -8.60 42.58
CA ALA A 16 -10.80 -7.19 42.29
C ALA A 16 -11.92 -6.67 41.40
N SER A 17 -11.81 -5.40 41.02
CA SER A 17 -12.74 -4.76 40.12
C SER A 17 -11.97 -4.14 38.96
N VAL A 18 -12.67 -3.94 37.84
CA VAL A 18 -12.08 -3.31 36.66
C VAL A 18 -13.18 -2.55 35.93
N LYS A 19 -12.80 -1.43 35.32
CA LYS A 19 -13.72 -0.64 34.52
C LYS A 19 -13.06 -0.29 33.19
N MET A 20 -13.77 -0.55 32.10
CA MET A 20 -13.25 -0.40 30.75
C MET A 20 -14.14 0.56 29.99
N SER A 21 -13.56 1.21 28.98
CA SER A 21 -14.21 2.28 28.27
C SER A 21 -14.38 1.95 26.79
N CYS A 22 -15.27 2.69 26.13
CA CYS A 22 -15.57 2.47 24.72
C CYS A 22 -15.91 3.83 24.13
N LYS A 23 -14.93 4.46 23.48
CA LYS A 23 -15.08 5.82 22.99
C LYS A 23 -15.59 5.80 21.55
N ALA A 24 -16.75 6.40 21.33
CA ALA A 24 -17.40 6.36 20.03
C ALA A 24 -17.20 7.68 19.30
N SER A 25 -16.88 7.58 18.01
CA SER A 25 -16.74 8.75 17.16
C SER A 25 -17.17 8.37 15.75
N GLY A 26 -17.53 9.39 14.97
CA GLY A 26 -17.98 9.18 13.61
C GLY A 26 -19.47 8.99 13.48
N TYR A 27 -20.22 9.00 14.58
CA TYR A 27 -21.68 8.86 14.54
C TYR A 27 -22.24 9.50 15.80
N THR A 28 -23.55 9.73 15.79
CA THR A 28 -24.24 10.29 16.95
C THR A 28 -24.26 9.26 18.07
N PHE A 29 -23.44 9.49 19.11
CA PHE A 29 -23.31 8.55 20.21
C PHE A 29 -24.65 8.23 20.85
N THR A 30 -25.57 9.20 20.90
CA THR A 30 -26.85 9.06 21.58
C THR A 30 -27.87 8.27 20.76
N SER A 31 -27.66 8.12 19.45
CA SER A 31 -28.65 7.53 18.56
C SER A 31 -28.54 6.01 18.45
N TYR A 32 -27.60 5.39 19.13
CA TYR A 32 -27.43 3.95 19.05
C TYR A 32 -27.23 3.34 20.43
N TRP A 33 -27.89 2.22 20.67
CA TRP A 33 -27.67 1.48 21.91
C TRP A 33 -26.30 0.83 21.85
N MET A 34 -25.55 0.93 22.93
CA MET A 34 -24.23 0.32 23.00
C MET A 34 -24.35 -1.03 23.68
N HIS A 35 -24.14 -2.09 22.93
CA HIS A 35 -24.17 -3.43 23.49
C HIS A 35 -22.76 -3.86 23.89
N TRP A 36 -22.69 -4.83 24.79
CA TRP A 36 -21.41 -5.39 25.22
C TRP A 36 -21.48 -6.90 25.13
N VAL A 37 -20.44 -7.51 24.57
CA VAL A 37 -20.38 -8.95 24.34
C VAL A 37 -19.08 -9.50 24.87
N LYS A 38 -19.14 -10.72 25.40
CA LYS A 38 -17.99 -11.39 25.99
C LYS A 38 -17.58 -12.58 25.12
N GLN A 39 -16.27 -12.70 24.87
CA GLN A 39 -15.73 -13.79 24.05
C GLN A 39 -14.55 -14.42 24.76
N ARG A 40 -14.66 -15.73 25.04
CA ARG A 40 -13.56 -16.58 25.50
C ARG A 40 -13.20 -17.58 24.39
N PRO A 41 -11.92 -17.93 24.22
CA PRO A 41 -11.59 -18.92 23.20
C PRO A 41 -12.20 -20.26 23.56
N GLY A 42 -12.61 -21.01 22.55
CA GLY A 42 -13.36 -22.21 22.79
C GLY A 42 -14.80 -21.97 23.21
N GLN A 43 -15.19 -20.70 23.38
CA GLN A 43 -16.54 -20.28 23.66
C GLN A 43 -17.07 -19.48 22.47
N GLY A 44 -18.37 -19.22 22.50
CA GLY A 44 -19.03 -18.50 21.42
C GLY A 44 -18.95 -17.03 21.70
N LEU A 45 -20.07 -16.32 21.53
CA LEU A 45 -20.19 -14.95 22.02
C LEU A 45 -21.36 -14.88 22.98
N GLU A 46 -21.18 -14.14 24.06
CA GLU A 46 -22.18 -14.00 25.11
C GLU A 46 -22.63 -12.55 25.18
N TRP A 47 -23.95 -12.34 25.17
CA TRP A 47 -24.52 -11.01 25.23
C TRP A 47 -24.69 -10.60 26.69
N ILE A 48 -24.04 -9.50 27.07
CA ILE A 48 -24.10 -9.04 28.45
C ILE A 48 -25.28 -8.10 28.68
N GLY A 49 -25.40 -7.09 27.85
CA GLY A 49 -26.46 -6.10 28.00
C GLY A 49 -26.20 -4.93 27.10
N TYR A 50 -27.08 -3.93 27.23
CA TYR A 50 -26.95 -2.71 26.45
C TYR A 50 -27.32 -1.51 27.31
N ILE A 51 -26.89 -0.34 26.86
CA ILE A 51 -27.23 0.93 27.48
C ILE A 51 -27.72 1.86 26.38
N ASN A 52 -28.77 2.62 26.68
CA ASN A 52 -29.21 3.69 25.81
C ASN A 52 -28.52 4.97 26.26
N PRO A 53 -27.47 5.42 25.56
CA PRO A 53 -26.74 6.61 26.01
C PRO A 53 -27.59 7.86 26.06
N SER A 54 -28.68 7.91 25.28
CA SER A 54 -29.56 9.07 25.30
C SER A 54 -30.27 9.21 26.64
N THR A 55 -30.75 8.08 27.20
CA THR A 55 -31.53 8.10 28.42
C THR A 55 -30.82 7.49 29.63
N GLY A 56 -29.75 6.72 29.42
CA GLY A 56 -29.11 6.00 30.49
C GLY A 56 -29.77 4.68 30.88
N TYR A 57 -30.82 4.26 30.18
CA TYR A 57 -31.48 3.00 30.48
C TYR A 57 -30.62 1.81 30.09
N THR A 58 -30.59 0.80 30.97
CA THR A 58 -29.76 -0.38 30.76
C THR A 58 -30.61 -1.64 30.91
N GLU A 59 -30.27 -2.65 30.11
CA GLU A 59 -30.82 -3.98 30.24
C GLU A 59 -29.67 -4.96 30.30
N TYR A 60 -29.81 -5.99 31.14
CA TYR A 60 -28.73 -6.93 31.39
C TYR A 60 -29.19 -8.36 31.14
N ASN A 61 -28.25 -9.17 30.67
CA ASN A 61 -28.42 -10.61 30.75
C ASN A 61 -28.44 -11.01 32.21
N GLN A 62 -29.51 -11.69 32.64
CA GLN A 62 -29.61 -12.17 34.02
C GLN A 62 -28.34 -12.85 34.49
N LYS A 63 -27.64 -13.52 33.58
CA LYS A 63 -26.38 -14.17 33.92
C LYS A 63 -25.29 -13.17 34.31
N PHE A 64 -25.41 -11.90 33.90
CA PHE A 64 -24.40 -10.88 34.22
C PHE A 64 -24.94 -9.74 35.08
N LYS A 65 -26.14 -9.86 35.66
CA LYS A 65 -26.73 -8.73 36.39
C LYS A 65 -25.85 -8.29 37.57
N ASP A 66 -25.31 -9.25 38.33
CA ASP A 66 -24.48 -8.93 39.48
C ASP A 66 -23.00 -8.85 39.15
N LYS A 67 -22.62 -9.05 37.88
CA LYS A 67 -21.23 -9.01 37.46
C LYS A 67 -20.86 -7.70 36.76
N ALA A 68 -21.72 -7.19 35.89
CA ALA A 68 -21.41 -6.05 35.04
C ALA A 68 -22.24 -4.84 35.44
N THR A 69 -21.68 -3.67 35.22
CA THR A 69 -22.36 -2.40 35.43
C THR A 69 -22.05 -1.50 34.25
N LEU A 70 -23.10 -1.05 33.55
CA LEU A 70 -22.95 -0.31 32.30
C LEU A 70 -23.26 1.16 32.52
N THR A 71 -22.33 2.03 32.13
CA THR A 71 -22.51 3.46 32.22
C THR A 71 -22.24 4.09 30.86
N ALA A 72 -22.70 5.32 30.71
CA ALA A 72 -22.44 6.11 29.51
C ALA A 72 -22.29 7.57 29.89
N ASP A 73 -21.40 8.26 29.18
CA ASP A 73 -21.22 9.70 29.34
C ASP A 73 -21.41 10.34 27.98
N LYS A 74 -22.45 11.18 27.86
CA LYS A 74 -22.75 11.78 26.56
C LYS A 74 -21.68 12.78 26.17
N SER A 75 -21.24 13.60 27.12
CA SER A 75 -20.30 14.69 26.85
C SER A 75 -18.98 14.21 26.28
N SER A 76 -18.56 12.99 26.61
CA SER A 76 -17.33 12.40 26.10
C SER A 76 -17.57 11.35 25.04
N SER A 77 -18.84 11.07 24.70
CA SER A 77 -19.20 10.04 23.74
C SER A 77 -18.58 8.70 24.11
N THR A 78 -18.62 8.38 25.41
CA THR A 78 -17.95 7.20 25.93
C THR A 78 -18.93 6.35 26.73
N ALA A 79 -18.94 5.05 26.44
CA ALA A 79 -19.65 4.06 27.25
C ALA A 79 -18.65 3.28 28.08
N TYR A 80 -19.05 2.91 29.29
CA TYR A 80 -18.16 2.20 30.20
C TYR A 80 -18.78 0.90 30.66
N MET A 81 -17.92 -0.06 30.99
CA MET A 81 -18.32 -1.32 31.59
C MET A 81 -17.44 -1.62 32.79
N GLN A 82 -18.06 -1.85 33.94
CA GLN A 82 -17.35 -2.27 35.14
C GLN A 82 -17.71 -3.71 35.48
N LEU A 83 -16.69 -4.50 35.82
CA LEU A 83 -16.87 -5.89 36.21
C LEU A 83 -16.28 -6.07 37.60
N SER A 84 -17.11 -6.52 38.53
CA SER A 84 -16.75 -6.63 39.94
C SER A 84 -16.63 -8.09 40.35
N SER A 85 -16.00 -8.30 41.51
CA SER A 85 -15.80 -9.64 42.09
C SER A 85 -15.26 -10.62 41.06
N LEU A 86 -14.09 -10.28 40.53
CA LEU A 86 -13.57 -10.98 39.36
C LEU A 86 -13.11 -12.38 39.71
N THR A 87 -13.43 -13.32 38.84
CA THR A 87 -12.98 -14.70 38.93
C THR A 87 -12.33 -15.05 37.60
N SER A 88 -11.56 -16.15 37.59
CA SER A 88 -10.88 -16.58 36.37
C SER A 88 -11.84 -16.75 35.20
N GLU A 89 -13.12 -17.01 35.48
CA GLU A 89 -14.12 -17.14 34.43
C GLU A 89 -14.41 -15.80 33.75
N ASP A 90 -13.95 -14.69 34.32
CA ASP A 90 -14.14 -13.39 33.71
C ASP A 90 -13.00 -13.02 32.75
N SER A 91 -11.95 -13.84 32.65
CA SER A 91 -10.90 -13.56 31.68
C SER A 91 -11.44 -13.76 30.28
N ALA A 92 -11.46 -12.70 29.48
CA ALA A 92 -12.04 -12.79 28.15
C ALA A 92 -11.68 -11.53 27.37
N VAL A 93 -12.10 -11.52 26.11
CA VAL A 93 -12.14 -10.30 25.30
C VAL A 93 -13.56 -9.78 25.35
N TYR A 94 -13.70 -8.47 25.58
CA TYR A 94 -14.99 -7.80 25.69
C TYR A 94 -15.12 -6.76 24.59
N TYR A 95 -16.19 -6.85 23.80
CA TYR A 95 -16.44 -5.91 22.74
C TYR A 95 -17.59 -4.98 23.11
N CYS A 96 -17.51 -3.73 22.70
CA CYS A 96 -18.65 -2.84 22.66
C CYS A 96 -19.10 -2.70 21.22
N ALA A 97 -20.41 -2.63 21.00
CA ALA A 97 -20.91 -2.55 19.64
C ALA A 97 -22.28 -1.88 19.61
N PRO A 98 -22.48 -0.90 18.73
CA PRO A 98 -23.83 -0.30 18.56
C PRO A 98 -24.71 -1.17 17.68
N LEU A 99 -25.20 -2.27 18.27
CA LEU A 99 -25.91 -3.27 17.48
C LEU A 99 -27.31 -2.82 17.11
N TRP A 100 -27.92 -1.93 17.90
CA TRP A 100 -29.26 -1.48 17.64
C TRP A 100 -29.40 0.02 17.88
N PRO A 101 -30.06 0.76 16.97
CA PRO A 101 -30.63 0.22 15.72
C PRO A 101 -29.58 -0.13 14.68
N LEU A 102 -30.02 -0.71 13.57
CA LEU A 102 -29.12 -1.03 12.47
C LEU A 102 -28.58 0.26 11.85
N GLY A 103 -27.44 0.14 11.19
CA GLY A 103 -26.84 1.27 10.53
C GLY A 103 -25.33 1.31 10.65
N THR A 104 -24.82 0.87 11.79
CA THR A 104 -23.38 0.83 12.03
C THR A 104 -22.97 -0.63 12.21
N ASP A 105 -22.13 -1.13 11.32
CA ASP A 105 -21.77 -2.54 11.33
C ASP A 105 -20.51 -2.83 12.12
N TYR A 106 -19.80 -1.82 12.59
CA TYR A 106 -18.50 -2.00 13.21
C TYR A 106 -18.63 -2.26 14.70
N TRP A 107 -17.67 -2.99 15.24
CA TRP A 107 -17.52 -3.21 16.67
C TRP A 107 -16.19 -2.59 17.12
N GLY A 108 -16.05 -2.42 18.43
CA GLY A 108 -14.77 -1.99 18.96
C GLY A 108 -13.70 -3.05 18.82
N GLN A 109 -12.44 -2.61 18.94
CA GLN A 109 -11.32 -3.53 18.77
C GLN A 109 -11.24 -4.57 19.89
N GLY A 110 -11.98 -4.37 20.97
CA GLY A 110 -12.00 -5.34 22.04
C GLY A 110 -11.01 -5.00 23.13
N THR A 111 -11.37 -5.35 24.36
CA THR A 111 -10.50 -5.21 25.52
C THR A 111 -10.28 -6.59 26.12
N THR A 112 -9.02 -7.00 26.21
CA THR A 112 -8.69 -8.29 26.79
C THR A 112 -8.49 -8.13 28.30
N LEU A 113 -9.19 -8.95 29.07
CA LEU A 113 -9.05 -8.97 30.51
C LEU A 113 -8.53 -10.33 30.94
N THR A 114 -7.44 -10.34 31.69
CA THR A 114 -6.91 -11.55 32.30
C THR A 114 -6.91 -11.35 33.81
N VAL A 115 -7.63 -12.20 34.53
CA VAL A 115 -7.67 -12.16 35.98
C VAL A 115 -6.96 -13.39 36.51
N SER A 116 -5.94 -13.18 37.32
CA SER A 116 -5.09 -14.29 37.77
C SER A 116 -4.30 -13.84 38.98
N SER A 117 -4.12 -14.76 39.92
CA SER A 117 -3.33 -14.52 41.12
C SER A 117 -1.86 -14.82 40.89
N ALA A 118 -1.48 -15.18 39.67
CA ALA A 118 -0.09 -15.45 39.33
C ALA A 118 0.73 -14.17 39.38
N SER A 119 2.02 -14.33 39.64
CA SER A 119 2.95 -13.22 39.68
C SER A 119 3.74 -13.13 38.37
N THR A 120 4.14 -11.91 38.03
CA THR A 120 4.93 -11.70 36.82
C THR A 120 6.21 -12.53 36.89
N LYS A 121 6.51 -13.23 35.80
CA LYS A 121 7.66 -14.13 35.79
C LYS A 121 8.16 -14.31 34.36
N GLY A 122 9.48 -14.29 34.22
CA GLY A 122 10.10 -14.49 32.93
C GLY A 122 10.21 -15.96 32.60
N PRO A 123 10.24 -16.29 31.31
CA PRO A 123 10.24 -17.69 30.91
C PRO A 123 11.62 -18.32 30.99
N SER A 124 11.62 -19.63 31.14
CA SER A 124 12.81 -20.45 30.91
C SER A 124 12.76 -20.94 29.46
N VAL A 125 13.88 -20.83 28.77
CA VAL A 125 13.95 -21.19 27.36
C VAL A 125 14.80 -22.45 27.25
N PHE A 126 14.19 -23.52 26.74
CA PHE A 126 14.90 -24.78 26.62
C PHE A 126 15.02 -25.16 25.15
N PRO A 127 16.15 -25.75 24.75
CA PRO A 127 16.31 -26.11 23.34
C PRO A 127 15.53 -27.38 22.98
N LEU A 128 14.92 -27.35 21.81
CA LEU A 128 14.36 -28.55 21.19
C LEU A 128 15.39 -28.99 20.16
N ALA A 129 16.25 -29.91 20.59
CA ALA A 129 17.49 -30.19 19.88
C ALA A 129 17.25 -31.07 18.66
N PRO A 130 17.83 -30.74 17.51
CA PRO A 130 17.76 -31.64 16.35
C PRO A 130 18.66 -32.85 16.56
N SER A 131 18.52 -33.82 15.66
CA SER A 131 19.16 -35.13 15.71
C SER A 131 18.41 -36.12 14.83
N SER A 132 18.77 -37.40 14.91
CA SER A 132 18.11 -38.41 14.10
C SER A 132 16.63 -38.53 14.45
N LYS A 133 16.27 -38.29 15.71
CA LYS A 133 14.88 -38.26 16.14
C LYS A 133 14.13 -37.02 15.65
N SER A 134 14.83 -36.11 14.98
CA SER A 134 14.25 -34.88 14.46
C SER A 134 14.63 -34.67 12.99
N THR A 135 14.81 -35.77 12.25
CA THR A 135 15.26 -35.71 10.86
C THR A 135 14.46 -36.71 10.03
N SER A 136 13.92 -36.23 8.91
CA SER A 136 13.20 -37.10 7.99
C SER A 136 14.17 -37.73 6.99
N GLY A 137 14.60 -36.94 6.01
CA GLY A 137 15.60 -37.38 5.06
C GLY A 137 16.65 -36.31 4.87
N GLY A 138 16.24 -35.19 4.25
CA GLY A 138 17.07 -34.01 4.14
C GLY A 138 16.59 -32.81 4.93
N THR A 139 15.54 -32.96 5.74
CA THR A 139 14.98 -31.88 6.54
C THR A 139 15.08 -32.25 8.01
N ALA A 140 15.54 -31.31 8.83
CA ALA A 140 15.63 -31.48 10.27
C ALA A 140 14.84 -30.38 10.96
N ALA A 141 14.25 -30.72 12.10
CA ALA A 141 13.44 -29.79 12.88
C ALA A 141 14.12 -29.47 14.20
N LEU A 142 14.07 -28.20 14.60
CA LEU A 142 14.59 -27.76 15.89
C LEU A 142 13.70 -26.64 16.40
N GLY A 143 13.87 -26.31 17.67
CA GLY A 143 13.00 -25.29 18.23
C GLY A 143 13.39 -24.91 19.65
N CYS A 144 12.55 -24.06 20.24
CA CYS A 144 12.73 -23.57 21.60
C CYS A 144 11.41 -23.70 22.34
N LEU A 145 11.47 -24.29 23.53
CA LEU A 145 10.32 -24.39 24.41
C LEU A 145 10.38 -23.21 25.37
N VAL A 146 9.34 -22.39 25.37
CA VAL A 146 9.27 -21.17 26.17
C VAL A 146 8.25 -21.43 27.26
N LYS A 147 8.73 -21.74 28.47
CA LYS A 147 7.92 -22.33 29.52
C LYS A 147 7.91 -21.47 30.77
N ASP A 148 6.75 -21.44 31.43
CA ASP A 148 6.57 -20.92 32.78
C ASP A 148 6.85 -19.41 32.83
N TYR A 149 6.00 -18.66 32.13
CA TYR A 149 6.04 -17.21 32.16
C TYR A 149 4.62 -16.66 32.38
N PHE A 150 4.55 -15.39 32.78
CA PHE A 150 3.29 -14.72 33.01
C PHE A 150 3.57 -13.23 33.07
N PRO A 151 2.74 -12.38 32.45
CA PRO A 151 1.56 -12.74 31.64
C PRO A 151 1.85 -12.83 30.14
N GLU A 152 0.81 -12.99 29.33
CA GLU A 152 0.97 -12.87 27.88
C GLU A 152 1.39 -11.45 27.52
N PRO A 153 2.13 -11.26 26.42
CA PRO A 153 2.61 -12.28 25.48
C PRO A 153 4.12 -12.47 25.53
N VAL A 154 4.59 -13.44 24.75
CA VAL A 154 6.01 -13.64 24.49
C VAL A 154 6.23 -13.44 23.00
N THR A 155 7.42 -12.97 22.63
CA THR A 155 7.80 -12.82 21.24
C THR A 155 9.04 -13.65 20.96
N VAL A 156 8.99 -14.46 19.91
CA VAL A 156 10.10 -15.35 19.56
C VAL A 156 10.54 -15.05 18.14
N SER A 157 11.83 -14.88 17.95
CA SER A 157 12.41 -14.76 16.63
C SER A 157 13.59 -15.72 16.53
N TRP A 158 14.10 -15.91 15.32
CA TRP A 158 15.20 -16.82 15.06
C TRP A 158 16.32 -16.08 14.34
N ASN A 159 17.54 -16.21 14.87
CA ASN A 159 18.72 -15.55 14.32
C ASN A 159 18.48 -14.04 14.14
N SER A 160 17.91 -13.44 15.18
CA SER A 160 17.62 -12.00 15.21
C SER A 160 16.69 -11.56 14.08
N GLY A 161 15.80 -12.46 13.65
CA GLY A 161 14.87 -12.17 12.59
C GLY A 161 15.33 -12.58 11.21
N ALA A 162 16.59 -12.98 11.05
CA ALA A 162 17.12 -13.38 9.75
C ALA A 162 16.48 -14.67 9.24
N LEU A 163 15.92 -15.49 10.14
CA LEU A 163 15.32 -16.77 9.77
C LEU A 163 13.83 -16.69 10.06
N THR A 164 13.01 -16.69 9.00
CA THR A 164 11.56 -16.65 9.13
C THR A 164 10.93 -17.81 8.38
N SER A 165 11.62 -18.34 7.37
CA SER A 165 11.05 -19.40 6.57
C SER A 165 10.97 -20.69 7.36
N GLY A 166 9.78 -21.32 7.34
CA GLY A 166 9.57 -22.55 8.06
C GLY A 166 9.40 -22.41 9.56
N VAL A 167 9.22 -21.18 10.06
CA VAL A 167 9.07 -20.96 11.49
C VAL A 167 7.61 -21.16 11.86
N HIS A 168 7.37 -21.98 12.89
CA HIS A 168 6.05 -22.12 13.50
C HIS A 168 6.16 -21.80 14.97
N THR A 169 5.44 -20.77 15.41
CA THR A 169 5.40 -20.39 16.82
C THR A 169 3.98 -20.64 17.31
N PHE A 170 3.83 -21.62 18.17
CA PHE A 170 2.51 -22.08 18.53
C PHE A 170 1.83 -21.09 19.46
N PRO A 171 0.50 -21.07 19.48
CA PRO A 171 -0.21 -20.27 20.47
C PRO A 171 0.11 -20.72 21.87
N ALA A 172 0.15 -19.75 22.79
CA ALA A 172 0.41 -20.07 24.18
C ALA A 172 -0.75 -20.86 24.76
N VAL A 173 -0.42 -21.76 25.67
CA VAL A 173 -1.40 -22.53 26.43
C VAL A 173 -1.25 -22.12 27.89
N LEU A 174 -2.36 -21.87 28.55
CA LEU A 174 -2.35 -21.55 29.98
C LEU A 174 -2.36 -22.87 30.74
N GLN A 175 -1.27 -23.15 31.46
CA GLN A 175 -1.18 -24.39 32.20
C GLN A 175 -1.95 -24.28 33.52
N SER A 176 -2.20 -25.42 34.14
CA SER A 176 -2.90 -25.43 35.42
C SER A 176 -2.14 -24.65 36.49
N SER A 177 -0.82 -24.59 36.37
CA SER A 177 -0.01 -23.76 37.27
C SER A 177 -0.41 -22.29 37.25
N GLY A 178 -1.09 -21.84 36.20
CA GLY A 178 -1.35 -20.43 36.03
C GLY A 178 -0.32 -19.70 35.19
N LEU A 179 0.70 -20.41 34.71
CA LEU A 179 1.73 -19.84 33.84
C LEU A 179 1.53 -20.31 32.41
N TYR A 180 2.00 -19.50 31.47
CA TYR A 180 1.84 -19.79 30.06
C TYR A 180 3.03 -20.60 29.55
N SER A 181 2.82 -21.30 28.43
CA SER A 181 3.88 -22.07 27.82
C SER A 181 3.60 -22.22 26.33
N LEU A 182 4.65 -22.14 25.52
CA LEU A 182 4.55 -22.43 24.10
C LEU A 182 5.90 -22.91 23.57
N SER A 183 5.87 -23.43 22.36
CA SER A 183 7.08 -23.82 21.64
C SER A 183 7.12 -23.11 20.30
N SER A 184 8.32 -22.79 19.85
CA SER A 184 8.54 -22.23 18.52
C SER A 184 9.52 -23.14 17.80
N VAL A 185 9.17 -23.58 16.60
CA VAL A 185 9.97 -24.58 15.88
C VAL A 185 10.31 -24.08 14.50
N VAL A 186 11.38 -24.65 13.94
CA VAL A 186 11.84 -24.33 12.60
C VAL A 186 12.40 -25.59 11.95
N THR A 187 12.10 -25.75 10.67
CA THR A 187 12.65 -26.83 9.85
C THR A 187 13.74 -26.28 8.94
N VAL A 188 14.88 -26.98 8.91
CA VAL A 188 16.04 -26.54 8.14
C VAL A 188 16.58 -27.74 7.38
N PRO A 189 17.40 -27.51 6.36
CA PRO A 189 18.09 -28.63 5.72
C PRO A 189 19.04 -29.31 6.70
N SER A 190 18.96 -30.64 6.75
CA SER A 190 19.74 -31.39 7.73
C SER A 190 21.24 -31.29 7.48
N SER A 191 21.68 -31.00 6.26
CA SER A 191 23.10 -30.88 5.97
C SER A 191 23.72 -29.68 6.69
N SER A 192 22.94 -28.63 6.92
CA SER A 192 23.45 -27.41 7.54
C SER A 192 23.49 -27.48 9.07
N LEU A 193 23.19 -28.64 9.66
CA LEU A 193 23.07 -28.71 11.12
C LEU A 193 24.40 -28.45 11.80
N GLY A 194 25.46 -29.16 11.41
CA GLY A 194 26.74 -28.97 12.04
C GLY A 194 27.54 -27.78 11.58
N THR A 195 27.06 -27.08 10.55
CA THR A 195 27.78 -25.95 9.98
C THR A 195 27.19 -24.58 10.31
N GLN A 196 25.87 -24.45 10.34
CA GLN A 196 25.22 -23.16 10.58
C GLN A 196 24.57 -23.19 11.96
N THR A 197 24.68 -22.09 12.70
CA THR A 197 24.19 -22.02 14.07
C THR A 197 22.80 -21.37 14.15
N TYR A 198 21.93 -21.97 14.96
CA TYR A 198 20.54 -21.55 15.09
C TYR A 198 20.30 -21.10 16.52
N ILE A 199 19.94 -19.82 16.69
CA ILE A 199 19.63 -19.24 17.99
C ILE A 199 18.23 -18.66 17.93
N CYS A 200 17.43 -18.95 18.96
CA CYS A 200 16.10 -18.38 19.11
C CYS A 200 16.16 -17.20 20.07
N ASN A 201 15.47 -16.12 19.70
CA ASN A 201 15.43 -14.89 20.51
C ASN A 201 14.05 -14.84 21.15
N VAL A 202 13.99 -15.25 22.42
CA VAL A 202 12.74 -15.35 23.17
C VAL A 202 12.56 -14.11 24.03
N ASN A 203 11.39 -13.48 23.94
CA ASN A 203 11.17 -12.23 24.67
C ASN A 203 9.81 -12.18 25.33
N HIS A 204 9.81 -11.86 26.61
CA HIS A 204 8.62 -11.64 27.42
C HIS A 204 8.94 -10.46 28.30
N LYS A 205 8.37 -9.32 28.00
CA LYS A 205 8.88 -8.17 28.74
C LYS A 205 7.97 -7.56 29.80
N PRO A 206 6.84 -8.16 30.19
CA PRO A 206 6.29 -7.76 31.50
C PRO A 206 7.26 -8.07 32.63
N SER A 207 8.13 -9.05 32.42
CA SER A 207 9.23 -9.39 33.34
C SER A 207 10.55 -8.80 32.87
N ASN A 208 10.55 -8.18 31.70
CA ASN A 208 11.75 -7.65 31.05
C ASN A 208 12.88 -8.67 30.98
N THR A 209 12.52 -9.87 30.55
CA THR A 209 13.47 -10.94 30.27
C THR A 209 13.67 -11.09 28.77
N LYS A 210 14.93 -11.07 28.34
CA LYS A 210 15.30 -11.32 26.95
C LYS A 210 16.42 -12.34 26.93
N VAL A 211 16.16 -13.48 26.28
CA VAL A 211 17.07 -14.62 26.28
C VAL A 211 17.25 -15.10 24.85
N ASP A 212 18.50 -15.34 24.47
CA ASP A 212 18.83 -15.97 23.20
C ASP A 212 19.53 -17.29 23.50
N LYS A 213 18.92 -18.40 23.11
CA LYS A 213 19.41 -19.72 23.41
C LYS A 213 19.83 -20.41 22.12
N LYS A 214 21.10 -20.80 22.05
CA LYS A 214 21.61 -21.54 20.91
C LYS A 214 21.12 -22.99 20.95
N VAL A 215 20.44 -23.41 19.89
CA VAL A 215 19.89 -24.75 19.79
C VAL A 215 20.91 -25.59 19.05
N GLU A 216 21.40 -26.67 19.67
CA GLU A 216 22.50 -27.26 18.94
C GLU A 216 22.24 -28.72 18.59
N PRO A 217 22.80 -29.19 17.46
CA PRO A 217 22.69 -30.61 17.07
C PRO A 217 23.23 -31.56 18.12
N LYS A 218 22.34 -32.12 18.93
CA LYS A 218 22.71 -33.06 19.97
C LYS A 218 22.70 -34.50 19.42
N SER A 219 23.61 -35.33 19.93
CA SER A 219 23.90 -36.65 19.36
C SER A 219 23.12 -37.76 20.08
N CYS A 220 22.29 -38.48 19.34
CA CYS A 220 21.64 -39.69 19.86
C CYS A 220 22.13 -40.93 19.10
N ASP B 1 -34.04 -18.93 27.62
CA ASP B 1 -33.31 -18.35 26.50
C ASP B 1 -33.38 -19.24 25.27
N ILE B 2 -33.38 -18.63 24.09
CA ILE B 2 -33.35 -19.38 22.85
C ILE B 2 -31.91 -19.79 22.57
N VAL B 3 -31.70 -21.09 22.37
CA VAL B 3 -30.37 -21.64 22.10
C VAL B 3 -30.21 -21.80 20.61
N LEU B 4 -29.11 -21.27 20.08
CA LEU B 4 -28.78 -21.33 18.66
C LEU B 4 -27.68 -22.35 18.45
N THR B 5 -27.93 -23.34 17.59
CA THR B 5 -26.94 -24.36 17.27
C THR B 5 -26.53 -24.21 15.82
N GLN B 6 -25.25 -23.98 15.59
CA GLN B 6 -24.73 -23.79 14.25
C GLN B 6 -24.03 -25.08 13.81
N SER B 7 -24.36 -25.53 12.60
CA SER B 7 -23.81 -26.76 12.07
C SER B 7 -23.32 -26.51 10.65
N PRO B 8 -22.13 -27.00 10.30
CA PRO B 8 -21.22 -27.66 11.25
C PRO B 8 -20.43 -26.65 12.09
N ALA B 9 -19.85 -27.08 13.20
CA ALA B 9 -19.00 -26.19 13.98
C ALA B 9 -17.76 -25.78 13.20
N ILE B 10 -17.14 -26.73 12.51
CA ILE B 10 -15.96 -26.48 11.70
C ILE B 10 -16.20 -27.12 10.35
N MET B 11 -15.97 -26.37 9.28
CA MET B 11 -16.09 -26.92 7.95
C MET B 11 -15.03 -26.30 7.04
N SER B 12 -14.72 -27.04 5.99
CA SER B 12 -13.72 -26.64 5.04
C SER B 12 -14.32 -26.69 3.64
N ALA B 13 -13.96 -25.73 2.81
CA ALA B 13 -14.54 -25.60 1.49
C ALA B 13 -13.45 -25.35 0.47
N SER B 14 -13.57 -26.00 -0.69
CA SER B 14 -12.64 -25.83 -1.79
C SER B 14 -12.92 -24.53 -2.52
N PRO B 15 -11.95 -24.00 -3.25
CA PRO B 15 -12.20 -22.79 -4.04
C PRO B 15 -13.30 -23.02 -5.08
N GLY B 16 -14.19 -22.06 -5.21
CA GLY B 16 -15.30 -22.17 -6.13
C GLY B 16 -16.41 -23.09 -5.68
N GLU B 17 -16.26 -23.76 -4.54
CA GLU B 17 -17.28 -24.67 -4.05
C GLU B 17 -18.45 -23.89 -3.44
N LYS B 18 -19.64 -24.46 -3.55
CA LYS B 18 -20.82 -23.91 -2.88
C LYS B 18 -20.86 -24.38 -1.44
N VAL B 19 -21.08 -23.47 -0.50
CA VAL B 19 -21.03 -23.77 0.93
C VAL B 19 -22.30 -23.27 1.60
N THR B 20 -22.86 -24.09 2.49
CA THR B 20 -24.05 -23.73 3.23
C THR B 20 -23.88 -24.14 4.68
N MET B 21 -24.09 -23.20 5.58
CA MET B 21 -24.05 -23.45 7.02
C MET B 21 -25.41 -23.10 7.62
N THR B 22 -25.83 -23.88 8.59
CA THR B 22 -27.17 -23.77 9.16
C THR B 22 -27.10 -23.22 10.57
N CYS B 23 -28.13 -22.47 10.94
CA CYS B 23 -28.31 -21.96 12.29
C CYS B 23 -29.71 -22.35 12.76
N SER B 24 -29.79 -23.26 13.73
CA SER B 24 -31.06 -23.76 14.23
C SER B 24 -31.38 -23.15 15.59
N ALA B 25 -32.67 -22.85 15.80
CA ALA B 25 -33.14 -22.20 17.01
C ALA B 25 -34.03 -23.15 17.81
N SER B 26 -33.84 -23.15 19.13
CA SER B 26 -34.64 -24.01 20.00
C SER B 26 -36.12 -23.61 20.02
N SER B 27 -36.43 -22.36 19.66
CA SER B 27 -37.81 -21.93 19.49
C SER B 27 -37.88 -21.03 18.27
N SER B 28 -39.09 -20.85 17.76
CA SER B 28 -39.29 -20.09 16.53
C SER B 28 -38.76 -18.66 16.68
N VAL B 29 -38.10 -18.17 15.64
CA VAL B 29 -37.65 -16.79 15.56
C VAL B 29 -38.08 -16.25 14.21
N SER B 30 -38.33 -14.95 14.14
CA SER B 30 -38.83 -14.33 12.92
C SER B 30 -37.71 -13.87 11.97
N TYR B 31 -36.53 -13.57 12.51
CA TYR B 31 -35.42 -13.06 11.70
C TYR B 31 -34.11 -13.56 12.28
N MET B 32 -33.08 -13.61 11.44
CA MET B 32 -31.76 -14.06 11.86
C MET B 32 -30.71 -13.08 11.36
N HIS B 33 -29.73 -12.79 12.21
CA HIS B 33 -28.60 -11.96 11.81
C HIS B 33 -27.33 -12.81 11.78
N TRP B 34 -26.34 -12.33 11.03
CA TRP B 34 -25.09 -13.05 10.87
C TRP B 34 -23.91 -12.08 10.96
N TYR B 35 -22.88 -12.49 11.68
CA TYR B 35 -21.66 -11.72 11.85
C TYR B 35 -20.48 -12.54 11.37
N GLN B 36 -19.50 -11.88 10.76
CA GLN B 36 -18.26 -12.51 10.34
C GLN B 36 -17.13 -12.04 11.24
N GLN B 37 -16.34 -12.98 11.75
CA GLN B 37 -15.16 -12.66 12.54
C GLN B 37 -13.95 -13.33 11.90
N LYS B 38 -13.01 -12.54 11.40
CA LYS B 38 -11.72 -13.07 11.00
C LYS B 38 -10.82 -13.20 12.23
N SER B 39 -9.87 -14.12 12.15
CA SER B 39 -9.00 -14.42 13.26
C SER B 39 -8.27 -13.17 13.75
N GLY B 40 -8.28 -12.95 15.06
CA GLY B 40 -7.61 -11.82 15.65
C GLY B 40 -8.20 -10.46 15.33
N THR B 41 -9.45 -10.40 14.92
CA THR B 41 -10.14 -9.14 14.67
C THR B 41 -11.54 -9.21 15.28
N SER B 42 -12.21 -8.07 15.28
CA SER B 42 -13.55 -7.99 15.86
C SER B 42 -14.61 -8.53 14.89
N PRO B 43 -15.71 -9.03 15.41
CA PRO B 43 -16.83 -9.41 14.54
C PRO B 43 -17.35 -8.19 13.80
N LYS B 44 -17.98 -8.45 12.66
CA LYS B 44 -18.60 -7.40 11.87
C LYS B 44 -19.96 -7.91 11.39
N ARG B 45 -20.96 -7.04 11.38
CA ARG B 45 -22.26 -7.41 10.85
C ARG B 45 -22.12 -7.80 9.39
N TRP B 46 -22.66 -8.96 9.03
CA TRP B 46 -22.54 -9.50 7.68
C TRP B 46 -23.89 -9.61 6.99
N ILE B 47 -24.87 -10.24 7.64
CA ILE B 47 -26.23 -10.34 7.12
C ILE B 47 -27.19 -9.94 8.22
N TYR B 48 -28.21 -9.17 7.85
CA TYR B 48 -29.25 -8.79 8.80
C TYR B 48 -30.62 -9.09 8.22
N ASP B 49 -31.58 -9.29 9.12
CA ASP B 49 -32.95 -9.65 8.76
C ASP B 49 -32.96 -10.83 7.79
N THR B 50 -32.26 -11.90 8.19
CA THR B 50 -32.27 -13.18 7.48
C THR B 50 -31.58 -13.15 6.12
N SER B 51 -31.91 -12.18 5.27
CA SER B 51 -31.46 -12.24 3.89
C SER B 51 -30.82 -10.95 3.37
N LYS B 52 -30.73 -9.90 4.17
CA LYS B 52 -30.22 -8.62 3.70
C LYS B 52 -28.72 -8.54 3.97
N LEU B 53 -27.95 -8.29 2.91
CA LEU B 53 -26.50 -8.20 3.04
C LEU B 53 -26.11 -6.87 3.63
N ALA B 54 -25.16 -6.89 4.57
CA ALA B 54 -24.58 -5.65 5.06
C ALA B 54 -23.79 -4.98 3.95
N SER B 55 -23.55 -3.68 4.12
CA SER B 55 -22.85 -2.92 3.10
C SER B 55 -21.44 -3.44 2.88
N GLY B 56 -21.05 -3.57 1.62
CA GLY B 56 -19.73 -4.07 1.26
C GLY B 56 -19.58 -5.57 1.32
N VAL B 57 -20.61 -6.32 1.68
CA VAL B 57 -20.54 -7.78 1.65
C VAL B 57 -20.73 -8.25 0.20
N PRO B 58 -19.83 -9.08 -0.34
CA PRO B 58 -19.94 -9.45 -1.75
C PRO B 58 -21.18 -10.26 -2.04
N ALA B 59 -21.62 -10.18 -3.31
CA ALA B 59 -22.91 -10.72 -3.73
C ALA B 59 -22.96 -12.25 -3.68
N ARG B 60 -21.82 -12.92 -3.58
CA ARG B 60 -21.84 -14.38 -3.45
C ARG B 60 -22.42 -14.84 -2.11
N PHE B 61 -22.60 -13.95 -1.14
CA PHE B 61 -23.20 -14.29 0.14
C PHE B 61 -24.72 -14.15 0.10
N SER B 62 -25.40 -15.08 0.75
CA SER B 62 -26.85 -14.95 0.92
C SER B 62 -27.25 -15.66 2.21
N GLY B 63 -28.40 -15.26 2.73
CA GLY B 63 -28.98 -15.93 3.88
C GLY B 63 -30.46 -16.16 3.67
N SER B 64 -30.97 -17.20 4.32
CA SER B 64 -32.38 -17.53 4.21
C SER B 64 -32.80 -18.31 5.45
N GLY B 65 -34.06 -18.71 5.46
CA GLY B 65 -34.62 -19.50 6.55
C GLY B 65 -35.86 -18.85 7.15
N SER B 66 -36.51 -19.63 8.00
CA SER B 66 -37.70 -19.20 8.72
C SER B 66 -37.95 -20.17 9.87
N GLY B 67 -38.74 -19.71 10.84
CA GLY B 67 -39.11 -20.54 11.96
C GLY B 67 -37.95 -20.91 12.85
N THR B 68 -37.55 -22.18 12.83
CA THR B 68 -36.45 -22.67 13.66
C THR B 68 -35.23 -23.06 12.83
N SER B 69 -35.20 -22.75 11.53
CA SER B 69 -34.14 -23.20 10.64
C SER B 69 -33.69 -22.08 9.72
N TYR B 70 -32.45 -21.62 9.87
CA TYR B 70 -31.88 -20.57 9.03
C TYR B 70 -30.53 -21.02 8.52
N SER B 71 -30.03 -20.33 7.50
CA SER B 71 -28.79 -20.75 6.87
C SER B 71 -28.09 -19.56 6.19
N LEU B 72 -26.78 -19.68 6.07
CA LEU B 72 -25.96 -18.75 5.31
C LEU B 72 -25.22 -19.52 4.22
N THR B 73 -25.23 -18.97 3.00
CA THR B 73 -24.75 -19.68 1.83
C THR B 73 -23.79 -18.80 1.04
N ILE B 74 -22.66 -19.36 0.63
CA ILE B 74 -21.75 -18.75 -0.32
C ILE B 74 -21.83 -19.54 -1.62
N SER B 75 -22.23 -18.87 -2.70
CA SER B 75 -22.40 -19.56 -3.97
C SER B 75 -21.10 -20.14 -4.48
N SER B 76 -20.00 -19.39 -4.34
CA SER B 76 -18.69 -19.82 -4.81
C SER B 76 -17.63 -19.42 -3.78
N MET B 77 -17.06 -20.40 -3.10
CA MET B 77 -16.12 -20.13 -2.02
C MET B 77 -14.87 -19.42 -2.56
N GLU B 78 -14.46 -18.37 -1.87
CA GLU B 78 -13.20 -17.70 -2.16
C GLU B 78 -12.35 -17.67 -0.90
N ALA B 79 -11.03 -17.51 -1.10
CA ALA B 79 -10.09 -17.66 0.01
C ALA B 79 -10.34 -16.63 1.11
N GLU B 80 -10.75 -15.43 0.74
CA GLU B 80 -11.00 -14.41 1.75
C GLU B 80 -12.25 -14.70 2.59
N ASP B 81 -13.05 -15.70 2.23
CA ASP B 81 -14.23 -16.02 3.00
C ASP B 81 -13.93 -16.92 4.19
N ALA B 82 -12.67 -17.33 4.35
CA ALA B 82 -12.28 -18.10 5.52
C ALA B 82 -12.39 -17.22 6.77
N ALA B 83 -13.23 -17.65 7.70
CA ALA B 83 -13.56 -16.88 8.88
C ALA B 83 -14.52 -17.68 9.76
N THR B 84 -14.93 -17.13 10.90
CA THR B 84 -15.96 -17.71 11.74
C THR B 84 -17.22 -16.88 11.63
N TYR B 85 -18.36 -17.55 11.40
CA TYR B 85 -19.65 -16.89 11.20
C TYR B 85 -20.58 -17.21 12.36
N TYR B 86 -21.06 -16.17 13.05
CA TYR B 86 -21.95 -16.30 14.18
C TYR B 86 -23.33 -15.81 13.79
N CYS B 87 -24.35 -16.61 14.07
CA CYS B 87 -25.72 -16.15 13.93
C CYS B 87 -26.22 -15.62 15.27
N GLN B 88 -27.23 -14.75 15.20
CA GLN B 88 -27.74 -14.08 16.39
C GLN B 88 -29.21 -13.73 16.20
N GLN B 89 -30.00 -13.93 17.25
CA GLN B 89 -31.43 -13.64 17.26
C GLN B 89 -31.76 -12.64 18.36
N TRP B 90 -32.87 -11.92 18.16
CA TRP B 90 -33.41 -11.10 19.23
C TRP B 90 -34.95 -11.07 19.20
N SER B 91 -35.58 -12.12 18.68
CA SER B 91 -37.01 -12.27 18.85
C SER B 91 -37.38 -12.51 20.31
N SER B 92 -36.46 -13.03 21.10
CA SER B 92 -36.66 -13.29 22.51
C SER B 92 -35.56 -12.65 23.34
N ASN B 93 -35.88 -12.32 24.59
CA ASN B 93 -34.85 -11.76 25.47
C ASN B 93 -34.30 -12.84 26.39
N PRO B 94 -32.97 -12.84 26.62
CA PRO B 94 -32.01 -11.90 26.04
C PRO B 94 -31.58 -12.33 24.63
N PRO B 95 -31.01 -11.42 23.83
CA PRO B 95 -30.47 -11.85 22.54
C PRO B 95 -29.38 -12.88 22.76
N THR B 96 -29.30 -13.84 21.84
CA THR B 96 -28.35 -14.93 21.95
C THR B 96 -27.61 -15.11 20.63
N PHE B 97 -26.42 -15.70 20.73
CA PHE B 97 -25.55 -15.97 19.60
C PHE B 97 -25.38 -17.47 19.45
N GLY B 98 -25.15 -17.92 18.21
CA GLY B 98 -24.67 -19.26 18.02
C GLY B 98 -23.21 -19.36 18.41
N ALA B 99 -22.71 -20.60 18.47
CA ALA B 99 -21.32 -20.80 18.82
C ALA B 99 -20.39 -20.65 17.62
N GLY B 100 -20.94 -20.45 16.45
CA GLY B 100 -20.17 -20.12 15.27
C GLY B 100 -19.87 -21.32 14.40
N THR B 101 -19.74 -21.07 13.11
CA THR B 101 -19.19 -22.01 12.16
C THR B 101 -17.87 -21.47 11.66
N LYS B 102 -16.80 -22.22 11.90
CA LYS B 102 -15.48 -21.84 11.44
C LYS B 102 -15.32 -22.42 10.03
N LEU B 103 -15.23 -21.54 9.03
CA LEU B 103 -15.06 -21.94 7.64
C LEU B 103 -13.60 -21.78 7.26
N GLU B 104 -12.98 -22.87 6.81
CA GLU B 104 -11.57 -22.90 6.46
C GLU B 104 -11.38 -23.38 5.03
N LEU B 105 -10.17 -23.18 4.51
CA LEU B 105 -9.88 -23.57 3.13
C LEU B 105 -9.56 -25.04 3.04
N LYS B 106 -10.28 -25.76 2.19
CA LYS B 106 -9.97 -27.16 1.96
C LYS B 106 -8.89 -27.27 0.89
N ARG B 107 -7.87 -28.09 1.18
CA ARG B 107 -6.79 -28.39 0.26
C ARG B 107 -6.59 -29.90 0.21
N THR B 108 -5.63 -30.36 -0.60
CA THR B 108 -5.38 -31.79 -0.66
C THR B 108 -4.81 -32.29 0.66
N VAL B 109 -4.89 -33.61 0.85
CA VAL B 109 -4.33 -34.22 2.04
C VAL B 109 -2.81 -34.12 2.01
N ALA B 110 -2.22 -33.75 3.14
CA ALA B 110 -0.77 -33.70 3.29
C ALA B 110 -0.41 -34.38 4.60
N ALA B 111 0.43 -35.41 4.52
CA ALA B 111 0.81 -36.13 5.71
C ALA B 111 1.73 -35.27 6.57
N PRO B 112 1.63 -35.38 7.89
CA PRO B 112 2.53 -34.60 8.75
C PRO B 112 3.93 -35.17 8.76
N SER B 113 4.90 -34.28 8.88
CA SER B 113 6.26 -34.66 9.25
C SER B 113 6.31 -34.67 10.78
N VAL B 114 6.74 -35.80 11.35
CA VAL B 114 6.70 -36.02 12.78
C VAL B 114 8.13 -35.95 13.31
N PHE B 115 8.30 -35.25 14.43
CA PHE B 115 9.58 -35.11 15.11
C PHE B 115 9.33 -35.22 16.60
N ILE B 116 10.24 -35.85 17.33
CA ILE B 116 10.14 -35.97 18.77
C ILE B 116 11.37 -35.32 19.39
N PHE B 117 11.17 -34.61 20.49
CA PHE B 117 12.25 -33.90 21.15
C PHE B 117 12.35 -34.39 22.58
N PRO B 118 13.44 -35.01 22.97
CA PRO B 118 13.63 -35.38 24.38
C PRO B 118 13.86 -34.14 25.21
N PRO B 119 13.66 -34.20 26.53
CA PRO B 119 13.87 -33.01 27.36
C PRO B 119 15.32 -32.57 27.41
N SER B 120 15.52 -31.26 27.49
CA SER B 120 16.85 -30.70 27.59
C SER B 120 17.46 -30.96 28.97
N ASP B 121 18.79 -30.96 29.01
CA ASP B 121 19.51 -31.09 30.28
C ASP B 121 19.17 -29.94 31.24
N GLU B 122 18.96 -28.74 30.70
CA GLU B 122 18.65 -27.61 31.57
C GLU B 122 17.36 -27.84 32.35
N GLN B 123 16.31 -28.32 31.67
CA GLN B 123 15.04 -28.51 32.36
C GLN B 123 15.08 -29.68 33.32
N LEU B 124 15.82 -30.74 32.98
CA LEU B 124 15.98 -31.83 33.92
C LEU B 124 16.67 -31.37 35.19
N LYS B 125 17.59 -30.40 35.07
CA LYS B 125 18.23 -29.83 36.25
C LYS B 125 17.21 -29.10 37.13
N SER B 126 16.20 -28.48 36.51
CA SER B 126 15.17 -27.75 37.25
C SER B 126 14.10 -28.67 37.85
N GLY B 127 14.14 -29.97 37.56
CA GLY B 127 13.26 -30.92 38.20
C GLY B 127 12.00 -31.31 37.46
N THR B 128 11.82 -30.87 36.20
CA THR B 128 10.70 -31.30 35.39
C THR B 128 11.19 -31.76 34.03
N ALA B 129 10.38 -32.57 33.37
CA ALA B 129 10.73 -33.12 32.06
C ALA B 129 9.58 -32.90 31.09
N SER B 130 9.86 -32.16 30.01
CA SER B 130 8.91 -31.91 28.95
C SER B 130 9.39 -32.64 27.71
N VAL B 131 8.54 -33.50 27.16
CA VAL B 131 8.79 -34.21 25.90
C VAL B 131 7.84 -33.64 24.86
N VAL B 132 8.38 -33.21 23.73
CA VAL B 132 7.60 -32.50 22.72
C VAL B 132 7.54 -33.34 21.45
N CYS B 133 6.34 -33.50 20.91
CA CYS B 133 6.14 -34.17 19.63
C CYS B 133 5.53 -33.17 18.66
N LEU B 134 6.13 -33.06 17.48
CA LEU B 134 5.78 -32.02 16.53
C LEU B 134 5.19 -32.66 15.27
N LEU B 135 4.01 -32.16 14.87
CA LEU B 135 3.35 -32.56 13.63
C LEU B 135 3.36 -31.34 12.72
N ASN B 136 4.15 -31.39 11.65
CA ASN B 136 4.44 -30.22 10.85
C ASN B 136 3.77 -30.30 9.48
N ASN B 137 3.05 -29.23 9.13
CA ASN B 137 2.49 -28.99 7.80
C ASN B 137 1.69 -30.18 7.27
N PHE B 138 0.50 -30.34 7.84
CA PHE B 138 -0.40 -31.43 7.48
C PHE B 138 -1.80 -30.89 7.20
N TYR B 139 -2.64 -31.75 6.59
CA TYR B 139 -4.04 -31.43 6.29
C TYR B 139 -4.80 -32.72 6.02
N PRO B 140 -6.05 -32.88 6.53
CA PRO B 140 -6.84 -31.97 7.37
C PRO B 140 -6.32 -31.90 8.81
N ARG B 141 -7.00 -31.14 9.68
CA ARG B 141 -6.50 -30.92 11.04
C ARG B 141 -6.56 -32.18 11.89
N GLU B 142 -7.55 -33.04 11.66
CA GLU B 142 -7.77 -34.19 12.53
C GLU B 142 -6.54 -35.08 12.54
N ALA B 143 -6.03 -35.37 13.73
CA ALA B 143 -4.85 -36.20 13.89
C ALA B 143 -4.89 -36.82 15.28
N LYS B 144 -4.57 -38.10 15.35
CA LYS B 144 -4.54 -38.82 16.63
C LYS B 144 -3.09 -38.94 17.07
N VAL B 145 -2.77 -38.34 18.22
CA VAL B 145 -1.41 -38.30 18.75
C VAL B 145 -1.44 -39.00 20.10
N GLN B 146 -0.77 -40.14 20.19
CA GLN B 146 -0.78 -40.96 21.40
C GLN B 146 0.63 -41.03 21.98
N TRP B 147 0.72 -40.84 23.29
CA TRP B 147 1.97 -40.97 24.04
C TRP B 147 2.02 -42.33 24.71
N LYS B 148 3.13 -43.02 24.56
CA LYS B 148 3.33 -44.29 25.24
C LYS B 148 4.69 -44.30 25.90
N VAL B 149 4.69 -44.58 27.20
CA VAL B 149 5.87 -44.61 28.05
C VAL B 149 5.96 -46.05 28.55
N ASP B 150 6.98 -46.77 28.09
CA ASP B 150 7.07 -48.22 28.26
C ASP B 150 5.72 -48.89 27.96
N ASN B 151 5.21 -48.61 26.77
CA ASN B 151 3.94 -49.14 26.25
C ASN B 151 2.72 -48.69 27.05
N ALA B 152 2.89 -47.83 28.06
CA ALA B 152 1.75 -47.31 28.81
C ALA B 152 1.22 -46.05 28.13
N LEU B 153 -0.03 -46.11 27.68
CA LEU B 153 -0.66 -44.94 27.07
C LEU B 153 -0.87 -43.86 28.13
N GLN B 154 -0.45 -42.63 27.83
CA GLN B 154 -0.53 -41.53 28.77
C GLN B 154 -1.87 -40.81 28.66
N SER B 155 -2.36 -40.32 29.79
CA SER B 155 -3.60 -39.57 29.84
C SER B 155 -3.46 -38.43 30.83
N GLY B 156 -4.00 -37.27 30.46
CA GLY B 156 -4.06 -36.13 31.35
C GLY B 156 -2.76 -35.41 31.63
N ASN B 157 -1.65 -35.83 31.03
CA ASN B 157 -0.36 -35.19 31.26
C ASN B 157 0.24 -34.64 29.97
N SER B 158 -0.57 -34.45 28.94
CA SER B 158 -0.11 -33.85 27.70
C SER B 158 -1.10 -32.79 27.26
N GLN B 159 -0.63 -31.83 26.47
CA GLN B 159 -1.49 -30.79 25.95
C GLN B 159 -1.08 -30.48 24.52
N GLU B 160 -2.08 -30.22 23.66
CA GLU B 160 -1.84 -29.93 22.25
C GLU B 160 -2.06 -28.47 21.94
N SER B 161 -1.24 -27.94 21.04
CA SER B 161 -1.41 -26.59 20.51
C SER B 161 -1.28 -26.66 19.00
N VAL B 162 -2.17 -25.94 18.31
CA VAL B 162 -2.28 -26.01 16.85
C VAL B 162 -2.22 -24.60 16.29
N THR B 163 -1.46 -24.43 15.21
CA THR B 163 -1.39 -23.14 14.55
C THR B 163 -2.66 -22.90 13.75
N GLU B 164 -2.87 -21.64 13.37
CA GLU B 164 -3.91 -21.33 12.41
C GLU B 164 -3.51 -21.86 11.03
N GLN B 165 -4.50 -22.01 10.17
CA GLN B 165 -4.26 -22.45 8.81
C GLN B 165 -3.24 -21.56 8.13
N ASP B 166 -2.16 -22.16 7.61
CA ASP B 166 -1.08 -21.38 7.03
C ASP B 166 -1.58 -20.56 5.84
N SER B 167 -1.12 -19.31 5.76
CA SER B 167 -1.64 -18.42 4.72
C SER B 167 -1.16 -18.84 3.34
N LYS B 168 -0.03 -19.52 3.26
CA LYS B 168 0.58 -19.87 1.98
C LYS B 168 0.17 -21.26 1.49
N ASP B 169 0.30 -22.30 2.32
CA ASP B 169 0.00 -23.66 1.87
C ASP B 169 -1.22 -24.27 2.55
N SER B 170 -1.92 -23.52 3.40
CA SER B 170 -3.19 -23.94 4.00
C SER B 170 -3.04 -25.15 4.93
N THR B 171 -1.83 -25.49 5.35
CA THR B 171 -1.62 -26.61 6.26
C THR B 171 -1.72 -26.16 7.71
N TYR B 172 -1.77 -27.13 8.61
CA TYR B 172 -1.67 -26.91 10.05
C TYR B 172 -0.35 -27.48 10.56
N SER B 173 0.05 -27.01 11.73
CA SER B 173 1.13 -27.63 12.50
C SER B 173 0.66 -27.77 13.94
N LEU B 174 1.10 -28.86 14.58
CA LEU B 174 0.60 -29.21 15.90
C LEU B 174 1.76 -29.63 16.78
N SER B 175 1.71 -29.23 18.05
CA SER B 175 2.68 -29.69 19.04
C SER B 175 1.92 -30.40 20.16
N SER B 176 2.40 -31.58 20.54
CA SER B 176 1.93 -32.29 21.72
C SER B 176 3.06 -32.33 22.71
N THR B 177 2.84 -31.78 23.90
CA THR B 177 3.85 -31.66 24.94
C THR B 177 3.49 -32.57 26.10
N LEU B 178 4.37 -33.53 26.38
CA LEU B 178 4.21 -34.45 27.49
C LEU B 178 5.06 -33.94 28.65
N THR B 179 4.41 -33.61 29.76
CA THR B 179 5.06 -33.03 30.92
C THR B 179 5.07 -34.04 32.06
N LEU B 180 6.26 -34.34 32.57
CA LEU B 180 6.44 -35.27 33.67
C LEU B 180 7.38 -34.66 34.69
N SER B 181 7.28 -35.13 35.93
CA SER B 181 8.31 -34.82 36.90
C SER B 181 9.60 -35.54 36.50
N LYS B 182 10.73 -34.95 36.88
CA LYS B 182 12.02 -35.60 36.62
C LYS B 182 12.05 -37.00 37.23
N ALA B 183 11.44 -37.17 38.41
CA ALA B 183 11.43 -38.47 39.07
C ALA B 183 10.72 -39.51 38.22
N ASP B 184 9.49 -39.22 37.79
CA ASP B 184 8.75 -40.16 36.96
C ASP B 184 9.45 -40.38 35.62
N TYR B 185 10.07 -39.34 35.07
CA TYR B 185 10.77 -39.46 33.79
C TYR B 185 11.89 -40.49 33.88
N GLU B 186 12.68 -40.45 34.95
CA GLU B 186 13.78 -41.39 35.07
C GLU B 186 13.34 -42.78 35.52
N LYS B 187 12.04 -43.00 35.72
CA LYS B 187 11.52 -44.31 36.12
C LYS B 187 11.18 -45.19 34.93
N HIS B 188 11.35 -44.69 33.71
CA HIS B 188 10.98 -45.44 32.51
C HIS B 188 12.02 -45.23 31.44
N LYS B 189 11.94 -46.05 30.40
CA LYS B 189 12.97 -46.10 29.38
C LYS B 189 12.52 -45.57 28.04
N VAL B 190 11.39 -46.06 27.52
CA VAL B 190 10.98 -45.78 26.14
C VAL B 190 9.88 -44.73 26.13
N TYR B 191 10.12 -43.64 25.40
CA TYR B 191 9.18 -42.55 25.23
C TYR B 191 8.82 -42.44 23.75
N ALA B 192 7.54 -42.67 23.42
CA ALA B 192 7.11 -42.77 22.03
C ALA B 192 5.94 -41.84 21.74
N CYS B 193 5.96 -41.24 20.55
CA CYS B 193 4.86 -40.45 20.03
C CYS B 193 4.34 -41.15 18.78
N GLU B 194 3.08 -41.59 18.81
CA GLU B 194 2.48 -42.27 17.67
C GLU B 194 1.39 -41.39 17.05
N VAL B 195 1.50 -41.16 15.75
CA VAL B 195 0.63 -40.24 15.04
C VAL B 195 -0.17 -41.02 14.01
N THR B 196 -1.50 -40.90 14.10
CA THR B 196 -2.41 -41.47 13.10
C THR B 196 -3.05 -40.31 12.35
N HIS B 197 -2.99 -40.37 11.01
CA HIS B 197 -3.50 -39.29 10.19
C HIS B 197 -3.84 -39.82 8.80
N GLN B 198 -4.85 -39.20 8.18
CA GLN B 198 -5.35 -39.64 6.88
C GLN B 198 -4.24 -39.71 5.83
N GLY B 199 -3.23 -38.84 5.94
CA GLY B 199 -2.13 -38.82 5.00
C GLY B 199 -1.07 -39.89 5.21
N LEU B 200 -1.14 -40.64 6.31
CA LEU B 200 -0.23 -41.77 6.53
C LEU B 200 -0.95 -43.07 6.24
N ARG B 201 -0.32 -43.92 5.43
CA ARG B 201 -0.92 -45.22 5.13
C ARG B 201 -0.98 -46.09 6.38
N SER B 202 -0.02 -45.92 7.30
CA SER B 202 -0.03 -46.53 8.62
C SER B 202 0.53 -45.52 9.60
N PRO B 203 0.16 -45.61 10.88
CA PRO B 203 0.64 -44.62 11.85
C PRO B 203 2.16 -44.58 11.91
N VAL B 204 2.69 -43.38 12.17
CA VAL B 204 4.11 -43.12 12.28
C VAL B 204 4.46 -42.96 13.76
N THR B 205 5.56 -43.58 14.18
CA THR B 205 6.00 -43.52 15.57
C THR B 205 7.40 -42.92 15.61
N LYS B 206 7.57 -41.88 16.43
CA LYS B 206 8.88 -41.38 16.77
C LYS B 206 9.10 -41.66 18.25
N SER B 207 10.21 -42.31 18.58
CA SER B 207 10.47 -42.68 19.97
C SER B 207 11.95 -42.61 20.28
N PHE B 208 12.25 -42.59 21.57
CA PHE B 208 13.63 -42.66 22.03
C PHE B 208 13.67 -43.39 23.37
N ASN B 209 14.81 -44.00 23.64
CA ASN B 209 15.08 -44.55 24.96
C ASN B 209 15.85 -43.52 25.75
N ARG B 210 15.45 -43.30 27.00
CA ARG B 210 16.17 -42.39 27.87
C ARG B 210 17.55 -42.98 28.08
N GLY B 211 18.52 -42.58 27.27
CA GLY B 211 19.83 -43.18 27.40
C GLY B 211 20.59 -43.39 26.11
N GLU B 212 19.90 -43.49 24.97
CA GLU B 212 20.62 -43.47 23.71
C GLU B 212 20.83 -42.06 23.23
N CYS B 213 20.54 -41.09 24.10
CA CYS B 213 20.62 -39.67 23.78
C CYS B 213 21.50 -39.03 24.83
N ALA B 214 22.67 -38.53 24.42
CA ALA B 214 23.67 -38.03 25.36
C ALA B 214 23.11 -36.89 26.21
N ALA B 215 23.50 -36.87 27.49
CA ALA B 215 22.93 -35.93 28.44
C ALA B 215 23.92 -35.78 29.60
N ALA B 216 23.46 -35.13 30.68
CA ALA B 216 24.26 -35.03 31.89
C ALA B 216 24.30 -36.34 32.67
N HIS B 217 23.29 -37.20 32.48
CA HIS B 217 23.24 -38.53 33.08
C HIS B 217 22.12 -39.36 32.46
N GLU C 1 -13.30 -0.13 -11.30
CA GLU C 1 -14.40 -1.00 -11.69
C GLU C 1 -15.04 -0.43 -12.94
N VAL C 2 -15.39 0.85 -12.88
CA VAL C 2 -15.84 1.56 -14.07
C VAL C 2 -14.60 1.95 -14.88
N GLN C 3 -14.63 1.67 -16.17
CA GLN C 3 -13.47 1.86 -17.03
C GLN C 3 -13.83 2.44 -18.38
N LEU C 4 -13.04 3.41 -18.81
CA LEU C 4 -13.06 3.93 -20.17
C LEU C 4 -11.64 3.72 -20.69
N GLN C 5 -11.44 2.66 -21.47
CA GLN C 5 -10.13 2.29 -21.98
C GLN C 5 -9.98 2.80 -23.42
N GLN C 6 -9.04 3.72 -23.61
CA GLN C 6 -8.79 4.32 -24.91
C GLN C 6 -7.57 3.68 -25.55
N SER C 7 -7.57 3.66 -26.88
CA SER C 7 -6.50 3.07 -27.65
C SER C 7 -5.19 3.84 -27.45
N GLY C 8 -4.09 3.20 -27.81
CA GLY C 8 -2.77 3.77 -27.57
C GLY C 8 -2.50 5.01 -28.40
N ALA C 9 -1.36 5.64 -28.09
CA ALA C 9 -0.94 6.86 -28.78
C ALA C 9 -0.76 6.61 -30.28
N GLU C 10 -0.97 7.66 -31.07
CA GLU C 10 -0.92 7.57 -32.52
C GLU C 10 -0.08 8.70 -33.10
N LEU C 11 0.72 8.36 -34.11
CA LEU C 11 1.48 9.32 -34.90
C LEU C 11 0.99 9.26 -36.35
N ALA C 12 0.76 10.43 -36.94
CA ALA C 12 0.26 10.51 -38.31
C ALA C 12 0.91 11.69 -39.01
N LYS C 13 0.88 11.64 -40.33
CA LYS C 13 1.39 12.71 -41.18
C LYS C 13 0.25 13.63 -41.60
N PRO C 14 0.56 14.87 -41.96
CA PRO C 14 -0.49 15.81 -42.37
C PRO C 14 -1.31 15.25 -43.52
N GLY C 15 -2.62 15.49 -43.47
CA GLY C 15 -3.56 15.00 -44.45
C GLY C 15 -4.04 13.58 -44.25
N ALA C 16 -3.42 12.82 -43.36
CA ALA C 16 -3.88 11.47 -43.10
C ALA C 16 -5.13 11.48 -42.23
N SER C 17 -5.63 10.30 -41.90
CA SER C 17 -6.77 10.16 -41.02
C SER C 17 -6.40 9.19 -39.91
N VAL C 18 -7.16 9.24 -38.81
CA VAL C 18 -6.92 8.36 -37.68
C VAL C 18 -8.25 8.02 -37.02
N LYS C 19 -8.33 6.83 -36.43
CA LYS C 19 -9.54 6.35 -35.79
C LYS C 19 -9.18 5.82 -34.41
N MET C 20 -9.92 6.25 -33.41
CA MET C 20 -9.63 6.03 -32.01
C MET C 20 -10.77 5.28 -31.34
N SER C 21 -10.45 4.52 -30.30
CA SER C 21 -11.42 3.70 -29.62
C SER C 21 -11.53 4.10 -28.15
N CYS C 22 -12.64 3.72 -27.54
CA CYS C 22 -12.92 4.02 -26.13
C CYS C 22 -13.81 2.90 -25.61
N LYS C 23 -13.22 1.89 -24.98
CA LYS C 23 -13.96 0.71 -24.59
C LYS C 23 -14.46 0.87 -23.16
N ALA C 24 -15.78 0.80 -22.99
CA ALA C 24 -16.43 1.08 -21.71
C ALA C 24 -16.81 -0.22 -21.00
N SER C 25 -16.58 -0.23 -19.68
CA SER C 25 -16.96 -1.38 -18.85
C SER C 25 -17.37 -0.87 -17.47
N GLY C 26 -18.12 -1.70 -16.76
CA GLY C 26 -18.57 -1.34 -15.43
C GLY C 26 -19.89 -0.61 -15.38
N TYR C 27 -20.51 -0.36 -16.53
CA TYR C 27 -21.81 0.29 -16.60
C TYR C 27 -22.45 -0.08 -17.93
N THR C 28 -23.76 0.18 -18.01
CA THR C 28 -24.49 -0.05 -19.26
C THR C 28 -24.08 1.00 -20.29
N PHE C 29 -23.33 0.55 -21.30
CA PHE C 29 -22.79 1.45 -22.32
C PHE C 29 -23.88 2.27 -23.01
N THR C 30 -25.08 1.72 -23.15
CA THR C 30 -26.16 2.38 -23.88
C THR C 30 -26.84 3.47 -23.07
N SER C 31 -26.65 3.51 -21.75
CA SER C 31 -27.36 4.41 -20.87
C SER C 31 -26.69 5.77 -20.71
N TYR C 32 -25.55 5.99 -21.35
CA TYR C 32 -24.84 7.27 -21.22
C TYR C 32 -24.38 7.75 -22.57
N TRP C 33 -24.52 9.05 -22.82
CA TRP C 33 -23.97 9.65 -24.03
C TRP C 33 -22.46 9.71 -23.90
N MET C 34 -21.74 9.30 -24.94
CA MET C 34 -20.28 9.32 -24.92
C MET C 34 -19.79 10.59 -25.60
N HIS C 35 -19.21 11.49 -24.80
CA HIS C 35 -18.64 12.74 -25.30
C HIS C 35 -17.17 12.57 -25.59
N TRP C 36 -16.65 13.46 -26.43
CA TRP C 36 -15.23 13.50 -26.75
C TRP C 36 -14.74 14.93 -26.57
N VAL C 37 -13.59 15.07 -25.91
CA VAL C 37 -13.02 16.36 -25.55
C VAL C 37 -11.58 16.40 -26.02
N LYS C 38 -11.14 17.57 -26.48
CA LYS C 38 -9.80 17.77 -27.00
C LYS C 38 -9.01 18.68 -26.07
N GLN C 39 -7.78 18.29 -25.76
CA GLN C 39 -6.91 19.06 -24.87
C GLN C 39 -5.53 19.24 -25.48
N ARG C 40 -5.20 20.49 -25.77
CA ARG C 40 -3.90 21.06 -26.05
C ARG C 40 -3.53 22.09 -24.99
N PRO C 41 -2.24 22.23 -24.69
CA PRO C 41 -1.82 23.28 -23.77
C PRO C 41 -2.01 24.66 -24.40
N GLY C 42 -2.38 25.63 -23.57
CA GLY C 42 -2.67 26.97 -24.04
C GLY C 42 -4.06 27.22 -24.58
N GLN C 43 -4.94 26.21 -24.65
CA GLN C 43 -6.32 26.44 -25.02
C GLN C 43 -7.26 26.24 -23.85
N GLY C 44 -7.24 25.05 -23.26
CA GLY C 44 -8.23 24.69 -22.26
C GLY C 44 -8.79 23.35 -22.66
N LEU C 45 -10.10 23.19 -22.64
CA LEU C 45 -10.72 22.00 -23.21
C LEU C 45 -11.69 22.38 -24.31
N GLU C 46 -11.71 21.59 -25.37
CA GLU C 46 -12.61 21.79 -26.49
C GLU C 46 -13.54 20.59 -26.63
N TRP C 47 -14.84 20.87 -26.71
CA TRP C 47 -15.86 19.85 -26.85
C TRP C 47 -16.04 19.52 -28.34
N ILE C 48 -15.84 18.26 -28.70
CA ILE C 48 -15.98 17.84 -30.09
C ILE C 48 -17.42 17.45 -30.41
N GLY C 49 -17.99 16.58 -29.59
CA GLY C 49 -19.34 16.11 -29.83
C GLY C 49 -19.67 14.95 -28.91
N TYR C 50 -20.85 14.38 -29.12
CA TYR C 50 -21.25 13.20 -28.37
C TYR C 50 -22.05 12.27 -29.27
N ILE C 51 -22.13 11.02 -28.84
CA ILE C 51 -22.93 10.00 -29.50
C ILE C 51 -23.80 9.34 -28.45
N ASN C 52 -25.05 9.09 -28.79
CA ASN C 52 -25.94 8.29 -27.96
C ASN C 52 -25.85 6.84 -28.41
N PRO C 53 -25.15 5.98 -27.66
CA PRO C 53 -24.97 4.59 -28.09
C PRO C 53 -26.27 3.80 -28.19
N SER C 54 -27.33 4.22 -27.50
CA SER C 54 -28.59 3.51 -27.62
C SER C 54 -29.17 3.63 -29.03
N THR C 55 -29.10 4.84 -29.62
CA THR C 55 -29.70 5.08 -30.93
C THR C 55 -28.70 5.33 -32.05
N GLY C 56 -27.45 5.64 -31.73
CA GLY C 56 -26.50 6.06 -32.75
C GLY C 56 -26.60 7.52 -33.12
N TYR C 57 -27.46 8.28 -32.46
CA TYR C 57 -27.60 9.70 -32.72
C TYR C 57 -26.34 10.45 -32.31
N THR C 58 -25.91 11.38 -33.15
CA THR C 58 -24.69 12.13 -32.89
C THR C 58 -24.96 13.62 -33.00
N GLU C 59 -24.30 14.39 -32.15
CA GLU C 59 -24.30 15.84 -32.23
C GLU C 59 -22.85 16.31 -32.23
N TYR C 60 -22.55 17.32 -33.04
CA TYR C 60 -21.19 17.78 -33.22
C TYR C 60 -21.07 19.27 -32.98
N ASN C 61 -19.92 19.67 -32.43
CA ASN C 61 -19.51 21.06 -32.47
C ASN C 61 -19.26 21.49 -33.91
N GLN C 62 -19.89 22.59 -34.30
CA GLN C 62 -19.69 23.20 -35.62
C GLN C 62 -18.22 23.26 -36.00
N LYS C 63 -17.33 23.52 -35.03
CA LYS C 63 -15.90 23.61 -35.30
C LYS C 63 -15.28 22.28 -35.72
N PHE C 64 -15.87 21.14 -35.34
CA PHE C 64 -15.29 19.83 -35.64
C PHE C 64 -16.18 19.01 -36.56
N LYS C 65 -17.19 19.65 -37.17
CA LYS C 65 -18.17 18.95 -37.99
C LYS C 65 -17.52 18.21 -39.15
N ASP C 66 -16.59 18.85 -39.83
CA ASP C 66 -15.92 18.26 -40.97
C ASP C 66 -14.64 17.53 -40.59
N LYS C 67 -14.30 17.53 -39.29
CA LYS C 67 -13.08 16.90 -38.78
C LYS C 67 -13.34 15.56 -38.12
N ALA C 68 -14.38 15.45 -37.31
CA ALA C 68 -14.63 14.28 -36.49
C ALA C 68 -15.86 13.52 -36.97
N THR C 69 -15.84 12.21 -36.76
CA THR C 69 -16.96 11.31 -37.04
C THR C 69 -17.06 10.34 -35.88
N LEU C 70 -18.22 10.31 -35.22
CA LEU C 70 -18.40 9.55 -33.99
C LEU C 70 -19.22 8.30 -34.26
N THR C 71 -18.68 7.14 -33.88
CA THR C 71 -19.38 5.88 -34.04
C THR C 71 -19.39 5.13 -32.71
N ALA C 72 -20.31 4.18 -32.59
CA ALA C 72 -20.42 3.33 -31.41
C ALA C 72 -20.82 1.93 -31.84
N ASP C 73 -20.30 0.93 -31.13
CA ASP C 73 -20.67 -0.47 -31.35
C ASP C 73 -21.16 -1.03 -30.02
N LYS C 74 -22.44 -1.42 -29.98
CA LYS C 74 -23.04 -1.85 -28.72
C LYS C 74 -22.48 -3.19 -28.26
N SER C 75 -22.37 -4.16 -29.17
CA SER C 75 -21.92 -5.50 -28.78
C SER C 75 -20.53 -5.50 -28.16
N SER C 76 -19.69 -4.54 -28.53
CA SER C 76 -18.35 -4.46 -27.96
C SER C 76 -18.21 -3.36 -26.92
N SER C 77 -19.30 -2.61 -26.65
CA SER C 77 -19.29 -1.51 -25.70
C SER C 77 -18.15 -0.54 -25.99
N THR C 78 -17.97 -0.23 -27.27
CA THR C 78 -16.86 0.61 -27.71
C THR C 78 -17.37 1.77 -28.54
N ALA C 79 -16.92 2.97 -28.21
CA ALA C 79 -17.16 4.15 -29.01
C ALA C 79 -15.91 4.53 -29.80
N TYR C 80 -16.10 5.04 -31.01
CA TYR C 80 -14.99 5.41 -31.86
C TYR C 80 -15.11 6.87 -32.30
N MET C 81 -13.96 7.49 -32.54
CA MET C 81 -13.86 8.81 -33.13
C MET C 81 -12.81 8.77 -34.24
N GLN C 82 -13.22 9.18 -35.43
CA GLN C 82 -12.31 9.31 -36.56
C GLN C 82 -12.07 10.79 -36.84
N LEU C 83 -10.79 11.12 -37.08
CA LEU C 83 -10.38 12.49 -37.39
C LEU C 83 -9.71 12.48 -38.75
N SER C 84 -10.25 13.27 -39.67
CA SER C 84 -9.81 13.28 -41.06
C SER C 84 -9.05 14.56 -41.37
N SER C 85 -8.36 14.54 -42.51
CA SER C 85 -7.63 15.70 -43.02
C SER C 85 -6.77 16.33 -41.93
N LEU C 86 -5.86 15.53 -41.39
CA LEU C 86 -5.16 15.92 -40.18
C LEU C 86 -4.18 17.07 -40.45
N THR C 87 -4.16 18.01 -39.52
CA THR C 87 -3.26 19.16 -39.54
C THR C 87 -2.51 19.19 -38.22
N SER C 88 -1.42 19.97 -38.19
CA SER C 88 -0.65 20.08 -36.96
C SER C 88 -1.49 20.57 -35.79
N GLU C 89 -2.54 21.35 -36.08
CA GLU C 89 -3.44 21.85 -35.06
C GLU C 89 -4.30 20.77 -34.44
N ASP C 90 -4.29 19.56 -34.99
CA ASP C 90 -5.01 18.43 -34.42
C ASP C 90 -4.20 17.64 -33.41
N SER C 91 -2.91 17.95 -33.24
CA SER C 91 -2.08 17.25 -32.26
C SER C 91 -2.55 17.59 -30.86
N ALA C 92 -3.03 16.60 -30.12
CA ALA C 92 -3.66 16.85 -28.83
C ALA C 92 -3.82 15.54 -28.09
N VAL C 93 -4.29 15.64 -26.85
CA VAL C 93 -4.81 14.51 -26.10
C VAL C 93 -6.33 14.56 -26.26
N TYR C 94 -6.92 13.41 -26.55
CA TYR C 94 -8.34 13.30 -26.81
C TYR C 94 -8.95 12.37 -25.77
N TYR C 95 -9.96 12.87 -25.05
CA TYR C 95 -10.64 12.10 -24.03
C TYR C 95 -12.04 11.70 -24.48
N CYS C 96 -12.46 10.51 -24.06
CA CYS C 96 -13.87 10.13 -24.12
C CYS C 96 -14.44 10.20 -22.71
N ALA C 97 -15.70 10.63 -22.61
CA ALA C 97 -16.30 10.77 -21.29
C ALA C 97 -17.83 10.69 -21.37
N PRO C 98 -18.44 9.86 -20.52
CA PRO C 98 -19.93 9.83 -20.44
C PRO C 98 -20.45 10.96 -19.57
N LEU C 99 -20.41 12.18 -20.11
CA LEU C 99 -20.71 13.36 -19.31
C LEU C 99 -22.20 13.50 -19.04
N TRP C 100 -23.06 12.98 -19.91
CA TRP C 100 -24.50 13.12 -19.74
C TRP C 100 -25.21 11.81 -20.08
N PRO C 101 -26.18 11.40 -19.25
CA PRO C 101 -26.58 12.10 -18.02
C PRO C 101 -25.56 11.96 -16.89
N LEU C 102 -25.80 12.67 -15.78
CA LEU C 102 -24.92 12.57 -14.63
C LEU C 102 -24.98 11.17 -14.00
N GLY C 103 -23.92 10.83 -13.29
CA GLY C 103 -23.88 9.54 -12.62
C GLY C 103 -22.51 8.89 -12.66
N THR C 104 -21.79 9.07 -13.76
CA THR C 104 -20.45 8.52 -13.93
C THR C 104 -19.46 9.66 -14.05
N ASP C 105 -18.55 9.76 -13.08
CA ASP C 105 -17.64 10.90 -13.01
C ASP C 105 -16.31 10.65 -13.70
N TYR C 106 -16.08 9.44 -14.21
CA TYR C 106 -14.78 9.09 -14.76
C TYR C 106 -14.67 9.43 -16.24
N TRP C 107 -13.43 9.72 -16.65
CA TRP C 107 -13.08 9.89 -18.06
C TRP C 107 -12.10 8.80 -18.46
N GLY C 108 -11.93 8.63 -19.76
CA GLY C 108 -10.89 7.77 -20.26
C GLY C 108 -9.51 8.36 -20.00
N GLN C 109 -8.50 7.49 -20.08
CA GLN C 109 -7.14 7.92 -19.84
C GLN C 109 -6.61 8.83 -20.94
N GLY C 110 -7.28 8.86 -22.08
CA GLY C 110 -6.86 9.77 -23.12
C GLY C 110 -5.96 9.10 -24.15
N THR C 111 -6.07 9.57 -25.38
CA THR C 111 -5.21 9.14 -26.48
C THR C 111 -4.44 10.36 -26.96
N THR C 112 -3.12 10.26 -26.95
CA THR C 112 -2.28 11.35 -27.43
C THR C 112 -2.04 11.18 -28.93
N LEU C 113 -2.34 12.23 -29.69
CA LEU C 113 -2.21 12.23 -31.14
C LEU C 113 -1.18 13.28 -31.55
N THR C 114 -0.21 12.86 -32.35
CA THR C 114 0.79 13.77 -32.91
C THR C 114 0.68 13.79 -34.42
N VAL C 115 0.46 14.97 -34.98
CA VAL C 115 0.42 15.17 -36.42
C VAL C 115 1.64 16.00 -36.78
N SER C 116 2.48 15.45 -37.65
CA SER C 116 3.75 16.08 -38.00
C SER C 116 4.30 15.45 -39.27
N SER C 117 4.95 16.27 -40.09
CA SER C 117 5.64 15.79 -41.28
C SER C 117 7.09 15.42 -41.00
N ALA C 118 7.54 15.52 -39.75
CA ALA C 118 8.90 15.15 -39.40
C ALA C 118 9.11 13.64 -39.52
N SER C 119 10.36 13.26 -39.77
CA SER C 119 10.72 11.85 -39.89
C SER C 119 11.35 11.36 -38.60
N THR C 120 11.15 10.08 -38.32
CA THR C 120 11.72 9.48 -37.12
C THR C 120 13.24 9.66 -37.13
N LYS C 121 13.79 10.08 -36.00
CA LYS C 121 15.21 10.37 -35.91
C LYS C 121 15.65 10.27 -34.46
N GLY C 122 16.81 9.67 -34.23
CA GLY C 122 17.35 9.54 -32.91
C GLY C 122 18.09 10.79 -32.47
N PRO C 123 18.17 11.02 -31.17
CA PRO C 123 18.77 12.26 -30.66
C PRO C 123 20.29 12.18 -30.63
N SER C 124 20.90 13.36 -30.67
CA SER C 124 22.32 13.51 -30.34
C SER C 124 22.43 13.86 -28.85
N VAL C 125 23.35 13.21 -28.16
CA VAL C 125 23.52 13.37 -26.72
C VAL C 125 24.83 14.10 -26.46
N PHE C 126 24.75 15.30 -25.89
CA PHE C 126 25.95 16.06 -25.60
C PHE C 126 26.10 16.29 -24.09
N PRO C 127 27.31 16.26 -23.59
CA PRO C 127 27.51 16.43 -22.14
C PRO C 127 27.35 17.88 -21.74
N LEU C 128 26.72 18.09 -20.59
CA LEU C 128 26.72 19.38 -19.91
C LEU C 128 27.75 19.25 -18.80
N ALA C 129 28.98 19.64 -19.10
CA ALA C 129 30.13 19.30 -18.27
C ALA C 129 30.20 20.20 -17.06
N PRO C 130 30.45 19.66 -15.87
CA PRO C 130 30.65 20.52 -14.70
C PRO C 130 32.00 21.20 -14.75
N SER C 131 32.13 22.26 -13.94
CA SER C 131 33.31 23.13 -13.93
C SER C 131 33.07 24.26 -12.94
N SER C 132 34.04 25.17 -12.83
CA SER C 132 33.87 26.32 -11.94
C SER C 132 32.64 27.14 -12.32
N LYS C 133 32.29 27.17 -13.61
CA LYS C 133 31.13 27.92 -14.07
C LYS C 133 29.81 27.24 -13.70
N SER C 134 29.85 25.97 -13.31
CA SER C 134 28.69 25.26 -12.80
C SER C 134 28.98 24.67 -11.42
N THR C 135 29.63 25.45 -10.56
CA THR C 135 29.94 25.04 -9.20
C THR C 135 29.73 26.23 -8.27
N SER C 136 29.24 25.96 -7.06
CA SER C 136 29.09 27.00 -6.05
C SER C 136 28.95 26.36 -4.68
N GLY C 137 29.88 26.68 -3.77
CA GLY C 137 29.78 26.29 -2.38
C GLY C 137 29.65 24.80 -2.10
N GLY C 138 30.49 24.00 -2.75
CA GLY C 138 30.48 22.56 -2.57
C GLY C 138 29.48 21.81 -3.41
N THR C 139 28.74 22.48 -4.29
CA THR C 139 27.76 21.83 -5.15
C THR C 139 28.14 22.09 -6.61
N ALA C 140 28.08 21.05 -7.43
CA ALA C 140 28.35 21.17 -8.85
C ALA C 140 27.14 20.68 -9.65
N ALA C 141 26.91 21.29 -10.80
CA ALA C 141 25.83 20.91 -11.69
C ALA C 141 26.40 20.30 -12.96
N LEU C 142 25.77 19.23 -13.42
CA LEU C 142 26.16 18.57 -14.65
C LEU C 142 24.90 18.01 -15.30
N GLY C 143 25.02 17.60 -16.56
CA GLY C 143 23.83 17.14 -17.25
C GLY C 143 24.14 16.62 -18.64
N CYS C 144 23.06 16.32 -19.35
CA CYS C 144 23.10 15.85 -20.73
C CYS C 144 22.08 16.60 -21.55
N LEU C 145 22.50 17.09 -22.72
CA LEU C 145 21.62 17.75 -23.67
C LEU C 145 21.19 16.72 -24.72
N VAL C 146 19.89 16.47 -24.81
CA VAL C 146 19.32 15.47 -25.70
C VAL C 146 18.62 16.22 -26.82
N LYS C 147 19.25 16.32 -27.98
CA LYS C 147 18.86 17.29 -29.00
C LYS C 147 18.46 16.61 -30.30
N ASP C 148 17.42 17.17 -30.93
CA ASP C 148 17.05 16.88 -32.32
C ASP C 148 16.62 15.41 -32.50
N TYR C 149 15.49 15.09 -31.87
CA TYR C 149 14.91 13.77 -32.01
C TYR C 149 13.42 13.90 -32.33
N PHE C 150 12.86 12.80 -32.84
CA PHE C 150 11.44 12.75 -33.19
C PHE C 150 11.04 11.30 -33.37
N PRO C 151 9.88 10.89 -32.85
CA PRO C 151 8.98 11.71 -32.03
C PRO C 151 9.21 11.50 -30.54
N GLU C 152 8.33 12.09 -29.73
CA GLU C 152 8.31 11.80 -28.31
C GLU C 152 8.02 10.31 -28.10
N PRO C 153 8.49 9.72 -27.00
CA PRO C 153 9.27 10.39 -25.96
C PRO C 153 10.72 9.92 -25.93
N VAL C 154 11.50 10.56 -25.06
CA VAL C 154 12.83 10.09 -24.70
C VAL C 154 12.80 9.79 -23.21
N THR C 155 13.58 8.80 -22.79
CA THR C 155 13.75 8.48 -21.38
C THR C 155 15.21 8.62 -20.99
N VAL C 156 15.47 9.35 -19.91
CA VAL C 156 16.81 9.62 -19.41
C VAL C 156 16.92 9.13 -17.97
N SER C 157 17.97 8.36 -17.69
CA SER C 157 18.32 7.97 -16.33
C SER C 157 19.81 8.25 -16.14
N TRP C 158 20.26 8.18 -14.89
CA TRP C 158 21.64 8.46 -14.54
C TRP C 158 22.25 7.28 -13.81
N ASN C 159 23.43 6.86 -14.27
CA ASN C 159 24.15 5.72 -13.70
C ASN C 159 23.25 4.49 -13.63
N SER C 160 22.53 4.23 -14.73
CA SER C 160 21.64 3.09 -14.85
C SER C 160 20.56 3.08 -13.75
N GLY C 161 20.16 4.26 -13.29
CA GLY C 161 19.17 4.39 -12.25
C GLY C 161 19.70 4.51 -10.84
N ALA C 162 21.00 4.30 -10.62
CA ALA C 162 21.58 4.43 -9.29
C ALA C 162 21.54 5.85 -8.77
N LEU C 163 21.46 6.84 -9.65
CA LEU C 163 21.48 8.24 -9.25
C LEU C 163 20.12 8.85 -9.57
N THR C 164 19.37 9.21 -8.53
CA THR C 164 18.05 9.81 -8.71
C THR C 164 17.90 11.14 -7.98
N SER C 165 18.63 11.30 -6.88
CA SER C 165 18.48 12.48 -6.05
C SER C 165 19.04 13.70 -6.75
N GLY C 166 18.26 14.78 -6.77
CA GLY C 166 18.66 16.03 -7.38
C GLY C 166 18.61 16.05 -8.89
N VAL C 167 18.01 15.06 -9.53
CA VAL C 167 17.92 15.01 -10.97
C VAL C 167 16.70 15.81 -11.43
N HIS C 168 16.91 16.70 -12.40
CA HIS C 168 15.82 17.39 -13.08
C HIS C 168 15.93 17.10 -14.57
N THR C 169 14.91 16.46 -15.12
CA THR C 169 14.84 16.18 -16.55
C THR C 169 13.72 17.03 -17.12
N PHE C 170 14.07 18.03 -17.90
CA PHE C 170 13.08 19.01 -18.30
C PHE C 170 12.13 18.42 -19.34
N PRO C 171 10.90 18.92 -19.42
CA PRO C 171 10.01 18.50 -20.50
C PRO C 171 10.59 18.87 -21.85
N ALA C 172 10.30 18.04 -22.84
CA ALA C 172 10.78 18.29 -24.19
C ALA C 172 10.16 19.56 -24.74
N VAL C 173 10.93 20.28 -25.56
CA VAL C 173 10.46 21.45 -26.28
C VAL C 173 10.48 21.13 -27.77
N LEU C 174 9.38 21.45 -28.45
CA LEU C 174 9.30 21.25 -29.90
C LEU C 174 9.91 22.46 -30.58
N GLN C 175 11.02 22.26 -31.27
CA GLN C 175 11.73 23.35 -31.92
C GLN C 175 11.08 23.71 -33.26
N SER C 176 11.45 24.89 -33.78
CA SER C 176 10.93 25.31 -35.08
C SER C 176 11.32 24.34 -36.19
N SER C 177 12.45 23.65 -36.02
CA SER C 177 12.86 22.59 -36.93
C SER C 177 11.83 21.47 -37.04
N GLY C 178 10.94 21.33 -36.07
CA GLY C 178 10.04 20.21 -36.02
C GLY C 178 10.57 19.04 -35.21
N LEU C 179 11.76 19.15 -34.64
CA LEU C 179 12.36 18.12 -33.80
C LEU C 179 12.35 18.55 -32.33
N TYR C 180 12.35 17.55 -31.45
CA TYR C 180 12.29 17.80 -30.01
C TYR C 180 13.70 17.90 -29.41
N SER C 181 13.76 18.57 -28.26
CA SER C 181 15.00 18.77 -27.54
C SER C 181 14.70 18.93 -26.05
N LEU C 182 15.56 18.35 -25.21
CA LEU C 182 15.47 18.57 -23.77
C LEU C 182 16.85 18.39 -23.16
N SER C 183 16.98 18.82 -21.91
CA SER C 183 18.17 18.61 -21.11
C SER C 183 17.78 17.91 -19.82
N SER C 184 18.66 17.08 -19.30
CA SER C 184 18.50 16.47 -17.98
C SER C 184 19.72 16.81 -17.15
N VAL C 185 19.49 17.35 -15.95
CA VAL C 185 20.57 17.84 -15.10
C VAL C 185 20.47 17.22 -13.71
N VAL C 186 21.60 17.23 -13.01
CA VAL C 186 21.71 16.73 -11.65
C VAL C 186 22.78 17.56 -10.92
N THR C 187 22.53 17.86 -9.65
CA THR C 187 23.50 18.53 -8.81
C THR C 187 24.14 17.50 -7.89
N VAL C 188 25.47 17.53 -7.80
CA VAL C 188 26.20 16.57 -6.98
C VAL C 188 27.21 17.32 -6.14
N PRO C 189 27.72 16.70 -5.08
CA PRO C 189 28.84 17.31 -4.36
C PRO C 189 30.05 17.44 -5.26
N SER C 190 30.64 18.63 -5.28
CA SER C 190 31.77 18.91 -6.15
C SER C 190 33.00 18.10 -5.78
N SER C 191 33.12 17.65 -4.53
CA SER C 191 34.27 16.86 -4.13
C SER C 191 34.33 15.52 -4.86
N SER C 192 33.18 14.98 -5.25
CA SER C 192 33.12 13.68 -5.91
C SER C 192 33.37 13.77 -7.42
N LEU C 193 33.72 14.95 -7.94
CA LEU C 193 33.79 15.14 -9.39
C LEU C 193 34.87 14.26 -10.02
N GLY C 194 36.09 14.31 -9.50
CA GLY C 194 37.15 13.53 -10.10
C GLY C 194 37.18 12.06 -9.72
N THR C 195 36.36 11.63 -8.77
CA THR C 195 36.40 10.25 -8.28
C THR C 195 35.26 9.37 -8.77
N GLN C 196 34.06 9.91 -8.93
CA GLN C 196 32.90 9.12 -9.30
C GLN C 196 32.48 9.45 -10.73
N THR C 197 32.01 8.42 -11.44
CA THR C 197 31.64 8.50 -12.86
C THR C 197 30.15 8.77 -13.03
N TYR C 198 29.82 9.75 -13.87
CA TYR C 198 28.43 10.15 -14.11
C TYR C 198 28.09 9.89 -15.57
N ILE C 199 27.14 8.97 -15.79
CA ILE C 199 26.68 8.59 -17.11
C ILE C 199 25.17 8.82 -17.18
N CYS C 200 24.73 9.45 -18.25
CA CYS C 200 23.30 9.59 -18.54
C CYS C 200 22.92 8.53 -19.56
N ASN C 201 21.81 7.86 -19.32
CA ASN C 201 21.34 6.80 -20.19
C ASN C 201 20.16 7.34 -20.97
N VAL C 202 20.41 7.70 -22.23
CA VAL C 202 19.39 8.27 -23.09
C VAL C 202 18.84 7.16 -23.98
N ASN C 203 17.52 7.06 -24.06
CA ASN C 203 16.90 5.99 -24.81
C ASN C 203 15.76 6.55 -25.65
N HIS C 204 15.73 6.18 -26.93
CA HIS C 204 14.68 6.62 -27.84
C HIS C 204 14.30 5.45 -28.73
N LYS C 205 13.11 4.89 -28.50
CA LYS C 205 12.70 3.63 -29.10
C LYS C 205 12.07 3.75 -30.49
N PRO C 206 11.48 4.89 -30.88
CA PRO C 206 11.06 5.01 -32.29
C PRO C 206 12.21 4.89 -33.28
N SER C 207 13.42 5.30 -32.91
CA SER C 207 14.60 5.09 -33.72
C SER C 207 15.49 3.99 -33.14
N ASN C 208 15.13 3.46 -31.98
CA ASN C 208 15.96 2.50 -31.25
C ASN C 208 17.39 3.02 -31.10
N THR C 209 17.45 4.23 -30.56
CA THR C 209 18.68 4.86 -30.13
C THR C 209 18.74 4.70 -28.62
N LYS C 210 19.82 4.11 -28.14
CA LYS C 210 20.09 4.04 -26.72
C LYS C 210 21.54 4.46 -26.57
N VAL C 211 21.78 5.53 -25.81
CA VAL C 211 23.10 6.13 -25.72
C VAL C 211 23.43 6.30 -24.25
N ASP C 212 24.64 5.92 -23.88
CA ASP C 212 25.18 6.15 -22.55
C ASP C 212 26.35 7.11 -22.73
N LYS C 213 26.23 8.32 -22.20
CA LYS C 213 27.25 9.34 -22.35
C LYS C 213 27.84 9.64 -20.99
N LYS C 214 29.14 9.36 -20.85
CA LYS C 214 29.85 9.67 -19.63
C LYS C 214 30.16 11.16 -19.62
N VAL C 215 29.70 11.85 -18.58
CA VAL C 215 29.87 13.29 -18.45
C VAL C 215 31.09 13.54 -17.56
N GLU C 216 32.07 14.25 -18.10
CA GLU C 216 33.32 14.40 -17.38
C GLU C 216 33.58 15.85 -17.05
N PRO C 217 34.34 16.12 -15.99
CA PRO C 217 34.66 17.50 -15.63
C PRO C 217 35.39 18.22 -16.76
N LYS C 218 34.97 19.45 -17.05
CA LYS C 218 35.64 20.34 -17.97
C LYS C 218 36.31 21.45 -17.18
N SER C 219 37.44 21.94 -17.67
CA SER C 219 38.17 22.99 -16.97
C SER C 219 37.77 24.33 -17.59
N CYS C 220 37.13 25.18 -16.80
CA CYS C 220 36.88 26.57 -17.16
C CYS C 220 37.57 27.48 -16.14
N ALA C 221 38.21 28.53 -16.63
CA ALA C 221 38.75 29.55 -15.74
C ALA C 221 37.63 30.32 -15.06
N ALA C 222 37.87 30.73 -13.81
CA ALA C 222 36.88 31.49 -13.04
C ALA C 222 37.40 32.85 -12.62
N ASP D 1 -21.74 30.93 -29.40
CA ASP D 1 -21.34 30.03 -28.32
C ASP D 1 -20.97 30.83 -27.07
N ILE D 2 -21.20 30.24 -25.90
CA ILE D 2 -20.86 30.89 -24.63
C ILE D 2 -19.41 30.61 -24.28
N VAL D 3 -18.65 31.68 -24.06
CA VAL D 3 -17.24 31.58 -23.70
C VAL D 3 -17.09 31.67 -22.20
N LEU D 4 -16.35 30.73 -21.62
CA LEU D 4 -16.10 30.70 -20.18
C LEU D 4 -14.68 31.18 -19.91
N THR D 5 -14.55 32.19 -19.07
CA THR D 5 -13.27 32.78 -18.71
C THR D 5 -12.96 32.49 -17.25
N GLN D 6 -11.88 31.75 -17.02
CA GLN D 6 -11.48 31.39 -15.68
C GLN D 6 -10.31 32.26 -15.24
N SER D 7 -10.44 32.86 -14.06
CA SER D 7 -9.43 33.71 -13.50
C SER D 7 -9.26 33.37 -12.03
N PRO D 8 -8.02 33.30 -11.53
CA PRO D 8 -6.84 33.45 -12.39
C PRO D 8 -6.52 32.17 -13.15
N ALA D 9 -5.74 32.30 -14.22
CA ALA D 9 -5.32 31.11 -14.95
C ALA D 9 -4.40 30.26 -14.10
N ILE D 10 -3.47 30.89 -13.40
CA ILE D 10 -2.52 30.20 -12.52
C ILE D 10 -2.52 30.92 -11.18
N MET D 11 -2.65 30.16 -10.10
CA MET D 11 -2.60 30.75 -8.77
C MET D 11 -1.95 29.78 -7.79
N SER D 12 -1.41 30.33 -6.71
CA SER D 12 -0.76 29.55 -5.68
C SER D 12 -1.37 29.89 -4.34
N ALA D 13 -1.54 28.88 -3.50
CA ALA D 13 -2.19 29.05 -2.20
C ALA D 13 -1.40 28.34 -1.13
N SER D 14 -1.31 28.98 0.03
CA SER D 14 -0.62 28.42 1.18
C SER D 14 -1.49 27.36 1.88
N PRO D 15 -0.90 26.48 2.66
CA PRO D 15 -1.69 25.50 3.40
C PRO D 15 -2.65 26.19 4.36
N GLY D 16 -3.88 25.69 4.41
CA GLY D 16 -4.91 26.27 5.23
C GLY D 16 -5.51 27.57 4.71
N GLU D 17 -5.01 28.10 3.60
CA GLU D 17 -5.51 29.34 3.05
C GLU D 17 -6.85 29.12 2.36
N LYS D 18 -7.70 30.14 2.39
CA LYS D 18 -8.95 30.11 1.64
C LYS D 18 -8.69 30.45 0.19
N VAL D 19 -9.30 29.69 -0.72
CA VAL D 19 -9.04 29.82 -2.15
C VAL D 19 -10.37 30.01 -2.88
N THR D 20 -10.41 30.99 -3.77
CA THR D 20 -11.59 31.26 -4.58
C THR D 20 -11.11 31.51 -6.00
N MET D 21 -11.65 30.75 -6.94
CA MET D 21 -11.39 30.95 -8.36
C MET D 21 -12.72 31.20 -9.05
N THR D 22 -12.70 32.08 -10.04
CA THR D 22 -13.92 32.52 -10.68
C THR D 22 -14.03 31.97 -12.10
N CYS D 23 -15.26 31.71 -12.50
CA CYS D 23 -15.58 31.30 -13.86
C CYS D 23 -16.68 32.22 -14.35
N SER D 24 -16.34 33.10 -15.29
CA SER D 24 -17.29 34.07 -15.84
C SER D 24 -17.71 33.64 -17.24
N ALA D 25 -18.98 33.87 -17.55
CA ALA D 25 -19.57 33.45 -18.81
C ALA D 25 -19.94 34.68 -19.63
N SER D 26 -19.68 34.60 -20.94
CA SER D 26 -20.01 35.70 -21.84
C SER D 26 -21.52 35.94 -21.94
N SER D 27 -22.33 34.94 -21.65
CA SER D 27 -23.78 35.11 -21.53
C SER D 27 -24.28 34.30 -20.34
N SER D 28 -25.49 34.64 -19.90
CA SER D 28 -26.07 34.03 -18.71
C SER D 28 -26.18 32.52 -18.89
N VAL D 29 -25.84 31.80 -17.83
CA VAL D 29 -26.04 30.35 -17.76
C VAL D 29 -26.74 30.06 -16.44
N SER D 30 -27.50 28.97 -16.44
CA SER D 30 -28.31 28.64 -15.26
C SER D 30 -27.54 27.81 -14.24
N TYR D 31 -26.56 27.04 -14.68
CA TYR D 31 -25.82 26.16 -13.79
C TYR D 31 -24.39 26.04 -14.30
N MET D 32 -23.48 25.68 -13.40
CA MET D 32 -22.08 25.53 -13.74
C MET D 32 -21.57 24.21 -13.21
N HIS D 33 -20.72 23.54 -13.98
CA HIS D 33 -20.07 22.31 -13.57
C HIS D 33 -18.58 22.54 -13.43
N TRP D 34 -17.93 21.68 -12.65
CA TRP D 34 -16.50 21.81 -12.40
C TRP D 34 -15.82 20.44 -12.44
N TYR D 35 -14.66 20.40 -13.08
CA TYR D 35 -13.84 19.20 -13.18
C TYR D 35 -12.46 19.47 -12.61
N GLN D 36 -11.89 18.48 -11.94
CA GLN D 36 -10.52 18.56 -11.41
C GLN D 36 -9.62 17.64 -12.24
N GLN D 37 -8.49 18.17 -12.69
CA GLN D 37 -7.47 17.38 -13.38
C GLN D 37 -6.14 17.53 -12.65
N LYS D 38 -5.66 16.43 -12.09
CA LYS D 38 -4.30 16.35 -11.58
C LYS D 38 -3.33 16.09 -12.72
N SER D 39 -2.08 16.51 -12.52
CA SER D 39 -1.07 16.39 -13.55
C SER D 39 -0.92 14.92 -14.00
N GLY D 40 -0.88 14.72 -15.31
CA GLY D 40 -0.72 13.39 -15.88
C GLY D 40 -1.86 12.44 -15.65
N THR D 41 -3.06 12.94 -15.36
CA THR D 41 -4.25 12.12 -15.20
C THR D 41 -5.42 12.76 -15.94
N SER D 42 -6.49 12.01 -16.05
CA SER D 42 -7.67 12.51 -16.74
C SER D 42 -8.50 13.40 -15.82
N PRO D 43 -9.25 14.34 -16.39
CA PRO D 43 -10.17 15.14 -15.56
C PRO D 43 -11.21 14.27 -14.89
N LYS D 44 -11.74 14.75 -13.78
CA LYS D 44 -12.81 14.07 -13.08
C LYS D 44 -13.87 15.07 -12.64
N ARG D 45 -15.14 14.67 -12.74
CA ARG D 45 -16.22 15.54 -12.28
C ARG D 45 -16.04 15.84 -10.81
N TRP D 46 -16.09 17.12 -10.47
CA TRP D 46 -15.85 17.59 -9.10
C TRP D 46 -17.08 18.25 -8.50
N ILE D 47 -17.66 19.22 -9.19
CA ILE D 47 -18.89 19.88 -8.75
C ILE D 47 -19.85 19.92 -9.93
N TYR D 48 -21.12 19.63 -9.66
CA TYR D 48 -22.17 19.71 -10.67
C TYR D 48 -23.33 20.52 -10.13
N ASP D 49 -24.09 21.09 -11.05
CA ASP D 49 -25.22 21.97 -10.72
C ASP D 49 -24.80 23.06 -9.74
N THR D 50 -23.70 23.75 -10.09
CA THR D 50 -23.19 24.91 -9.38
C THR D 50 -22.62 24.60 -8.01
N SER D 51 -23.35 23.83 -7.19
CA SER D 51 -22.99 23.67 -5.78
C SER D 51 -22.99 22.24 -5.26
N LYS D 52 -23.29 21.25 -6.10
CA LYS D 52 -23.39 19.87 -5.63
C LYS D 52 -22.05 19.16 -5.82
N LEU D 53 -21.52 18.60 -4.74
CA LEU D 53 -20.25 17.89 -4.77
C LEU D 53 -20.42 16.49 -5.33
N ALA D 54 -19.52 16.12 -6.24
CA ALA D 54 -19.44 14.74 -6.73
C ALA D 54 -19.00 13.81 -5.61
N SER D 55 -19.21 12.51 -5.82
CA SER D 55 -18.87 11.52 -4.81
C SER D 55 -17.38 11.56 -4.48
N GLY D 56 -17.08 11.49 -3.18
CA GLY D 56 -15.70 11.48 -2.73
C GLY D 56 -15.02 12.84 -2.68
N VAL D 57 -15.70 13.90 -3.08
CA VAL D 57 -15.11 15.24 -2.99
C VAL D 57 -15.21 15.71 -1.54
N PRO D 58 -14.11 16.14 -0.93
CA PRO D 58 -14.16 16.56 0.48
C PRO D 58 -14.97 17.82 0.67
N ALA D 59 -15.48 17.96 1.90
CA ALA D 59 -16.43 19.02 2.23
C ALA D 59 -15.81 20.41 2.20
N ARG D 60 -14.48 20.52 2.19
CA ARG D 60 -13.86 21.83 2.08
C ARG D 60 -14.08 22.48 0.72
N PHE D 61 -14.55 21.73 -0.26
CA PHE D 61 -14.87 22.29 -1.57
C PHE D 61 -16.32 22.77 -1.58
N SER D 62 -16.55 23.88 -2.28
CA SER D 62 -17.91 24.34 -2.53
C SER D 62 -17.92 25.15 -3.82
N GLY D 63 -19.10 25.28 -4.41
CA GLY D 63 -19.28 26.11 -5.59
C GLY D 63 -20.54 26.93 -5.46
N SER D 64 -20.53 28.09 -6.12
CA SER D 64 -21.69 28.97 -6.09
C SER D 64 -21.67 29.82 -7.36
N GLY D 65 -22.62 30.74 -7.45
CA GLY D 65 -22.72 31.66 -8.55
C GLY D 65 -24.08 31.61 -9.24
N SER D 66 -24.27 32.59 -10.12
CA SER D 66 -25.49 32.71 -10.91
C SER D 66 -25.21 33.65 -12.07
N GLY D 67 -26.07 33.58 -13.07
CA GLY D 67 -25.96 34.48 -14.21
C GLY D 67 -24.68 34.30 -14.98
N THR D 68 -23.79 35.28 -14.93
CA THR D 68 -22.53 35.23 -15.68
C THR D 68 -21.32 35.08 -14.77
N SER D 69 -21.52 34.83 -13.48
CA SER D 69 -20.40 34.78 -12.54
C SER D 69 -20.56 33.59 -11.61
N TYR D 70 -19.63 32.63 -11.71
CA TYR D 70 -19.62 31.45 -10.86
C TYR D 70 -18.23 31.29 -10.26
N SER D 71 -18.13 30.45 -9.24
CA SER D 71 -16.89 30.32 -8.51
C SER D 71 -16.79 28.96 -7.85
N LEU D 72 -15.56 28.53 -7.61
CA LEU D 72 -15.23 27.36 -6.82
C LEU D 72 -14.36 27.78 -5.66
N THR D 73 -14.65 27.26 -4.47
CA THR D 73 -13.99 27.71 -3.24
C THR D 73 -13.49 26.53 -2.44
N ILE D 74 -12.26 26.63 -1.95
CA ILE D 74 -11.71 25.71 -0.97
C ILE D 74 -11.58 26.46 0.35
N SER D 75 -12.29 25.99 1.38
CA SER D 75 -12.31 26.72 2.64
C SER D 75 -10.93 26.75 3.28
N SER D 76 -10.20 25.63 3.21
CA SER D 76 -8.87 25.52 3.80
C SER D 76 -8.01 24.67 2.88
N MET D 77 -7.03 25.31 2.23
CA MET D 77 -6.22 24.66 1.21
C MET D 77 -5.39 23.51 1.79
N GLU D 78 -5.41 22.39 1.09
CA GLU D 78 -4.56 21.25 1.42
C GLU D 78 -3.70 20.88 0.22
N ALA D 79 -2.59 20.20 0.50
CA ALA D 79 -1.59 19.94 -0.53
C ALA D 79 -2.16 19.09 -1.67
N GLU D 80 -3.05 18.14 -1.34
CA GLU D 80 -3.64 17.28 -2.36
C GLU D 80 -4.61 18.04 -3.28
N ASP D 81 -4.92 19.29 -2.98
CA ASP D 81 -5.81 20.08 -3.84
C ASP D 81 -5.07 20.74 -5.00
N ALA D 82 -3.76 20.56 -5.10
CA ALA D 82 -3.01 21.08 -6.23
C ALA D 82 -3.43 20.34 -7.49
N ALA D 83 -3.95 21.10 -8.45
CA ALA D 83 -4.52 20.54 -9.66
C ALA D 83 -5.02 21.69 -10.51
N THR D 84 -5.56 21.36 -11.66
CA THR D 84 -6.22 22.30 -12.55
C THR D 84 -7.73 22.06 -12.50
N TYR D 85 -8.49 23.15 -12.36
CA TYR D 85 -9.94 23.07 -12.24
C TYR D 85 -10.56 23.72 -13.47
N TYR D 86 -11.39 22.96 -14.18
CA TYR D 86 -12.09 23.45 -15.36
C TYR D 86 -13.57 23.57 -15.07
N CYS D 87 -14.15 24.73 -15.39
CA CYS D 87 -15.59 24.92 -15.35
C CYS D 87 -16.19 24.62 -16.72
N GLN D 88 -17.49 24.31 -16.72
CA GLN D 88 -18.16 23.90 -17.93
C GLN D 88 -19.64 24.20 -17.83
N GLN D 89 -20.23 24.66 -18.93
CA GLN D 89 -21.65 24.99 -18.99
C GLN D 89 -22.34 24.15 -20.05
N TRP D 90 -23.65 23.97 -19.89
CA TRP D 90 -24.44 23.45 -21.00
C TRP D 90 -25.85 24.05 -21.02
N SER D 91 -26.01 25.27 -20.49
CA SER D 91 -27.23 26.02 -20.74
C SER D 91 -27.37 26.38 -22.20
N SER D 92 -26.25 26.43 -22.94
CA SER D 92 -26.26 26.72 -24.36
C SER D 92 -25.53 25.60 -25.10
N ASN D 93 -25.98 25.35 -26.33
CA ASN D 93 -25.36 24.33 -27.16
C ASN D 93 -24.44 25.00 -28.17
N PRO D 94 -23.22 24.50 -28.40
CA PRO D 94 -22.61 23.33 -27.76
C PRO D 94 -22.08 23.62 -26.35
N PRO D 95 -21.86 22.58 -25.54
CA PRO D 95 -21.22 22.79 -24.24
C PRO D 95 -19.81 23.35 -24.43
N THR D 96 -19.39 24.19 -23.49
CA THR D 96 -18.08 24.81 -23.56
C THR D 96 -17.39 24.70 -22.20
N PHE D 97 -16.07 24.77 -22.24
CA PHE D 97 -15.22 24.70 -21.06
C PHE D 97 -14.43 25.99 -20.91
N GLY D 98 -14.12 26.35 -19.68
CA GLY D 98 -13.12 27.37 -19.43
C GLY D 98 -11.72 26.86 -19.69
N ALA D 99 -10.76 27.79 -19.67
CA ALA D 99 -9.38 27.40 -19.92
C ALA D 99 -8.68 26.89 -18.67
N GLY D 100 -9.35 26.88 -17.53
CA GLY D 100 -8.83 26.25 -16.33
C GLY D 100 -8.15 27.23 -15.39
N THR D 101 -8.20 26.91 -14.11
CA THR D 101 -7.38 27.56 -13.10
C THR D 101 -6.40 26.54 -12.55
N LYS D 102 -5.11 26.81 -12.73
CA LYS D 102 -4.05 25.94 -12.23
C LYS D 102 -3.73 26.39 -10.81
N LEU D 103 -4.05 25.54 -9.83
CA LEU D 103 -3.82 25.85 -8.43
C LEU D 103 -2.56 25.11 -7.96
N GLU D 104 -1.59 25.86 -7.44
CA GLU D 104 -0.31 25.32 -7.02
C GLU D 104 -0.05 25.66 -5.56
N LEU D 105 0.97 25.00 -4.97
CA LEU D 105 1.29 25.21 -3.57
C LEU D 105 2.20 26.43 -3.41
N LYS D 106 1.78 27.36 -2.56
CA LYS D 106 2.61 28.52 -2.24
C LYS D 106 3.57 28.16 -1.12
N ARG D 107 4.85 28.50 -1.31
CA ARG D 107 5.91 28.32 -0.32
C ARG D 107 6.69 29.62 -0.25
N THR D 108 7.69 29.67 0.64
CA THR D 108 8.48 30.89 0.74
C THR D 108 9.33 31.10 -0.51
N VAL D 109 9.80 32.33 -0.66
CA VAL D 109 10.68 32.67 -1.77
C VAL D 109 11.99 31.94 -1.63
N ALA D 110 12.47 31.37 -2.73
CA ALA D 110 13.77 30.70 -2.78
C ALA D 110 14.51 31.16 -4.01
N ALA D 111 15.71 31.71 -3.82
CA ALA D 111 16.48 32.19 -4.95
C ALA D 111 17.02 31.02 -5.77
N PRO D 112 17.12 31.18 -7.08
CA PRO D 112 17.70 30.11 -7.91
C PRO D 112 19.20 30.04 -7.77
N SER D 113 19.72 28.81 -7.86
CA SER D 113 21.13 28.57 -8.12
C SER D 113 21.33 28.56 -9.64
N VAL D 114 22.24 29.39 -10.13
CA VAL D 114 22.42 29.59 -11.57
C VAL D 114 23.73 28.92 -11.99
N PHE D 115 23.68 28.18 -13.10
CA PHE D 115 24.85 27.53 -13.67
C PHE D 115 24.82 27.71 -15.17
N ILE D 116 25.99 27.88 -15.79
CA ILE D 116 26.07 28.02 -17.24
C ILE D 116 26.99 26.95 -17.80
N PHE D 117 26.62 26.39 -18.95
CA PHE D 117 27.36 25.32 -19.60
C PHE D 117 27.75 25.75 -21.00
N PRO D 118 29.04 25.87 -21.31
CA PRO D 118 29.46 26.16 -22.69
C PRO D 118 29.21 24.94 -23.58
N PRO D 119 29.18 25.12 -24.89
CA PRO D 119 28.91 23.99 -25.78
C PRO D 119 30.00 22.95 -25.73
N SER D 120 29.59 21.69 -25.86
CA SER D 120 30.51 20.57 -25.85
C SER D 120 31.36 20.55 -27.11
N ASP D 121 32.54 19.93 -27.00
CA ASP D 121 33.40 19.75 -28.15
C ASP D 121 32.73 18.89 -29.22
N GLU D 122 31.97 17.87 -28.79
CA GLU D 122 31.30 17.00 -29.75
C GLU D 122 30.34 17.79 -30.63
N GLN D 123 29.52 18.65 -30.01
CA GLN D 123 28.56 19.41 -30.80
C GLN D 123 29.27 20.45 -31.67
N LEU D 124 30.37 21.01 -31.18
CA LEU D 124 31.16 21.92 -32.00
C LEU D 124 31.68 21.22 -33.25
N LYS D 125 31.97 19.91 -33.16
CA LYS D 125 32.34 19.16 -34.35
C LYS D 125 31.22 19.10 -35.37
N SER D 126 29.97 19.02 -34.90
CA SER D 126 28.81 18.89 -35.79
C SER D 126 28.37 20.22 -36.40
N GLY D 127 28.95 21.34 -35.98
CA GLY D 127 28.69 22.62 -36.62
C GLY D 127 27.65 23.51 -35.95
N THR D 128 27.13 23.14 -34.78
CA THR D 128 26.23 24.01 -34.03
C THR D 128 26.73 24.12 -32.60
N ALA D 129 26.29 25.19 -31.91
CA ALA D 129 26.71 25.47 -30.55
C ALA D 129 25.48 25.72 -29.69
N SER D 130 25.31 24.94 -28.63
CA SER D 130 24.23 25.11 -27.67
C SER D 130 24.79 25.54 -26.32
N VAL D 131 24.33 26.70 -25.84
CA VAL D 131 24.73 27.21 -24.53
C VAL D 131 23.53 27.07 -23.61
N VAL D 132 23.75 26.44 -22.46
CA VAL D 132 22.67 26.09 -21.56
C VAL D 132 22.86 26.86 -20.26
N CYS D 133 21.79 27.53 -19.82
CA CYS D 133 21.79 28.22 -18.54
C CYS D 133 20.70 27.59 -17.68
N LEU D 134 21.08 27.19 -16.46
CA LEU D 134 20.22 26.41 -15.58
C LEU D 134 19.87 27.20 -14.33
N LEU D 135 18.58 27.29 -14.02
CA LEU D 135 18.06 27.91 -12.80
C LEU D 135 17.46 26.79 -11.95
N ASN D 136 18.07 26.51 -10.81
CA ASN D 136 17.76 25.31 -10.03
C ASN D 136 17.06 25.67 -8.73
N ASN D 137 15.93 25.01 -8.48
CA ASN D 137 15.21 25.02 -7.20
C ASN D 137 14.93 26.44 -6.71
N PHE D 138 13.98 27.09 -7.38
CA PHE D 138 13.60 28.44 -7.02
C PHE D 138 12.09 28.53 -6.89
N TYR D 139 11.63 29.63 -6.28
CA TYR D 139 10.21 29.90 -6.12
C TYR D 139 10.05 31.39 -5.88
N PRO D 140 9.04 32.04 -6.47
CA PRO D 140 8.01 31.53 -7.38
C PRO D 140 8.56 31.26 -8.78
N ARG D 141 7.68 30.89 -9.71
CA ARG D 141 8.12 30.50 -11.04
C ARG D 141 8.68 31.66 -11.85
N GLU D 142 8.14 32.86 -11.66
CA GLU D 142 8.48 34.00 -12.50
C GLU D 142 9.96 34.33 -12.40
N ALA D 143 10.62 34.40 -13.56
CA ALA D 143 12.04 34.67 -13.63
C ALA D 143 12.35 35.26 -15.00
N LYS D 144 13.20 36.28 -15.03
CA LYS D 144 13.65 36.87 -16.28
C LYS D 144 15.06 36.37 -16.55
N VAL D 145 15.24 35.63 -17.65
CA VAL D 145 16.52 35.05 -18.02
C VAL D 145 16.90 35.62 -19.39
N GLN D 146 17.97 36.40 -19.45
CA GLN D 146 18.38 37.09 -20.67
C GLN D 146 19.76 36.63 -21.09
N TRP D 147 19.91 36.36 -22.38
CA TRP D 147 21.19 35.99 -22.97
C TRP D 147 21.86 37.22 -23.58
N LYS D 148 23.13 37.43 -23.25
CA LYS D 148 23.90 38.55 -23.78
C LYS D 148 25.21 38.02 -24.33
N VAL D 149 25.46 38.31 -25.61
CA VAL D 149 26.66 37.84 -26.30
C VAL D 149 27.42 39.09 -26.73
N ASP D 150 28.58 39.32 -26.13
CA ASP D 150 29.28 40.60 -26.23
C ASP D 150 28.31 41.77 -26.03
N ASN D 151 27.58 41.73 -24.92
CA ASN D 151 26.63 42.75 -24.51
C ASN D 151 25.43 42.88 -25.45
N ALA D 152 25.32 42.03 -26.46
CA ALA D 152 24.18 42.07 -27.37
C ALA D 152 23.08 41.18 -26.81
N LEU D 153 21.92 41.77 -26.52
CA LEU D 153 20.79 41.00 -26.04
C LEU D 153 20.31 40.06 -27.14
N GLN D 154 20.13 38.79 -26.78
CA GLN D 154 19.71 37.78 -27.74
C GLN D 154 18.19 37.67 -27.81
N SER D 155 17.69 37.44 -29.02
CA SER D 155 16.26 37.35 -29.25
C SER D 155 15.97 36.26 -30.28
N GLY D 156 14.92 35.47 -30.01
CA GLY D 156 14.43 34.49 -30.94
C GLY D 156 15.30 33.26 -31.14
N ASN D 157 16.42 33.16 -30.44
CA ASN D 157 17.33 32.01 -30.60
C ASN D 157 17.53 31.24 -29.30
N SER D 158 16.62 31.39 -28.34
CA SER D 158 16.68 30.63 -27.10
C SER D 158 15.30 30.11 -26.74
N GLN D 159 15.28 29.03 -25.94
CA GLN D 159 14.05 28.41 -25.49
C GLN D 159 14.17 27.99 -24.04
N GLU D 160 13.07 28.18 -23.29
CA GLU D 160 13.01 27.85 -21.88
C GLU D 160 12.14 26.62 -21.66
N SER D 161 12.54 25.80 -20.69
CA SER D 161 11.74 24.66 -20.25
C SER D 161 11.69 24.66 -18.73
N VAL D 162 10.53 24.37 -18.16
CA VAL D 162 10.33 24.47 -16.72
C VAL D 162 9.76 23.15 -16.20
N THR D 163 10.28 22.70 -15.07
CA THR D 163 9.75 21.51 -14.43
C THR D 163 8.44 21.83 -13.72
N GLU D 164 7.70 20.77 -13.41
CA GLU D 164 6.58 20.92 -12.50
C GLU D 164 7.09 21.16 -11.08
N GLN D 165 6.22 21.69 -10.24
CA GLN D 165 6.54 21.95 -8.84
C GLN D 165 7.02 20.69 -8.14
N ASP D 166 8.21 20.76 -7.55
CA ASP D 166 8.84 19.62 -6.91
C ASP D 166 8.01 19.10 -5.73
N SER D 167 7.92 17.78 -5.63
CA SER D 167 7.06 17.18 -4.61
C SER D 167 7.59 17.38 -3.20
N LYS D 168 8.90 17.58 -3.02
CA LYS D 168 9.48 17.71 -1.68
C LYS D 168 9.58 19.16 -1.21
N ASP D 169 10.18 20.04 -2.00
CA ASP D 169 10.41 21.42 -1.58
C ASP D 169 9.60 22.43 -2.38
N SER D 170 8.70 21.98 -3.25
CA SER D 170 7.76 22.83 -3.97
C SER D 170 8.45 23.86 -4.87
N THR D 171 9.72 23.67 -5.21
CA THR D 171 10.41 24.63 -6.08
C THR D 171 10.22 24.25 -7.54
N TYR D 172 10.63 25.16 -8.40
CA TYR D 172 10.78 24.93 -9.83
C TYR D 172 12.25 24.95 -10.21
N SER D 173 12.54 24.36 -11.36
CA SER D 173 13.82 24.50 -12.03
C SER D 173 13.56 24.81 -13.50
N LEU D 174 14.46 25.60 -14.09
CA LEU D 174 14.29 26.11 -15.44
C LEU D 174 15.59 26.01 -16.20
N SER D 175 15.51 25.65 -17.48
CA SER D 175 16.67 25.64 -18.37
C SER D 175 16.40 26.61 -19.51
N SER D 176 17.38 27.45 -19.80
CA SER D 176 17.37 28.30 -21.00
C SER D 176 18.51 27.86 -21.92
N THR D 177 18.16 27.45 -23.13
CA THR D 177 19.13 26.95 -24.11
C THR D 177 19.27 27.94 -25.25
N LEU D 178 20.49 28.45 -25.44
CA LEU D 178 20.82 29.33 -26.55
C LEU D 178 21.48 28.51 -27.65
N THR D 179 20.88 28.48 -28.83
CA THR D 179 21.38 27.69 -29.95
C THR D 179 21.86 28.62 -31.06
N LEU D 180 23.13 28.46 -31.45
CA LEU D 180 23.76 29.25 -32.51
C LEU D 180 24.50 28.31 -33.45
N SER D 181 24.72 28.77 -34.68
CA SER D 181 25.63 28.05 -35.56
C SER D 181 27.05 28.16 -35.02
N LYS D 182 27.88 27.16 -35.35
CA LYS D 182 29.27 27.20 -34.94
C LYS D 182 29.95 28.47 -35.45
N ALA D 183 29.61 28.89 -36.68
CA ALA D 183 30.20 30.09 -37.25
C ALA D 183 29.84 31.33 -36.42
N ASP D 184 28.55 31.53 -36.14
CA ASP D 184 28.15 32.66 -35.32
C ASP D 184 28.72 32.56 -33.91
N TYR D 185 28.80 31.34 -33.37
CA TYR D 185 29.37 31.17 -32.04
C TYR D 185 30.81 31.64 -31.99
N GLU D 186 31.60 31.31 -33.02
CA GLU D 186 32.99 31.73 -33.05
C GLU D 186 33.16 33.18 -33.48
N LYS D 187 32.08 33.91 -33.72
CA LYS D 187 32.16 35.32 -34.07
C LYS D 187 32.15 36.22 -32.83
N HIS D 188 31.97 35.67 -31.63
CA HIS D 188 31.87 36.46 -30.42
C HIS D 188 32.63 35.79 -29.30
N LYS D 189 32.86 36.54 -28.22
CA LYS D 189 33.74 36.05 -27.17
C LYS D 189 33.02 35.78 -25.86
N VAL D 190 32.21 36.72 -25.36
CA VAL D 190 31.62 36.64 -24.03
C VAL D 190 30.16 36.20 -24.12
N TYR D 191 29.84 35.09 -23.45
CA TYR D 191 28.49 34.53 -23.43
C TYR D 191 27.96 34.58 -22.00
N ALA D 192 26.89 35.35 -21.81
CA ALA D 192 26.40 35.63 -20.47
C ALA D 192 24.93 35.28 -20.34
N CYS D 193 24.58 34.70 -19.20
CA CYS D 193 23.20 34.43 -18.80
C CYS D 193 22.90 35.26 -17.56
N GLU D 194 21.93 36.17 -17.68
CA GLU D 194 21.58 37.06 -16.57
C GLU D 194 20.19 36.73 -16.05
N VAL D 195 20.10 36.49 -14.75
CA VAL D 195 18.88 36.01 -14.11
C VAL D 195 18.39 37.06 -13.12
N THR D 196 17.15 37.50 -13.31
CA THR D 196 16.46 38.39 -12.40
C THR D 196 15.34 37.60 -11.73
N HIS D 197 15.30 37.63 -10.41
CA HIS D 197 14.32 36.85 -9.67
C HIS D 197 14.06 37.51 -8.32
N GLN D 198 12.82 37.36 -7.84
CA GLN D 198 12.41 38.01 -6.60
C GLN D 198 13.32 37.65 -5.43
N GLY D 199 13.86 36.44 -5.43
CA GLY D 199 14.72 35.97 -4.37
C GLY D 199 16.14 36.48 -4.43
N LEU D 200 16.53 37.16 -5.50
CA LEU D 200 17.85 37.75 -5.60
C LEU D 200 17.76 39.25 -5.39
N ARG D 201 18.63 39.78 -4.54
CA ARG D 201 18.62 41.21 -4.29
C ARG D 201 19.02 41.99 -5.53
N SER D 202 19.91 41.44 -6.34
CA SER D 202 20.25 42.01 -7.63
C SER D 202 20.42 40.85 -8.60
N PRO D 203 20.21 41.09 -9.90
CA PRO D 203 20.29 39.98 -10.85
C PRO D 203 21.66 39.30 -10.78
N VAL D 204 21.66 38.00 -11.05
CA VAL D 204 22.87 37.18 -11.04
C VAL D 204 23.27 36.91 -12.49
N THR D 205 24.58 37.04 -12.77
CA THR D 205 25.11 36.77 -14.10
C THR D 205 26.16 35.67 -14.03
N LYS D 206 25.98 34.64 -14.85
CA LYS D 206 26.98 33.63 -15.10
C LYS D 206 27.41 33.74 -16.56
N SER D 207 28.71 33.85 -16.78
CA SER D 207 29.24 34.06 -18.11
C SER D 207 30.57 33.32 -18.24
N PHE D 208 31.01 33.18 -19.50
CA PHE D 208 32.32 32.62 -19.80
C PHE D 208 32.83 33.29 -21.06
N ASN D 209 34.15 33.33 -21.20
CA ASN D 209 34.76 33.74 -22.46
C ASN D 209 35.04 32.51 -23.30
N ARG D 210 34.68 32.57 -24.58
CA ARG D 210 34.88 31.44 -25.48
C ARG D 210 36.37 31.18 -25.64
N GLY D 211 36.81 29.99 -25.25
CA GLY D 211 38.19 29.59 -25.30
C GLY D 211 38.96 29.70 -24.00
N GLU D 212 38.32 30.10 -22.92
CA GLU D 212 38.87 29.93 -21.57
C GLU D 212 38.35 28.66 -20.91
N CYS D 213 37.82 27.75 -21.72
CA CYS D 213 37.33 26.45 -21.28
C CYS D 213 38.05 25.44 -22.16
N ALA D 214 38.62 24.41 -21.55
CA ALA D 214 39.42 23.44 -22.30
C ALA D 214 38.64 22.88 -23.49
N ALA D 215 39.24 22.97 -24.67
CA ALA D 215 38.59 22.53 -25.90
C ALA D 215 39.66 22.03 -26.86
N ALA D 216 39.26 21.78 -28.10
CA ALA D 216 40.20 21.37 -29.14
C ALA D 216 41.03 22.54 -29.65
N HIS D 217 40.45 23.74 -29.69
CA HIS D 217 41.14 24.96 -30.11
C HIS D 217 40.33 26.19 -29.73
N GLU E 1 16.12 -1.37 -20.63
CA GLU E 1 15.53 -2.71 -20.58
C GLU E 1 15.74 -3.47 -21.88
N VAL E 2 16.06 -4.75 -21.75
CA VAL E 2 16.23 -5.62 -22.91
C VAL E 2 14.87 -6.05 -23.44
N GLN E 3 14.67 -5.91 -24.75
CA GLN E 3 13.40 -6.25 -25.35
C GLN E 3 13.64 -6.86 -26.72
N LEU E 4 12.94 -7.95 -27.02
CA LEU E 4 12.95 -8.59 -28.34
C LEU E 4 11.52 -8.59 -28.88
N GLN E 5 11.23 -7.66 -29.79
CA GLN E 5 9.89 -7.50 -30.35
C GLN E 5 9.83 -8.20 -31.71
N GLN E 6 8.99 -9.22 -31.82
CA GLN E 6 8.85 -9.99 -33.05
C GLN E 6 7.61 -9.57 -33.83
N SER E 7 7.67 -9.72 -35.15
CA SER E 7 6.59 -9.32 -36.03
C SER E 7 5.34 -10.17 -35.77
N GLY E 8 4.22 -9.69 -36.29
CA GLY E 8 2.94 -10.32 -36.02
C GLY E 8 2.80 -11.70 -36.64
N ALA E 9 1.71 -12.36 -36.28
CA ALA E 9 1.42 -13.70 -36.78
C ALA E 9 1.33 -13.70 -38.31
N GLU E 10 1.65 -14.85 -38.89
CA GLU E 10 1.70 -14.99 -40.34
C GLU E 10 0.89 -16.22 -40.76
N LEU E 11 0.14 -16.06 -41.85
CA LEU E 11 -0.59 -17.14 -42.49
C LEU E 11 -0.04 -17.34 -43.89
N ALA E 12 0.19 -18.60 -44.26
CA ALA E 12 0.76 -18.93 -45.57
C ALA E 12 0.13 -20.21 -46.09
N LYS E 13 0.23 -20.40 -47.39
CA LYS E 13 -0.28 -21.61 -48.01
C LYS E 13 0.85 -22.59 -48.27
N PRO E 14 0.55 -23.88 -48.46
CA PRO E 14 1.61 -24.86 -48.70
C PRO E 14 2.48 -24.46 -49.88
N GLY E 15 3.79 -24.67 -49.72
CA GLY E 15 4.75 -24.32 -50.74
C GLY E 15 5.16 -22.86 -50.76
N ALA E 16 4.46 -22.00 -50.03
CA ALA E 16 4.79 -20.59 -50.01
C ALA E 16 6.00 -20.33 -49.11
N SER E 17 6.35 -19.05 -48.98
CA SER E 17 7.41 -18.60 -48.10
C SER E 17 6.89 -17.49 -47.19
N VAL E 18 7.60 -17.29 -46.08
CA VAL E 18 7.27 -16.26 -45.11
C VAL E 18 8.58 -15.75 -44.51
N LYS E 19 8.60 -14.48 -44.12
CA LYS E 19 9.75 -13.87 -43.49
C LYS E 19 9.28 -13.09 -42.27
N MET E 20 9.95 -13.31 -41.13
CA MET E 20 9.56 -12.76 -39.85
C MET E 20 10.73 -11.95 -39.27
N SER E 21 10.39 -11.02 -38.38
CA SER E 21 11.37 -10.07 -37.86
C SER E 21 11.54 -10.27 -36.35
N CYS E 22 12.64 -9.74 -35.83
CA CYS E 22 12.96 -9.88 -34.40
C CYS E 22 13.71 -8.61 -34.01
N LYS E 23 13.00 -7.69 -33.36
CA LYS E 23 13.56 -6.39 -33.08
C LYS E 23 14.18 -6.33 -31.70
N ALA E 24 15.48 -6.02 -31.67
CA ALA E 24 16.26 -6.00 -30.44
C ALA E 24 16.50 -4.58 -29.93
N SER E 25 16.31 -4.40 -28.63
CA SER E 25 16.60 -3.12 -28.00
C SER E 25 17.04 -3.38 -26.56
N GLY E 26 17.78 -2.42 -26.00
CA GLY E 26 18.22 -2.52 -24.63
C GLY E 26 19.52 -3.23 -24.38
N TYR E 27 20.19 -3.72 -25.43
CA TYR E 27 21.45 -4.41 -25.25
C TYR E 27 22.25 -4.30 -26.55
N THR E 28 23.54 -4.63 -26.46
CA THR E 28 24.42 -4.61 -27.63
C THR E 28 24.00 -5.71 -28.58
N PHE E 29 23.32 -5.32 -29.66
CA PHE E 29 22.81 -6.29 -30.63
C PHE E 29 23.91 -7.14 -31.26
N THR E 30 25.09 -6.54 -31.48
CA THR E 30 26.14 -7.22 -32.23
C THR E 30 26.97 -8.19 -31.40
N SER E 31 27.00 -8.04 -30.08
CA SER E 31 27.88 -8.85 -29.25
C SER E 31 27.22 -10.15 -28.79
N TYR E 32 25.98 -10.41 -29.20
CA TYR E 32 25.24 -11.60 -28.79
C TYR E 32 24.68 -12.29 -30.04
N TRP E 33 24.83 -13.61 -30.08
CA TRP E 33 24.26 -14.41 -31.15
C TRP E 33 22.76 -14.53 -31.01
N MET E 34 22.05 -14.37 -32.12
CA MET E 34 20.58 -14.49 -32.13
C MET E 34 20.21 -15.90 -32.55
N HIS E 35 19.71 -16.69 -31.62
CA HIS E 35 19.25 -18.04 -31.92
C HIS E 35 17.77 -18.03 -32.24
N TRP E 36 17.32 -19.06 -32.94
CA TRP E 36 15.92 -19.21 -33.28
C TRP E 36 15.45 -20.60 -32.88
N VAL E 37 14.26 -20.65 -32.26
CA VAL E 37 13.70 -21.89 -31.73
C VAL E 37 12.27 -22.05 -32.24
N LYS E 38 11.90 -23.29 -32.52
CA LYS E 38 10.59 -23.64 -33.03
C LYS E 38 9.82 -24.43 -31.96
N GLN E 39 8.55 -24.08 -31.78
CA GLN E 39 7.70 -24.70 -30.75
C GLN E 39 6.41 -25.17 -31.39
N ARG E 40 6.20 -26.50 -31.41
CA ARG E 40 4.89 -27.03 -31.75
C ARG E 40 4.33 -27.82 -30.56
N PRO E 41 3.01 -27.80 -30.37
CA PRO E 41 2.42 -28.59 -29.29
C PRO E 41 2.57 -30.08 -29.55
N GLY E 42 2.78 -30.83 -28.47
CA GLY E 42 3.03 -32.25 -28.54
C GLY E 42 4.42 -32.64 -28.98
N GLN E 43 5.22 -31.70 -29.45
CA GLN E 43 6.64 -31.86 -29.76
C GLN E 43 7.44 -31.01 -28.80
N GLY E 44 8.76 -31.15 -28.85
CA GLY E 44 9.56 -30.42 -27.89
C GLY E 44 9.80 -29.00 -28.35
N LEU E 45 11.03 -28.53 -28.18
CA LEU E 45 11.49 -27.31 -28.81
C LEU E 45 12.64 -27.70 -29.71
N GLU E 46 12.69 -27.09 -30.88
CA GLU E 46 13.70 -27.42 -31.87
C GLU E 46 14.57 -26.20 -32.11
N TRP E 47 15.89 -26.43 -32.07
CA TRP E 47 16.86 -25.37 -32.31
C TRP E 47 17.06 -25.25 -33.82
N ILE E 48 16.79 -24.07 -34.36
CA ILE E 48 16.87 -23.86 -35.80
C ILE E 48 18.29 -23.47 -36.22
N GLY E 49 18.85 -22.47 -35.56
CA GLY E 49 20.18 -21.99 -35.90
C GLY E 49 20.43 -20.68 -35.18
N TYR E 50 21.60 -20.11 -35.48
CA TYR E 50 21.95 -18.83 -34.90
C TYR E 50 22.63 -17.98 -35.96
N ILE E 51 22.63 -16.68 -35.72
CA ILE E 51 23.34 -15.73 -36.57
C ILE E 51 24.19 -14.84 -35.67
N ASN E 52 25.40 -14.58 -36.10
CA ASN E 52 26.25 -13.60 -35.43
C ASN E 52 26.10 -12.25 -36.11
N PRO E 53 25.37 -11.30 -35.52
CA PRO E 53 25.19 -9.99 -36.17
C PRO E 53 26.50 -9.26 -36.35
N SER E 54 27.52 -9.58 -35.56
CA SER E 54 28.82 -8.93 -35.70
C SER E 54 29.48 -9.28 -37.04
N THR E 55 29.44 -10.55 -37.44
CA THR E 55 30.11 -11.00 -38.64
C THR E 55 29.16 -11.45 -39.74
N GLY E 56 27.90 -11.71 -39.43
CA GLY E 56 26.96 -12.26 -40.39
C GLY E 56 27.08 -13.74 -40.63
N TYR E 57 28.00 -14.42 -39.94
CA TYR E 57 28.15 -15.86 -40.10
C TYR E 57 26.95 -16.59 -39.51
N THR E 58 26.51 -17.64 -40.20
CA THR E 58 25.34 -18.38 -39.79
C THR E 58 25.68 -19.86 -39.67
N GLU E 59 25.09 -20.51 -38.67
CA GLU E 59 25.16 -21.94 -38.49
C GLU E 59 23.74 -22.47 -38.34
N TYR E 60 23.47 -23.62 -38.96
CA TYR E 60 22.12 -24.14 -39.02
C TYR E 60 22.06 -25.54 -38.44
N ASN E 61 20.94 -25.85 -37.81
CA ASN E 61 20.60 -27.23 -37.55
C ASN E 61 20.38 -27.93 -38.89
N GLN E 62 21.09 -29.04 -39.09
CA GLN E 62 20.97 -29.83 -40.31
C GLN E 62 19.52 -30.06 -40.72
N LYS E 63 18.62 -30.17 -39.74
CA LYS E 63 17.20 -30.37 -40.05
C LYS E 63 16.59 -29.16 -40.75
N PHE E 64 17.17 -27.98 -40.57
CA PHE E 64 16.62 -26.74 -41.11
C PHE E 64 17.53 -26.07 -42.12
N LYS E 65 18.55 -26.78 -42.61
CA LYS E 65 19.51 -26.18 -43.52
C LYS E 65 18.83 -25.68 -44.79
N ASP E 66 17.92 -26.48 -45.35
CA ASP E 66 17.23 -26.12 -46.59
C ASP E 66 15.92 -25.40 -46.37
N LYS E 67 15.50 -25.20 -45.11
CA LYS E 67 14.22 -24.59 -44.80
C LYS E 67 14.33 -23.13 -44.34
N ALA E 68 15.30 -22.81 -43.50
CA ALA E 68 15.39 -21.50 -42.86
C ALA E 68 16.60 -20.73 -43.37
N THR E 69 16.47 -19.41 -43.38
CA THR E 69 17.57 -18.52 -43.74
C THR E 69 17.58 -17.33 -42.79
N LEU E 70 18.71 -17.12 -42.11
CA LEU E 70 18.84 -16.11 -41.06
C LEU E 70 19.63 -14.92 -41.55
N THR E 71 19.05 -13.73 -41.42
CA THR E 71 19.69 -12.47 -41.77
C THR E 71 19.66 -11.53 -40.58
N ALA E 72 20.55 -10.53 -40.61
CA ALA E 72 20.59 -9.50 -39.58
C ALA E 72 20.96 -8.17 -40.21
N ASP E 73 20.38 -7.10 -39.69
CA ASP E 73 20.69 -5.74 -40.12
C ASP E 73 21.15 -4.96 -38.90
N LYS E 74 22.40 -4.50 -38.93
CA LYS E 74 23.02 -3.90 -37.76
C LYS E 74 22.37 -2.57 -37.42
N SER E 75 22.21 -1.70 -38.43
CA SER E 75 21.69 -0.35 -38.19
C SER E 75 20.29 -0.39 -37.59
N SER E 76 19.53 -1.43 -37.87
CA SER E 76 18.17 -1.55 -37.36
C SER E 76 18.06 -2.48 -36.16
N SER E 77 19.16 -3.12 -35.74
CA SER E 77 19.15 -4.03 -34.60
C SER E 77 18.06 -5.08 -34.73
N THR E 78 17.87 -5.59 -35.94
CA THR E 78 16.80 -6.54 -36.25
C THR E 78 17.40 -7.77 -36.91
N ALA E 79 17.03 -8.95 -36.41
CA ALA E 79 17.34 -10.20 -37.07
C ALA E 79 16.08 -10.74 -37.75
N TYR E 80 16.26 -11.38 -38.90
CA TYR E 80 15.16 -11.91 -39.67
C TYR E 80 15.35 -13.40 -39.93
N MET E 81 14.24 -14.12 -40.07
CA MET E 81 14.26 -15.53 -40.46
C MET E 81 13.22 -15.76 -41.55
N GLN E 82 13.64 -16.35 -42.67
CA GLN E 82 12.70 -16.71 -43.71
C GLN E 82 12.56 -18.23 -43.75
N LEU E 83 11.32 -18.70 -43.94
CA LEU E 83 11.02 -20.12 -43.99
C LEU E 83 10.43 -20.45 -45.35
N SER E 84 11.05 -21.37 -46.07
CA SER E 84 10.70 -21.70 -47.44
C SER E 84 10.03 -23.07 -47.50
N SER E 85 9.40 -23.34 -48.64
CA SER E 85 8.73 -24.61 -48.92
C SER E 85 7.85 -25.03 -47.74
N LEU E 86 6.91 -24.15 -47.40
CA LEU E 86 6.16 -24.31 -46.17
C LEU E 86 5.17 -25.47 -46.26
N THR E 87 5.10 -26.26 -45.19
CA THR E 87 4.15 -27.34 -45.04
C THR E 87 3.42 -27.15 -43.71
N SER E 88 2.31 -27.88 -43.56
CA SER E 88 1.54 -27.82 -42.32
C SER E 88 2.41 -28.18 -41.12
N GLU E 89 3.46 -28.98 -41.33
CA GLU E 89 4.39 -29.32 -40.26
C GLU E 89 5.23 -28.14 -39.82
N ASP E 90 5.21 -27.03 -40.57
CA ASP E 90 5.91 -25.82 -40.17
C ASP E 90 5.05 -24.87 -39.35
N SER E 91 3.77 -25.18 -39.18
CA SER E 91 2.90 -24.36 -38.34
C SER E 91 3.35 -24.47 -36.89
N ALA E 92 3.78 -23.35 -36.32
CA ALA E 92 4.37 -23.35 -34.99
C ALA E 92 4.50 -21.90 -34.53
N VAL E 93 5.00 -21.75 -33.30
CA VAL E 93 5.47 -20.47 -32.77
C VAL E 93 6.99 -20.46 -32.92
N TYR E 94 7.54 -19.35 -33.41
CA TYR E 94 8.97 -19.23 -33.65
C TYR E 94 9.51 -18.09 -32.79
N TYR E 95 10.48 -18.41 -31.93
CA TYR E 95 11.10 -17.45 -31.03
C TYR E 95 12.50 -17.09 -31.52
N CYS E 96 12.88 -15.84 -31.33
CA CYS E 96 14.27 -15.43 -31.43
C CYS E 96 14.81 -15.20 -30.02
N ALA E 97 16.06 -15.56 -29.79
CA ALA E 97 16.61 -15.39 -28.45
C ALA E 97 18.14 -15.32 -28.49
N PRO E 98 18.73 -14.34 -27.81
CA PRO E 98 20.20 -14.25 -27.68
C PRO E 98 20.75 -15.18 -26.61
N LEU E 99 20.80 -16.47 -26.94
CA LEU E 99 21.11 -17.49 -25.95
C LEU E 99 22.60 -17.52 -25.59
N TRP E 100 23.49 -17.13 -26.50
CA TRP E 100 24.91 -17.20 -26.21
C TRP E 100 25.61 -15.97 -26.79
N PRO E 101 26.56 -15.36 -26.06
CA PRO E 101 27.02 -15.76 -24.72
C PRO E 101 26.02 -15.44 -23.61
N LEU E 102 26.33 -15.88 -22.39
CA LEU E 102 25.46 -15.60 -21.27
C LEU E 102 25.40 -14.10 -20.98
N GLY E 103 24.30 -13.68 -20.36
CA GLY E 103 24.16 -12.30 -19.97
C GLY E 103 22.75 -11.76 -20.16
N THR E 104 22.08 -12.18 -21.22
CA THR E 104 20.70 -11.76 -21.49
C THR E 104 19.82 -13.00 -21.51
N ASP E 105 18.89 -13.08 -20.56
CA ASP E 105 18.06 -14.26 -20.36
C ASP E 105 16.72 -14.16 -21.08
N TYR E 106 16.44 -13.05 -21.76
CA TYR E 106 15.12 -12.78 -22.30
C TYR E 106 14.98 -13.37 -23.71
N TRP E 107 13.75 -13.75 -24.05
CA TRP E 107 13.40 -14.19 -25.39
C TRP E 107 12.36 -13.25 -25.99
N GLY E 108 12.24 -13.29 -27.32
CA GLY E 108 11.16 -12.59 -27.98
C GLY E 108 9.82 -13.24 -27.71
N GLN E 109 8.75 -12.47 -27.93
CA GLN E 109 7.41 -12.98 -27.65
C GLN E 109 6.99 -14.09 -28.59
N GLY E 110 7.66 -14.26 -29.72
CA GLY E 110 7.33 -15.35 -30.61
C GLY E 110 6.38 -14.91 -31.71
N THR E 111 6.53 -15.53 -32.87
CA THR E 111 5.67 -15.30 -34.03
C THR E 111 4.96 -16.60 -34.39
N THR E 112 3.63 -16.57 -34.40
CA THR E 112 2.85 -17.75 -34.73
C THR E 112 2.66 -17.85 -36.23
N LEU E 113 2.96 -19.03 -36.77
CA LEU E 113 2.84 -19.32 -38.19
C LEU E 113 1.79 -20.40 -38.39
N THR E 114 0.83 -20.14 -39.27
CA THR E 114 -0.17 -21.13 -39.67
C THR E 114 -0.06 -21.33 -41.17
N VAL E 115 0.15 -22.58 -41.58
CA VAL E 115 0.24 -22.93 -42.99
C VAL E 115 -0.99 -23.74 -43.35
N SER E 116 -1.75 -23.26 -44.34
CA SER E 116 -3.02 -23.89 -44.72
C SER E 116 -3.46 -23.37 -46.08
N SER E 117 -4.04 -24.27 -46.88
CA SER E 117 -4.63 -23.90 -48.15
C SER E 117 -6.10 -23.50 -48.02
N ALA E 118 -6.64 -23.45 -46.81
CA ALA E 118 -8.03 -23.07 -46.62
C ALA E 118 -8.23 -21.59 -46.94
N SER E 119 -9.45 -21.25 -47.34
CA SER E 119 -9.85 -19.90 -47.69
C SER E 119 -10.63 -19.26 -46.53
N THR E 120 -10.54 -17.94 -46.45
CA THR E 120 -11.23 -17.18 -45.42
C THR E 120 -12.73 -17.46 -45.43
N LYS E 121 -13.29 -17.69 -44.24
CA LYS E 121 -14.71 -18.02 -44.12
C LYS E 121 -15.20 -17.62 -42.73
N GLY E 122 -16.39 -17.03 -42.68
CA GLY E 122 -17.00 -16.63 -41.44
C GLY E 122 -17.74 -17.78 -40.78
N PRO E 123 -17.87 -17.70 -39.45
CA PRO E 123 -18.48 -18.80 -38.71
C PRO E 123 -20.00 -18.74 -38.72
N SER E 124 -20.60 -19.92 -38.55
CA SER E 124 -22.01 -20.06 -38.21
C SER E 124 -22.15 -20.22 -36.70
N VAL E 125 -23.11 -19.51 -36.11
CA VAL E 125 -23.30 -19.49 -34.66
C VAL E 125 -24.59 -20.22 -34.34
N PHE E 126 -24.49 -21.29 -33.55
CA PHE E 126 -25.65 -22.08 -33.18
C PHE E 126 -25.88 -22.06 -31.68
N PRO E 127 -27.14 -22.03 -31.24
CA PRO E 127 -27.40 -22.00 -29.79
C PRO E 127 -27.24 -23.36 -29.13
N LEU E 128 -26.65 -23.34 -27.94
CA LEU E 128 -26.63 -24.49 -27.04
C LEU E 128 -27.72 -24.23 -26.00
N ALA E 129 -28.90 -24.78 -26.23
CA ALA E 129 -30.07 -24.36 -25.48
C ALA E 129 -30.06 -24.99 -24.08
N PRO E 130 -30.29 -24.21 -23.03
CA PRO E 130 -30.43 -24.77 -21.69
C PRO E 130 -31.80 -25.39 -21.46
N SER E 131 -31.92 -26.07 -20.32
CA SER E 131 -33.15 -26.74 -19.90
C SER E 131 -33.71 -27.70 -20.95
N GLY E 138 -30.08 -26.40 -9.38
CA GLY E 138 -30.39 -24.98 -9.44
C GLY E 138 -29.48 -24.21 -10.37
N THR E 139 -28.62 -24.92 -11.10
CA THR E 139 -27.67 -24.34 -12.03
C THR E 139 -27.97 -24.83 -13.43
N ALA E 140 -27.98 -23.91 -14.39
CA ALA E 140 -28.22 -24.22 -15.79
C ALA E 140 -27.05 -23.74 -16.64
N ALA E 141 -26.77 -24.49 -17.70
CA ALA E 141 -25.69 -24.16 -18.62
C ALA E 141 -26.25 -23.81 -19.99
N LEU E 142 -25.68 -22.79 -20.62
CA LEU E 142 -26.05 -22.41 -21.97
C LEU E 142 -24.81 -21.89 -22.68
N GLY E 143 -24.89 -21.79 -23.99
CA GLY E 143 -23.72 -21.38 -24.73
C GLY E 143 -23.99 -21.20 -26.21
N CYS E 144 -22.92 -20.95 -26.95
CA CYS E 144 -22.96 -20.74 -28.38
C CYS E 144 -21.89 -21.60 -29.04
N LEU E 145 -22.28 -22.34 -30.07
CA LEU E 145 -21.36 -23.14 -30.86
C LEU E 145 -20.95 -22.32 -32.08
N VAL E 146 -19.66 -22.04 -32.21
CA VAL E 146 -19.12 -21.19 -33.27
C VAL E 146 -18.34 -22.11 -34.22
N LYS E 147 -18.94 -22.44 -35.36
CA LYS E 147 -18.49 -23.55 -36.18
C LYS E 147 -18.12 -23.09 -37.60
N ASP E 148 -17.11 -23.76 -38.16
CA ASP E 148 -16.74 -23.66 -39.58
C ASP E 148 -16.27 -22.26 -39.96
N TYR E 149 -15.16 -21.81 -39.39
CA TYR E 149 -14.56 -20.53 -39.75
C TYR E 149 -13.06 -20.72 -39.99
N PHE E 150 -12.47 -19.74 -40.66
CA PHE E 150 -11.05 -19.73 -40.96
C PHE E 150 -10.65 -18.32 -41.37
N PRO E 151 -9.52 -17.80 -40.90
CA PRO E 151 -8.67 -18.49 -39.93
C PRO E 151 -8.97 -18.07 -38.50
N GLU E 152 -8.18 -18.56 -37.55
CA GLU E 152 -8.24 -18.06 -36.18
C GLU E 152 -7.82 -16.59 -36.15
N PRO E 153 -8.31 -15.81 -35.17
CA PRO E 153 -9.22 -16.24 -34.12
C PRO E 153 -10.62 -15.65 -34.22
N VAL E 154 -11.49 -16.11 -33.33
CA VAL E 154 -12.78 -15.50 -33.08
C VAL E 154 -12.81 -15.06 -31.63
N THR E 155 -13.59 -14.02 -31.35
CA THR E 155 -13.80 -13.52 -30.00
C THR E 155 -15.27 -13.64 -29.66
N VAL E 156 -15.55 -14.21 -28.50
CA VAL E 156 -16.92 -14.42 -28.04
C VAL E 156 -17.06 -13.72 -26.70
N SER E 157 -18.09 -12.90 -26.58
CA SER E 157 -18.46 -12.27 -25.32
C SER E 157 -19.94 -12.51 -25.07
N TRP E 158 -20.37 -12.20 -23.86
CA TRP E 158 -21.75 -12.45 -23.43
C TRP E 158 -22.38 -11.16 -22.94
N ASN E 159 -23.59 -10.88 -23.43
CA ASN E 159 -24.34 -9.68 -23.07
C ASN E 159 -23.47 -8.44 -23.27
N SER E 160 -22.82 -8.36 -24.43
CA SER E 160 -21.96 -7.23 -24.81
C SER E 160 -20.84 -7.00 -23.80
N GLY E 161 -20.38 -8.07 -23.15
CA GLY E 161 -19.33 -7.97 -22.16
C GLY E 161 -19.81 -7.84 -20.73
N ALA E 162 -21.11 -7.62 -20.51
CA ALA E 162 -21.66 -7.47 -19.17
C ALA E 162 -21.60 -8.77 -18.38
N LEU E 163 -21.52 -9.93 -19.04
CA LEU E 163 -21.53 -11.23 -18.38
C LEU E 163 -20.17 -11.89 -18.56
N THR E 164 -19.43 -12.04 -17.47
CA THR E 164 -18.13 -12.69 -17.46
C THR E 164 -18.03 -13.85 -16.49
N SER E 165 -18.83 -13.86 -15.42
CA SER E 165 -18.74 -14.90 -14.41
C SER E 165 -19.26 -16.23 -14.93
N GLY E 166 -18.45 -17.28 -14.76
CA GLY E 166 -18.83 -18.60 -15.22
C GLY E 166 -18.71 -18.83 -16.70
N VAL E 167 -18.06 -17.95 -17.44
CA VAL E 167 -17.89 -18.10 -18.87
C VAL E 167 -16.66 -18.97 -19.13
N HIS E 168 -16.85 -20.00 -19.96
CA HIS E 168 -15.74 -20.80 -20.47
C HIS E 168 -15.80 -20.76 -21.98
N THR E 169 -14.75 -20.24 -22.62
CA THR E 169 -14.64 -20.23 -24.08
C THR E 169 -13.48 -21.14 -24.46
N PHE E 170 -13.79 -22.27 -25.06
CA PHE E 170 -12.80 -23.32 -25.28
C PHE E 170 -11.85 -22.94 -26.42
N PRO E 171 -10.63 -23.49 -26.40
CA PRO E 171 -9.74 -23.31 -27.55
C PRO E 171 -10.35 -23.93 -28.80
N ALA E 172 -10.11 -23.29 -29.94
CA ALA E 172 -10.61 -23.80 -31.20
C ALA E 172 -9.93 -25.13 -31.56
N VAL E 173 -10.68 -25.99 -32.23
CA VAL E 173 -10.18 -27.26 -32.73
C VAL E 173 -10.22 -27.22 -34.26
N LEU E 174 -9.14 -27.66 -34.89
CA LEU E 174 -9.05 -27.71 -36.35
C LEU E 174 -9.68 -29.01 -36.85
N GLN E 175 -10.79 -28.89 -37.59
CA GLN E 175 -11.50 -30.04 -38.09
C GLN E 175 -10.82 -30.61 -39.34
N SER E 176 -11.22 -31.83 -39.71
CA SER E 176 -10.66 -32.45 -40.91
C SER E 176 -10.97 -31.64 -42.17
N SER E 177 -12.09 -30.91 -42.17
CA SER E 177 -12.43 -29.99 -43.26
C SER E 177 -11.39 -28.89 -43.47
N GLY E 178 -10.57 -28.59 -42.46
CA GLY E 178 -9.67 -27.47 -42.51
C GLY E 178 -10.21 -26.19 -41.90
N LEU E 179 -11.44 -26.22 -41.38
CA LEU E 179 -12.04 -25.08 -40.71
C LEU E 179 -12.03 -25.29 -39.19
N TYR E 180 -12.00 -24.18 -38.46
CA TYR E 180 -11.94 -24.22 -37.01
C TYR E 180 -13.33 -24.22 -36.40
N SER E 181 -13.39 -24.67 -35.15
CA SER E 181 -14.65 -24.74 -34.41
C SER E 181 -14.35 -24.61 -32.93
N LEU E 182 -15.20 -23.86 -32.23
CA LEU E 182 -15.15 -23.80 -30.78
C LEU E 182 -16.53 -23.50 -30.24
N SER E 183 -16.68 -23.70 -28.94
CA SER E 183 -17.89 -23.34 -28.21
C SER E 183 -17.53 -22.45 -27.04
N SER E 184 -18.46 -21.56 -26.70
CA SER E 184 -18.35 -20.73 -25.51
C SER E 184 -19.56 -20.98 -24.63
N VAL E 185 -19.32 -21.28 -23.36
CA VAL E 185 -20.40 -21.71 -22.48
C VAL E 185 -20.42 -20.82 -21.24
N VAL E 186 -21.58 -20.77 -20.59
CA VAL E 186 -21.78 -20.01 -19.35
C VAL E 186 -22.76 -20.79 -18.48
N THR E 187 -22.49 -20.82 -17.18
CA THR E 187 -23.41 -21.40 -16.21
C THR E 187 -24.12 -20.28 -15.47
N VAL E 188 -25.44 -20.39 -15.36
CA VAL E 188 -26.26 -19.37 -14.71
C VAL E 188 -27.23 -20.08 -13.77
N PRO E 189 -27.78 -19.36 -12.80
CA PRO E 189 -28.86 -19.94 -11.99
C PRO E 189 -30.06 -20.23 -12.86
N SER E 190 -30.62 -21.44 -12.72
CA SER E 190 -31.75 -21.81 -13.56
C SER E 190 -32.97 -20.94 -13.27
N SER E 191 -33.04 -20.34 -12.08
CA SER E 191 -34.16 -19.45 -11.77
C SER E 191 -34.13 -18.20 -12.62
N SER E 192 -32.95 -17.76 -13.06
CA SER E 192 -32.84 -16.55 -13.87
C SER E 192 -33.08 -16.79 -15.35
N LEU E 193 -33.46 -18.01 -15.76
CA LEU E 193 -33.57 -18.32 -17.18
C LEU E 193 -34.66 -17.48 -17.85
N GLY E 194 -35.87 -17.48 -17.27
CA GLY E 194 -36.96 -16.70 -17.81
C GLY E 194 -36.92 -15.22 -17.48
N THR E 195 -35.97 -14.81 -16.65
CA THR E 195 -35.87 -13.43 -16.17
C THR E 195 -34.80 -12.63 -16.88
N GLN E 196 -33.66 -13.26 -17.19
CA GLN E 196 -32.53 -12.60 -17.82
C GLN E 196 -32.38 -13.08 -19.26
N THR E 197 -31.99 -12.17 -20.13
CA THR E 197 -31.79 -12.45 -21.55
C THR E 197 -30.30 -12.73 -21.76
N TYR E 198 -29.99 -13.77 -22.53
CA TYR E 198 -28.61 -14.18 -22.76
C TYR E 198 -28.28 -14.09 -24.24
N ILE E 199 -27.32 -13.23 -24.57
CA ILE E 199 -26.84 -13.05 -25.94
C ILE E 199 -25.34 -13.30 -25.96
N CYS E 200 -24.88 -14.08 -26.93
CA CYS E 200 -23.45 -14.25 -27.18
C CYS E 200 -23.04 -13.37 -28.35
N ASN E 201 -21.92 -12.67 -28.20
CA ASN E 201 -21.42 -11.75 -29.22
C ASN E 201 -20.22 -12.37 -29.89
N VAL E 202 -20.43 -12.96 -31.07
CA VAL E 202 -19.38 -13.64 -31.83
C VAL E 202 -18.86 -12.70 -32.90
N ASN E 203 -17.54 -12.58 -32.99
CA ASN E 203 -16.92 -11.68 -33.95
C ASN E 203 -15.71 -12.35 -34.59
N HIS E 204 -15.62 -12.22 -35.92
CA HIS E 204 -14.54 -12.81 -36.69
C HIS E 204 -14.12 -11.76 -37.72
N LYS E 205 -12.96 -11.15 -37.51
CA LYS E 205 -12.53 -9.98 -38.26
C LYS E 205 -11.83 -10.29 -39.59
N PRO E 206 -11.25 -11.47 -39.80
CA PRO E 206 -10.78 -11.79 -41.16
C PRO E 206 -11.90 -11.83 -42.19
N SER E 207 -13.10 -12.21 -41.78
CA SER E 207 -14.27 -12.20 -42.66
C SER E 207 -15.21 -11.03 -42.38
N ASN E 208 -14.91 -10.21 -41.37
CA ASN E 208 -15.83 -9.18 -40.89
C ASN E 208 -17.21 -9.76 -40.63
N THR E 209 -17.25 -10.83 -39.83
CA THR E 209 -18.51 -11.43 -39.38
C THR E 209 -18.78 -10.97 -37.96
N LYS E 210 -19.97 -10.40 -37.74
CA LYS E 210 -20.41 -9.98 -36.41
C LYS E 210 -21.81 -10.53 -36.18
N VAL E 211 -21.95 -11.37 -35.16
CA VAL E 211 -23.20 -12.10 -34.91
C VAL E 211 -23.56 -11.99 -33.45
N ASP E 212 -24.83 -11.67 -33.18
CA ASP E 212 -25.42 -11.69 -31.85
C ASP E 212 -26.55 -12.70 -31.88
N LYS E 213 -26.42 -13.78 -31.09
CA LYS E 213 -27.39 -14.86 -31.06
C LYS E 213 -27.99 -14.98 -29.67
N LYS E 214 -29.31 -14.79 -29.57
CA LYS E 214 -30.03 -15.01 -28.32
C LYS E 214 -30.21 -16.51 -28.09
N VAL E 215 -29.75 -17.00 -26.94
CA VAL E 215 -29.85 -18.42 -26.59
C VAL E 215 -31.03 -18.62 -25.64
N GLU E 216 -32.00 -19.40 -26.06
CA GLU E 216 -33.23 -19.69 -25.33
C GLU E 216 -33.42 -21.20 -25.19
N PRO E 217 -34.16 -21.64 -24.15
CA PRO E 217 -34.41 -23.07 -23.96
C PRO E 217 -35.07 -23.79 -25.14
N LYS E 218 -35.36 -23.06 -26.21
CA LYS E 218 -35.92 -23.60 -27.45
C LYS E 218 -37.35 -24.08 -27.27
N SER E 219 -38.14 -23.99 -28.34
CA SER E 219 -39.59 -24.10 -28.28
C SER E 219 -40.07 -25.53 -28.53
N CYS E 220 -40.85 -26.04 -27.57
CA CYS E 220 -41.58 -27.30 -27.72
C CYS E 220 -43.08 -27.09 -27.72
N ASP F 1 21.99 -36.67 -32.95
CA ASP F 1 21.61 -35.62 -32.03
C ASP F 1 21.28 -36.21 -30.66
N ILE F 2 21.52 -35.44 -29.61
CA ILE F 2 21.14 -35.87 -28.27
C ILE F 2 19.68 -35.55 -28.02
N VAL F 3 18.91 -36.58 -27.64
CA VAL F 3 17.49 -36.44 -27.36
C VAL F 3 17.30 -36.30 -25.86
N LEU F 4 16.57 -35.27 -25.44
CA LEU F 4 16.29 -35.02 -24.03
C LEU F 4 14.84 -35.37 -23.76
N THR F 5 14.61 -36.29 -22.82
CA THR F 5 13.26 -36.69 -22.45
C THR F 5 13.00 -36.20 -21.04
N GLN F 6 11.96 -35.39 -20.88
CA GLN F 6 11.60 -34.81 -19.60
C GLN F 6 10.42 -35.57 -19.03
N SER F 7 10.53 -35.94 -17.76
CA SER F 7 9.49 -36.69 -17.11
C SER F 7 9.22 -36.08 -15.74
N PRO F 8 7.95 -35.96 -15.35
CA PRO F 8 6.80 -36.29 -16.20
C PRO F 8 6.49 -35.16 -17.17
N ALA F 9 5.71 -35.44 -18.22
CA ALA F 9 5.30 -34.39 -19.15
C ALA F 9 4.35 -33.40 -18.47
N ILE F 10 3.41 -33.90 -17.68
CA ILE F 10 2.47 -33.07 -16.92
C ILE F 10 2.45 -33.54 -15.48
N MET F 11 2.56 -32.62 -14.55
CA MET F 11 2.47 -32.98 -13.15
C MET F 11 1.81 -31.84 -12.38
N SER F 12 1.23 -32.18 -11.24
CA SER F 12 0.57 -31.19 -10.40
C SER F 12 1.12 -31.31 -8.99
N ALA F 13 1.28 -30.16 -8.34
CA ALA F 13 1.85 -30.11 -7.00
C ALA F 13 1.02 -29.18 -6.13
N SER F 14 0.84 -29.61 -4.87
CA SER F 14 0.11 -28.85 -3.85
C SER F 14 0.99 -27.73 -3.31
N PRO F 15 0.37 -26.71 -2.71
CA PRO F 15 1.19 -25.64 -2.12
C PRO F 15 2.09 -26.17 -1.01
N GLY F 16 3.34 -25.70 -1.01
CA GLY F 16 4.32 -26.17 -0.05
C GLY F 16 4.92 -27.54 -0.32
N GLU F 17 4.45 -28.24 -1.34
CA GLU F 17 4.96 -29.56 -1.66
C GLU F 17 6.34 -29.45 -2.30
N LYS F 18 7.17 -30.48 -2.11
CA LYS F 18 8.45 -30.56 -2.80
C LYS F 18 8.26 -31.12 -4.21
N VAL F 19 8.92 -30.51 -5.19
CA VAL F 19 8.70 -30.85 -6.59
C VAL F 19 10.02 -31.23 -7.23
N THR F 20 10.03 -32.33 -7.98
CA THR F 20 11.22 -32.78 -8.69
C THR F 20 10.82 -33.23 -10.09
N MET F 21 11.46 -32.66 -11.09
CA MET F 21 11.26 -33.04 -12.48
C MET F 21 12.58 -33.48 -13.10
N THR F 22 12.50 -34.46 -14.00
CA THR F 22 13.67 -35.13 -14.55
C THR F 22 13.89 -34.73 -16.01
N CYS F 23 15.16 -34.61 -16.41
CA CYS F 23 15.56 -34.44 -17.80
C CYS F 23 16.66 -35.45 -18.10
N SER F 24 16.34 -36.46 -18.91
CA SER F 24 17.27 -37.53 -19.24
C SER F 24 17.82 -37.34 -20.65
N ALA F 25 19.10 -37.67 -20.83
CA ALA F 25 19.77 -37.49 -22.10
C ALA F 25 20.16 -38.83 -22.70
N SER F 26 19.95 -38.96 -24.02
CA SER F 26 20.30 -40.20 -24.71
C SER F 26 21.80 -40.44 -24.74
N SER F 27 22.61 -39.38 -24.63
CA SER F 27 24.06 -39.52 -24.53
C SER F 27 24.57 -38.51 -23.50
N SER F 28 25.80 -38.75 -23.04
CA SER F 28 26.36 -37.95 -21.95
C SER F 28 26.38 -36.47 -22.31
N VAL F 29 26.01 -35.65 -21.33
CA VAL F 29 26.04 -34.19 -21.44
C VAL F 29 26.79 -33.61 -20.24
N SER F 30 27.53 -32.52 -20.47
CA SER F 30 28.37 -31.97 -19.42
C SER F 30 27.66 -30.93 -18.55
N TYR F 31 26.70 -30.18 -19.10
CA TYR F 31 25.96 -29.19 -18.34
C TYR F 31 24.55 -29.09 -18.90
N MET F 32 23.60 -28.71 -18.06
CA MET F 32 22.20 -28.64 -18.45
C MET F 32 21.59 -27.31 -18.07
N HIS F 33 20.79 -26.76 -18.96
CA HIS F 33 20.12 -25.49 -18.76
C HIS F 33 18.63 -25.74 -18.68
N TRP F 34 17.93 -24.79 -18.06
CA TRP F 34 16.50 -24.89 -17.86
C TRP F 34 15.86 -23.54 -18.16
N TYR F 35 14.73 -23.57 -18.85
CA TYR F 35 13.96 -22.37 -19.17
C TYR F 35 12.56 -22.54 -18.63
N GLN F 36 11.99 -21.44 -18.12
CA GLN F 36 10.61 -21.42 -17.63
C GLN F 36 9.76 -20.61 -18.60
N GLN F 37 8.61 -21.16 -18.98
CA GLN F 37 7.65 -20.45 -19.82
C GLN F 37 6.32 -20.41 -19.09
N LYS F 38 5.91 -19.21 -18.67
CA LYS F 38 4.58 -19.02 -18.13
C LYS F 38 3.57 -18.93 -19.29
N SER F 39 2.33 -19.30 -18.99
CA SER F 39 1.30 -19.34 -20.02
C SER F 39 1.17 -17.97 -20.68
N GLY F 40 1.15 -17.97 -22.01
CA GLY F 40 1.01 -16.73 -22.76
C GLY F 40 2.17 -15.76 -22.65
N THR F 41 3.36 -16.24 -22.29
CA THR F 41 4.56 -15.40 -22.27
C THR F 41 5.72 -16.17 -22.91
N SER F 42 6.82 -15.46 -23.11
CA SER F 42 8.02 -16.05 -23.68
C SER F 42 8.84 -16.75 -22.59
N PRO F 43 9.57 -17.80 -22.96
CA PRO F 43 10.47 -18.45 -22.01
C PRO F 43 11.57 -17.51 -21.52
N LYS F 44 12.07 -17.80 -20.32
CA LYS F 44 13.20 -17.08 -19.76
C LYS F 44 14.16 -18.10 -19.14
N ARG F 45 15.46 -17.82 -19.27
CA ARG F 45 16.44 -18.69 -18.64
C ARG F 45 16.21 -18.77 -17.15
N TRP F 46 16.16 -19.99 -16.61
CA TRP F 46 15.87 -20.22 -15.21
C TRP F 46 17.06 -20.78 -14.46
N ILE F 47 17.67 -21.85 -14.97
CA ILE F 47 18.87 -22.43 -14.41
C ILE F 47 19.85 -22.65 -15.55
N TYR F 48 21.12 -22.32 -15.31
CA TYR F 48 22.18 -22.54 -16.28
C TYR F 48 23.34 -23.25 -15.60
N ASP F 49 24.15 -23.92 -16.42
CA ASP F 49 25.28 -24.72 -15.93
C ASP F 49 24.85 -25.67 -14.82
N THR F 50 23.78 -26.42 -15.10
CA THR F 50 23.28 -27.50 -14.25
C THR F 50 22.68 -27.00 -12.93
N SER F 51 23.40 -26.12 -12.23
CA SER F 51 23.04 -25.79 -10.86
C SER F 51 23.00 -24.29 -10.55
N LYS F 52 23.32 -23.43 -11.50
CA LYS F 52 23.38 -22.00 -11.24
C LYS F 52 22.06 -21.34 -11.57
N LEU F 53 21.49 -20.63 -10.60
CA LEU F 53 20.22 -19.95 -10.80
C LEU F 53 20.41 -18.67 -11.59
N ALA F 54 19.53 -18.43 -12.56
CA ALA F 54 19.52 -17.15 -13.25
C ALA F 54 19.13 -16.05 -12.27
N SER F 55 19.41 -14.80 -12.67
CA SER F 55 19.10 -13.66 -11.81
C SER F 55 17.60 -13.55 -11.58
N GLY F 56 17.22 -13.28 -10.33
CA GLY F 56 15.84 -13.11 -9.96
C GLY F 56 15.05 -14.39 -9.73
N VAL F 57 15.66 -15.55 -9.93
CA VAL F 57 14.99 -16.82 -9.63
C VAL F 57 15.04 -17.08 -8.13
N PRO F 58 13.91 -17.36 -7.49
CA PRO F 58 13.91 -17.54 -6.03
C PRO F 58 14.72 -18.75 -5.60
N ALA F 59 15.21 -18.69 -4.36
CA ALA F 59 16.15 -19.68 -3.84
C ALA F 59 15.53 -21.06 -3.66
N ARG F 60 14.21 -21.17 -3.68
CA ARG F 60 13.57 -22.48 -3.56
C ARG F 60 13.85 -23.37 -4.77
N PHE F 61 14.34 -22.81 -5.86
CA PHE F 61 14.68 -23.58 -7.06
C PHE F 61 16.12 -24.09 -6.96
N SER F 62 16.33 -25.28 -7.49
CA SER F 62 17.68 -25.82 -7.62
C SER F 62 17.72 -26.77 -8.80
N GLY F 63 18.92 -27.00 -9.31
CA GLY F 63 19.13 -27.98 -10.35
C GLY F 63 20.34 -28.81 -10.02
N SER F 64 20.33 -30.04 -10.50
CA SER F 64 21.44 -30.96 -10.27
C SER F 64 21.48 -32.00 -11.38
N GLY F 65 22.43 -32.92 -11.27
CA GLY F 65 22.56 -34.00 -12.22
C GLY F 65 23.93 -34.01 -12.89
N SER F 66 24.17 -35.10 -13.61
CA SER F 66 25.41 -35.27 -14.37
C SER F 66 25.19 -36.38 -15.37
N GLY F 67 26.05 -36.43 -16.37
CA GLY F 67 25.98 -37.47 -17.36
C GLY F 67 24.70 -37.43 -18.17
N THR F 68 23.83 -38.42 -17.98
CA THR F 68 22.58 -38.51 -18.74
C THR F 68 21.34 -38.27 -17.88
N SER F 69 21.50 -37.81 -16.65
CA SER F 69 20.37 -37.66 -15.73
C SER F 69 20.47 -36.32 -15.02
N TYR F 70 19.51 -35.43 -15.27
CA TYR F 70 19.47 -34.11 -14.63
C TYR F 70 18.07 -33.88 -14.08
N SER F 71 17.97 -32.89 -13.19
CA SER F 71 16.70 -32.64 -12.51
C SER F 71 16.62 -31.19 -12.08
N LEU F 72 15.38 -30.71 -11.96
CA LEU F 72 15.08 -29.40 -11.39
C LEU F 72 14.16 -29.63 -10.20
N THR F 73 14.44 -28.94 -9.09
CA THR F 73 13.73 -29.20 -7.85
C THR F 73 13.24 -27.88 -7.25
N ILE F 74 11.98 -27.87 -6.81
CA ILE F 74 11.43 -26.78 -6.04
C ILE F 74 11.22 -27.28 -4.62
N SER F 75 11.88 -26.63 -3.65
CA SER F 75 11.81 -27.13 -2.27
C SER F 75 10.40 -27.02 -1.71
N SER F 76 9.72 -25.91 -1.99
CA SER F 76 8.37 -25.67 -1.47
C SER F 76 7.56 -25.01 -2.56
N MET F 77 6.59 -25.74 -3.12
CA MET F 77 5.84 -25.28 -4.27
C MET F 77 5.00 -24.05 -3.95
N GLU F 78 5.07 -23.05 -4.81
CA GLU F 78 4.23 -21.86 -4.71
C GLU F 78 3.43 -21.68 -6.00
N ALA F 79 2.30 -20.98 -5.87
CA ALA F 79 1.34 -20.90 -6.97
C ALA F 79 1.95 -20.25 -8.20
N GLU F 80 2.83 -19.27 -8.01
CA GLU F 80 3.44 -18.60 -9.16
C GLU F 80 4.40 -19.50 -9.92
N ASP F 81 4.71 -20.68 -9.38
CA ASP F 81 5.61 -21.60 -10.06
C ASP F 81 4.90 -22.49 -11.07
N ALA F 82 3.58 -22.38 -11.23
CA ALA F 82 2.89 -23.14 -12.27
C ALA F 82 3.33 -22.66 -13.65
N ALA F 83 3.91 -23.57 -14.43
CA ALA F 83 4.51 -23.24 -15.71
C ALA F 83 5.04 -24.50 -16.37
N THR F 84 5.61 -24.35 -17.57
CA THR F 84 6.30 -25.42 -18.27
C THR F 84 7.80 -25.18 -18.22
N TYR F 85 8.56 -26.20 -17.88
CA TYR F 85 10.02 -26.11 -17.73
C TYR F 85 10.70 -26.95 -18.80
N TYR F 86 11.55 -26.33 -19.60
CA TYR F 86 12.27 -27.01 -20.67
C TYR F 86 13.74 -27.11 -20.29
N CYS F 87 14.32 -28.29 -20.46
CA CYS F 87 15.76 -28.45 -20.35
C CYS F 87 16.42 -28.37 -21.71
N GLN F 88 17.71 -28.02 -21.71
CA GLN F 88 18.40 -27.84 -22.97
C GLN F 88 19.89 -28.06 -22.76
N GLN F 89 20.52 -28.71 -23.74
CA GLN F 89 21.95 -28.97 -23.72
C GLN F 89 22.61 -28.34 -24.94
N TRP F 90 23.91 -28.03 -24.81
CA TRP F 90 24.71 -27.70 -25.99
C TRP F 90 26.15 -28.20 -25.83
N SER F 91 26.34 -29.27 -25.06
CA SER F 91 27.63 -29.96 -25.02
C SER F 91 27.95 -30.63 -26.34
N SER F 92 26.93 -31.01 -27.11
CA SER F 92 27.10 -31.58 -28.43
C SER F 92 26.25 -30.81 -29.40
N ASN F 93 26.68 -30.80 -30.64
CA ASN F 93 25.93 -30.05 -31.63
C ASN F 93 25.07 -30.97 -32.48
N PRO F 94 23.86 -30.56 -32.84
CA PRO F 94 23.26 -29.27 -32.49
C PRO F 94 22.65 -29.24 -31.09
N PRO F 95 22.43 -28.05 -30.53
CA PRO F 95 21.68 -27.96 -29.28
C PRO F 95 20.28 -28.52 -29.45
N THR F 96 19.77 -29.18 -28.40
CA THR F 96 18.45 -29.77 -28.42
C THR F 96 17.72 -29.42 -27.13
N PHE F 97 16.39 -29.48 -27.19
CA PHE F 97 15.53 -29.19 -26.06
C PHE F 97 14.69 -30.42 -25.72
N GLY F 98 14.32 -30.53 -24.45
CA GLY F 98 13.28 -31.47 -24.08
C GLY F 98 11.91 -30.96 -24.47
N ALA F 99 10.91 -31.82 -24.32
CA ALA F 99 9.53 -31.43 -24.63
C ALA F 99 8.84 -30.74 -23.46
N GLY F 100 9.50 -30.62 -22.32
CA GLY F 100 8.98 -29.80 -21.23
C GLY F 100 8.23 -30.59 -20.18
N THR F 101 8.27 -30.10 -18.96
CA THR F 101 7.39 -30.58 -17.89
C THR F 101 6.42 -29.47 -17.56
N LYS F 102 5.14 -29.73 -17.76
CA LYS F 102 4.08 -28.78 -17.45
C LYS F 102 3.68 -28.99 -15.99
N LEU F 103 3.99 -28.00 -15.15
CA LEU F 103 3.72 -28.08 -13.72
C LEU F 103 2.47 -27.28 -13.40
N GLU F 104 1.49 -27.94 -12.79
CA GLU F 104 0.19 -27.36 -12.51
C GLU F 104 -0.08 -27.43 -11.00
N LEU F 105 -1.09 -26.68 -10.57
CA LEU F 105 -1.46 -26.63 -9.16
C LEU F 105 -2.39 -27.79 -8.83
N LYS F 106 -2.01 -28.56 -7.81
CA LYS F 106 -2.89 -29.61 -7.33
C LYS F 106 -3.92 -29.01 -6.37
N ARG F 107 -5.18 -29.37 -6.56
CA ARG F 107 -6.26 -29.00 -5.66
C ARG F 107 -7.07 -30.25 -5.35
N THR F 108 -8.08 -30.10 -4.50
CA THR F 108 -8.91 -31.24 -4.16
C THR F 108 -9.71 -31.69 -5.38
N VAL F 109 -10.18 -32.93 -5.31
CA VAL F 109 -11.01 -33.48 -6.35
C VAL F 109 -12.33 -32.73 -6.41
N ALA F 110 -12.77 -32.40 -7.62
CA ALA F 110 -14.06 -31.76 -7.84
C ALA F 110 -14.73 -32.46 -9.02
N ALA F 111 -15.94 -32.96 -8.80
CA ALA F 111 -16.66 -33.65 -9.85
C ALA F 111 -17.15 -32.66 -10.91
N PRO F 112 -17.19 -33.07 -12.17
CA PRO F 112 -17.73 -32.19 -13.21
C PRO F 112 -19.23 -32.10 -13.13
N SER F 113 -19.75 -30.92 -13.49
CA SER F 113 -21.15 -30.75 -13.81
C SER F 113 -21.34 -31.03 -15.30
N VAL F 114 -22.22 -31.97 -15.62
CA VAL F 114 -22.36 -32.49 -16.98
C VAL F 114 -23.64 -31.93 -17.59
N PHE F 115 -23.54 -31.48 -18.84
CA PHE F 115 -24.66 -30.98 -19.61
C PHE F 115 -24.54 -31.48 -21.04
N ILE F 116 -25.67 -31.79 -21.66
CA ILE F 116 -25.69 -32.27 -23.03
C ILE F 116 -26.53 -31.30 -23.86
N PHE F 117 -26.08 -31.01 -25.07
CA PHE F 117 -26.75 -30.04 -25.94
C PHE F 117 -27.09 -30.70 -27.26
N PRO F 118 -28.37 -30.84 -27.60
CA PRO F 118 -28.74 -31.36 -28.91
C PRO F 118 -28.47 -30.33 -29.98
N PRO F 119 -28.38 -30.74 -31.25
CA PRO F 119 -28.15 -29.78 -32.33
C PRO F 119 -29.37 -28.88 -32.52
N SER F 120 -29.11 -27.63 -32.87
CA SER F 120 -30.18 -26.69 -33.14
C SER F 120 -30.89 -27.05 -34.44
N ASP F 121 -32.16 -26.63 -34.56
CA ASP F 121 -32.88 -26.82 -35.80
C ASP F 121 -32.22 -26.11 -36.96
N GLU F 122 -31.63 -24.93 -36.70
CA GLU F 122 -30.94 -24.17 -37.75
C GLU F 122 -29.80 -24.97 -38.36
N GLN F 123 -29.00 -25.63 -37.51
CA GLN F 123 -27.87 -26.39 -38.04
C GLN F 123 -28.35 -27.62 -38.80
N LEU F 124 -29.45 -28.23 -38.34
CA LEU F 124 -30.00 -29.38 -39.05
C LEU F 124 -30.42 -29.02 -40.47
N LYS F 125 -30.87 -27.78 -40.70
CA LYS F 125 -31.18 -27.34 -42.06
C LYS F 125 -29.96 -27.40 -42.96
N SER F 126 -28.78 -27.13 -42.42
CA SER F 126 -27.54 -27.14 -43.20
C SER F 126 -27.03 -28.54 -43.47
N GLY F 127 -27.64 -29.58 -42.90
CA GLY F 127 -27.32 -30.95 -43.23
C GLY F 127 -26.34 -31.64 -42.31
N THR F 128 -25.90 -31.01 -41.23
CA THR F 128 -25.05 -31.64 -40.23
C THR F 128 -25.63 -31.43 -38.85
N ALA F 129 -25.24 -32.30 -37.91
CA ALA F 129 -25.73 -32.26 -36.54
C ALA F 129 -24.55 -32.30 -35.58
N SER F 130 -24.44 -31.30 -34.72
CA SER F 130 -23.39 -31.24 -33.71
C SER F 130 -24.03 -31.42 -32.34
N VAL F 131 -23.60 -32.46 -31.63
CA VAL F 131 -24.05 -32.74 -30.26
C VAL F 131 -22.90 -32.43 -29.32
N VAL F 132 -23.15 -31.60 -28.31
CA VAL F 132 -22.10 -31.11 -27.44
C VAL F 132 -22.36 -31.61 -26.02
N CYS F 133 -21.33 -32.17 -25.40
CA CYS F 133 -21.36 -32.59 -24.00
C CYS F 133 -20.33 -31.79 -23.23
N LEU F 134 -20.77 -31.18 -22.12
CA LEU F 134 -19.96 -30.22 -21.38
C LEU F 134 -19.63 -30.75 -19.99
N LEU F 135 -18.35 -30.70 -19.64
CA LEU F 135 -17.87 -31.03 -18.30
C LEU F 135 -17.34 -29.75 -17.69
N ASN F 136 -18.02 -29.22 -16.67
CA ASN F 136 -17.73 -27.90 -16.15
C ASN F 136 -17.06 -28.02 -14.79
N ASN F 137 -15.92 -27.33 -14.64
CA ASN F 137 -15.24 -27.11 -13.36
C ASN F 137 -14.99 -28.41 -12.60
N PHE F 138 -14.02 -29.18 -13.10
CA PHE F 138 -13.66 -30.45 -12.48
C PHE F 138 -12.16 -30.49 -12.27
N TYR F 139 -11.74 -31.48 -11.46
CA TYR F 139 -10.33 -31.72 -11.17
C TYR F 139 -10.22 -33.12 -10.61
N PRO F 140 -9.19 -33.91 -10.99
CA PRO F 140 -8.11 -33.60 -11.94
C PRO F 140 -8.57 -33.61 -13.40
N ARG F 141 -7.62 -33.43 -14.33
CA ARG F 141 -7.94 -33.28 -15.74
C ARG F 141 -8.46 -34.58 -16.35
N GLU F 142 -8.01 -35.73 -15.87
CA GLU F 142 -8.35 -37.01 -16.48
C GLU F 142 -9.85 -37.26 -16.39
N ALA F 143 -10.47 -37.54 -17.53
CA ALA F 143 -11.90 -37.82 -17.59
C ALA F 143 -12.18 -38.65 -18.84
N LYS F 144 -13.03 -39.66 -18.68
CA LYS F 144 -13.45 -40.48 -19.81
C LYS F 144 -14.85 -40.04 -20.21
N VAL F 145 -14.99 -39.57 -21.45
CA VAL F 145 -16.25 -39.05 -21.98
C VAL F 145 -16.61 -39.90 -23.19
N GLN F 146 -17.70 -40.65 -23.09
CA GLN F 146 -18.11 -41.58 -24.13
C GLN F 146 -19.48 -41.19 -24.67
N TRP F 147 -19.60 -41.23 -26.00
CA TRP F 147 -20.85 -40.97 -26.69
C TRP F 147 -21.52 -42.30 -27.01
N LYS F 148 -22.81 -42.41 -26.71
CA LYS F 148 -23.58 -43.61 -26.99
C LYS F 148 -24.86 -43.24 -27.71
N VAL F 149 -25.07 -43.82 -28.89
CA VAL F 149 -26.23 -43.53 -29.73
C VAL F 149 -27.04 -44.82 -29.83
N ASP F 150 -28.22 -44.83 -29.21
CA ASP F 150 -28.98 -46.06 -28.98
C ASP F 150 -28.06 -47.19 -28.53
N ASN F 151 -27.30 -46.92 -27.47
CA ASN F 151 -26.36 -47.84 -26.84
C ASN F 151 -25.19 -48.24 -27.74
N ALA F 152 -25.06 -47.65 -28.92
CA ALA F 152 -23.91 -47.92 -29.78
C ALA F 152 -22.81 -46.93 -29.43
N LEU F 153 -21.69 -47.45 -28.93
CA LEU F 153 -20.57 -46.58 -28.58
C LEU F 153 -19.97 -45.95 -29.84
N GLN F 154 -19.81 -44.64 -29.82
CA GLN F 154 -19.29 -43.91 -30.97
C GLN F 154 -17.77 -43.83 -30.92
N SER F 155 -17.14 -43.90 -32.08
CA SER F 155 -15.69 -43.86 -32.17
C SER F 155 -15.26 -43.05 -33.40
N GLY F 156 -14.23 -42.22 -33.22
CA GLY F 156 -13.64 -41.47 -34.31
C GLY F 156 -14.47 -40.31 -34.84
N ASN F 157 -15.63 -40.03 -34.25
CA ASN F 157 -16.50 -38.96 -34.73
C ASN F 157 -16.72 -37.89 -33.66
N SER F 158 -15.86 -37.81 -32.67
CA SER F 158 -15.94 -36.77 -31.64
C SER F 158 -14.55 -36.17 -31.42
N GLN F 159 -14.54 -34.94 -30.89
CA GLN F 159 -13.33 -34.20 -30.58
C GLN F 159 -13.50 -33.48 -29.25
N GLU F 160 -12.46 -33.47 -28.44
CA GLU F 160 -12.48 -32.83 -27.12
C GLU F 160 -11.62 -31.57 -27.12
N SER F 161 -12.10 -30.56 -26.38
CA SER F 161 -11.34 -29.34 -26.14
C SER F 161 -11.39 -29.04 -24.65
N VAL F 162 -10.27 -28.64 -24.08
CA VAL F 162 -10.13 -28.45 -22.64
C VAL F 162 -9.55 -27.07 -22.37
N THR F 163 -10.10 -26.39 -21.38
CA THR F 163 -9.56 -25.11 -20.97
C THR F 163 -8.29 -25.31 -20.16
N GLU F 164 -7.51 -24.25 -20.05
CA GLU F 164 -6.40 -24.23 -19.10
C GLU F 164 -6.95 -24.16 -17.68
N GLN F 165 -6.10 -24.52 -16.73
CA GLN F 165 -6.47 -24.49 -15.33
C GLN F 165 -6.97 -23.11 -14.93
N ASP F 166 -8.18 -23.06 -14.38
CA ASP F 166 -8.78 -21.78 -14.00
C ASP F 166 -7.92 -21.07 -12.96
N SER F 167 -7.78 -19.75 -13.12
CA SER F 167 -6.89 -19.01 -12.24
C SER F 167 -7.45 -18.89 -10.82
N LYS F 168 -8.77 -18.99 -10.66
CA LYS F 168 -9.39 -18.78 -9.37
C LYS F 168 -9.63 -20.08 -8.60
N ASP F 169 -10.24 -21.09 -9.22
CA ASP F 169 -10.57 -22.33 -8.52
C ASP F 169 -9.78 -23.53 -9.04
N SER F 170 -8.84 -23.31 -9.97
CA SER F 170 -7.89 -24.32 -10.44
C SER F 170 -8.54 -25.52 -11.13
N THR F 171 -9.80 -25.40 -11.55
CA THR F 171 -10.47 -26.50 -12.22
C THR F 171 -10.23 -26.45 -13.73
N TYR F 172 -10.64 -27.51 -14.42
CA TYR F 172 -10.72 -27.53 -15.87
C TYR F 172 -12.17 -27.61 -16.30
N SER F 173 -12.41 -27.25 -17.55
CA SER F 173 -13.66 -27.50 -18.21
C SER F 173 -13.37 -28.11 -19.57
N LEU F 174 -14.26 -29.00 -20.01
CA LEU F 174 -14.03 -29.78 -21.21
C LEU F 174 -15.30 -29.84 -22.03
N SER F 175 -15.16 -29.79 -23.35
CA SER F 175 -16.26 -29.99 -24.27
C SER F 175 -15.95 -31.20 -25.13
N SER F 176 -16.93 -32.09 -25.28
CA SER F 176 -16.88 -33.17 -26.25
C SER F 176 -17.99 -32.92 -27.27
N THR F 177 -17.61 -32.80 -28.53
CA THR F 177 -18.56 -32.48 -29.60
C THR F 177 -18.67 -33.67 -30.55
N LEU F 178 -19.89 -34.17 -30.70
CA LEU F 178 -20.18 -35.27 -31.61
C LEU F 178 -20.78 -34.70 -32.90
N THR F 179 -20.10 -34.90 -34.02
CA THR F 179 -20.52 -34.36 -35.31
C THR F 179 -20.98 -35.51 -36.21
N LEU F 180 -22.23 -35.42 -36.67
CA LEU F 180 -22.83 -36.41 -37.55
C LEU F 180 -23.54 -35.71 -38.70
N SER F 181 -23.71 -36.44 -39.81
CA SER F 181 -24.58 -35.95 -40.86
C SER F 181 -26.03 -35.97 -40.39
N LYS F 182 -26.84 -35.09 -40.98
CA LYS F 182 -28.27 -35.06 -40.65
C LYS F 182 -28.91 -36.43 -40.87
N ALA F 183 -28.47 -37.14 -41.91
CA ALA F 183 -29.02 -38.47 -42.18
C ALA F 183 -28.73 -39.42 -41.02
N ASP F 184 -27.46 -39.54 -40.63
CA ASP F 184 -27.11 -40.42 -39.53
C ASP F 184 -27.78 -39.99 -38.24
N TYR F 185 -27.91 -38.68 -38.04
CA TYR F 185 -28.50 -38.16 -36.81
C TYR F 185 -29.94 -38.61 -36.64
N GLU F 186 -30.74 -38.51 -37.70
CA GLU F 186 -32.15 -38.88 -37.60
C GLU F 186 -32.40 -40.37 -37.72
N LYS F 187 -31.36 -41.19 -37.84
CA LYS F 187 -31.53 -42.63 -37.97
C LYS F 187 -31.58 -43.32 -36.60
N HIS F 188 -31.41 -42.54 -35.53
CA HIS F 188 -31.39 -43.07 -34.17
C HIS F 188 -32.10 -42.08 -33.27
N LYS F 189 -32.42 -42.54 -32.06
CA LYS F 189 -33.28 -41.77 -31.16
C LYS F 189 -32.56 -41.26 -29.92
N VAL F 190 -31.83 -42.11 -29.20
CA VAL F 190 -31.28 -41.74 -27.90
C VAL F 190 -29.80 -41.38 -28.06
N TYR F 191 -29.46 -40.16 -27.66
CA TYR F 191 -28.09 -39.67 -27.70
C TYR F 191 -27.64 -39.40 -26.27
N ALA F 192 -26.61 -40.12 -25.84
CA ALA F 192 -26.19 -40.13 -24.46
C ALA F 192 -24.71 -39.78 -24.37
N CYS F 193 -24.38 -38.99 -23.35
CA CYS F 193 -23.01 -38.69 -22.99
C CYS F 193 -22.77 -39.26 -21.59
N GLU F 194 -21.83 -40.19 -21.48
CA GLU F 194 -21.51 -40.81 -20.21
C GLU F 194 -20.12 -40.36 -19.77
N VAL F 195 -20.02 -39.84 -18.55
CA VAL F 195 -18.80 -39.24 -18.04
C VAL F 195 -18.30 -40.05 -16.86
N THR F 196 -17.04 -40.49 -16.93
CA THR F 196 -16.38 -41.17 -15.83
C THR F 196 -15.31 -40.25 -15.27
N HIS F 197 -15.33 -40.04 -13.95
CA HIS F 197 -14.39 -39.11 -13.34
C HIS F 197 -14.19 -39.48 -11.87
N GLN F 198 -12.99 -39.20 -11.37
CA GLN F 198 -12.65 -39.56 -10.00
C GLN F 198 -13.61 -38.95 -8.98
N GLY F 199 -14.16 -37.77 -9.27
CA GLY F 199 -15.04 -37.10 -8.32
C GLY F 199 -16.46 -37.60 -8.28
N LEU F 200 -16.86 -38.48 -9.20
CA LEU F 200 -18.19 -39.08 -9.20
C LEU F 200 -18.10 -40.51 -8.68
N ARG F 201 -18.99 -40.87 -7.75
CA ARG F 201 -18.96 -42.24 -7.22
C ARG F 201 -19.31 -43.26 -8.29
N SER F 202 -20.19 -42.89 -9.22
CA SER F 202 -20.47 -43.72 -10.37
C SER F 202 -20.62 -42.78 -11.56
N PRO F 203 -20.31 -43.26 -12.77
CA PRO F 203 -20.38 -42.38 -13.94
C PRO F 203 -21.76 -41.74 -14.09
N VAL F 204 -21.75 -40.53 -14.64
CA VAL F 204 -22.96 -39.75 -14.86
C VAL F 204 -23.32 -39.81 -16.34
N THR F 205 -24.61 -39.97 -16.63
CA THR F 205 -25.10 -39.99 -18.00
C THR F 205 -26.09 -38.85 -18.19
N LYS F 206 -25.84 -38.02 -19.19
CA LYS F 206 -26.79 -37.03 -19.66
C LYS F 206 -27.20 -37.41 -21.07
N SER F 207 -28.50 -37.46 -21.34
CA SER F 207 -28.98 -37.93 -22.63
C SER F 207 -30.24 -37.17 -23.05
N PHE F 208 -30.58 -37.32 -24.33
CA PHE F 208 -31.83 -36.79 -24.82
C PHE F 208 -32.35 -37.70 -25.92
N ASN F 209 -33.67 -37.69 -26.10
CA ASN F 209 -34.28 -38.30 -27.26
C ASN F 209 -34.48 -37.23 -28.32
N ARG F 210 -34.17 -37.58 -29.57
CA ARG F 210 -34.08 -36.61 -30.65
C ARG F 210 -35.34 -35.81 -30.96
N GLY F 211 -36.41 -36.45 -31.41
CA GLY F 211 -37.46 -35.54 -31.84
C GLY F 211 -38.66 -35.31 -30.96
N GLU F 212 -38.72 -35.83 -29.74
CA GLU F 212 -39.76 -35.40 -28.82
C GLU F 212 -39.18 -34.39 -27.84
N CYS F 213 -40.01 -33.96 -26.89
CA CYS F 213 -39.63 -32.94 -25.93
C CYS F 213 -39.83 -33.43 -24.50
N GLU G 1 14.30 -4.95 21.26
CA GLU G 1 14.54 -3.51 21.27
C GLU G 1 14.61 -2.94 22.68
N VAL G 2 15.44 -1.89 22.81
CA VAL G 2 15.67 -1.24 24.10
C VAL G 2 14.56 -0.25 24.43
N GLN G 3 14.07 -0.32 25.66
CA GLN G 3 13.05 0.59 26.16
C GLN G 3 13.38 0.91 27.62
N LEU G 4 13.23 2.18 27.99
CA LEU G 4 13.41 2.63 29.36
C LEU G 4 12.06 3.17 29.82
N GLN G 5 11.37 2.40 30.66
CA GLN G 5 10.03 2.75 31.12
C GLN G 5 10.16 3.40 32.49
N GLN G 6 9.78 4.66 32.60
CA GLN G 6 9.86 5.40 33.84
C GLN G 6 8.49 5.46 34.49
N SER G 7 8.49 5.55 35.83
CA SER G 7 7.25 5.53 36.58
C SER G 7 6.38 6.73 36.21
N GLY G 8 5.11 6.65 36.61
CA GLY G 8 4.15 7.66 36.22
C GLY G 8 4.42 9.01 36.84
N ALA G 9 3.63 10.00 36.39
CA ALA G 9 3.77 11.35 36.89
C ALA G 9 3.57 11.38 38.40
N GLU G 10 4.21 12.36 39.04
CA GLU G 10 4.16 12.48 40.50
C GLU G 10 3.82 13.90 40.89
N LEU G 11 2.94 14.03 41.87
CA LEU G 11 2.62 15.30 42.50
C LEU G 11 3.02 15.21 43.97
N ALA G 12 3.69 16.25 44.45
CA ALA G 12 4.19 16.26 45.82
C ALA G 12 4.10 17.68 46.37
N LYS G 13 4.13 17.78 47.69
CA LYS G 13 4.08 19.05 48.39
C LYS G 13 5.47 19.50 48.80
N PRO G 14 5.66 20.80 49.03
CA PRO G 14 6.97 21.29 49.45
C PRO G 14 7.45 20.61 50.73
N GLY G 15 8.74 20.29 50.77
CA GLY G 15 9.34 19.59 51.89
C GLY G 15 9.16 18.09 51.89
N ALA G 16 8.30 17.56 51.03
CA ALA G 16 8.07 16.12 50.95
C ALA G 16 9.21 15.44 50.20
N SER G 17 9.05 14.14 50.00
CA SER G 17 9.99 13.35 49.22
C SER G 17 9.25 12.60 48.12
N VAL G 18 10.01 12.21 47.11
CA VAL G 18 9.50 11.40 46.01
C VAL G 18 10.63 10.52 45.51
N LYS G 19 10.28 9.33 45.05
CA LYS G 19 11.22 8.39 44.47
C LYS G 19 10.60 7.79 43.22
N MET G 20 11.37 7.80 42.12
CA MET G 20 10.89 7.41 40.80
C MET G 20 11.77 6.30 40.26
N SER G 21 11.22 5.52 39.33
CA SER G 21 11.88 4.33 38.83
C SER G 21 12.17 4.45 37.34
N CYS G 22 13.06 3.58 36.86
CA CYS G 22 13.49 3.55 35.46
C CYS G 22 13.78 2.09 35.13
N LYS G 23 12.81 1.45 34.49
CA LYS G 23 12.86 0.02 34.22
C LYS G 23 13.52 -0.18 32.86
N ALA G 24 14.64 -0.90 32.81
CA ALA G 24 15.44 -1.02 31.60
C ALA G 24 15.12 -2.33 30.89
N SER G 25 15.03 -2.26 29.57
CA SER G 25 14.75 -3.43 28.75
C SER G 25 15.50 -3.35 27.44
N GLY G 26 15.72 -4.52 26.83
CA GLY G 26 16.38 -4.62 25.56
C GLY G 26 17.89 -4.70 25.61
N TYR G 27 18.50 -4.62 26.79
CA TYR G 27 19.95 -4.66 26.90
C TYR G 27 20.34 -5.11 28.30
N THR G 28 21.61 -5.49 28.44
CA THR G 28 22.15 -5.88 29.75
C THR G 28 22.19 -4.66 30.67
N PHE G 29 21.29 -4.63 31.66
CA PHE G 29 21.16 -3.50 32.56
C PHE G 29 22.49 -3.16 33.24
N THR G 30 23.32 -4.17 33.51
CA THR G 30 24.54 -3.97 34.27
C THR G 30 25.69 -3.41 33.43
N SER G 31 25.62 -3.52 32.11
CA SER G 31 26.76 -3.17 31.26
C SER G 31 26.75 -1.70 30.85
N TYR G 32 25.77 -0.91 31.27
CA TYR G 32 25.68 0.49 30.91
C TYR G 32 25.39 1.32 32.16
N TRP G 33 26.09 2.44 32.29
CA TRP G 33 25.81 3.37 33.37
C TRP G 33 24.52 4.14 33.10
N MET G 34 23.69 4.26 34.12
CA MET G 34 22.40 4.96 34.01
C MET G 34 22.54 6.39 34.51
N HIS G 35 22.46 7.35 33.60
CA HIS G 35 22.49 8.76 33.95
C HIS G 35 21.08 9.29 34.14
N TRP G 36 20.97 10.41 34.85
CA TRP G 36 19.68 11.06 35.07
C TRP G 36 19.76 12.54 34.75
N VAL G 37 18.76 13.04 34.03
CA VAL G 37 18.76 14.40 33.51
C VAL G 37 17.47 15.12 33.90
N LYS G 38 17.59 16.42 34.18
CA LYS G 38 16.46 17.24 34.56
C LYS G 38 16.16 18.28 33.48
N GLN G 39 14.89 18.43 33.15
CA GLN G 39 14.45 19.35 32.11
C GLN G 39 13.35 20.25 32.66
N ARG G 40 13.62 21.55 32.70
CA ARG G 40 12.62 22.58 32.97
C ARG G 40 12.45 23.46 31.74
N PRO G 41 11.22 23.87 31.45
CA PRO G 41 11.00 24.76 30.30
C PRO G 41 11.63 26.13 30.53
N GLY G 42 12.10 26.72 29.44
CA GLY G 42 12.82 27.97 29.48
C GLY G 42 14.28 27.86 29.90
N GLN G 43 14.71 26.69 30.37
CA GLN G 43 16.12 26.45 30.66
C GLN G 43 16.63 25.41 29.68
N GLY G 44 17.48 24.51 30.14
CA GLY G 44 18.10 23.53 29.28
C GLY G 44 17.94 22.15 29.86
N LEU G 45 19.03 21.39 29.84
CA LEU G 45 19.10 20.11 30.52
C LEU G 45 20.20 20.17 31.56
N GLU G 46 19.92 19.58 32.71
CA GLU G 46 20.82 19.56 33.84
C GLU G 46 21.19 18.11 34.15
N TRP G 47 22.48 17.84 34.26
CA TRP G 47 22.97 16.50 34.56
C TRP G 47 22.99 16.30 36.07
N ILE G 48 22.24 15.30 36.54
CA ILE G 48 22.15 15.03 37.98
C ILE G 48 23.27 14.12 38.44
N GLY G 49 23.45 12.98 37.77
CA GLY G 49 24.44 12.03 38.19
C GLY G 49 24.24 10.72 37.45
N TYR G 50 25.05 9.74 37.84
CA TYR G 50 24.93 8.40 37.27
C TYR G 50 25.17 7.36 38.35
N ILE G 51 24.75 6.14 38.07
CA ILE G 51 25.02 4.97 38.91
C ILE G 51 25.56 3.86 38.01
N ASN G 52 26.55 3.14 38.52
CA ASN G 52 27.03 1.92 37.87
C ASN G 52 26.27 0.74 38.46
N PRO G 53 25.28 0.21 37.74
CA PRO G 53 24.45 -0.87 38.32
C PRO G 53 25.24 -2.13 38.66
N SER G 54 26.39 -2.35 38.01
CA SER G 54 27.19 -3.53 38.34
C SER G 54 27.76 -3.44 39.74
N THR G 55 28.26 -2.26 40.13
CA THR G 55 28.94 -2.09 41.41
C THR G 55 28.17 -1.23 42.40
N GLY G 56 27.18 -0.46 41.96
CA GLY G 56 26.51 0.48 42.81
C GLY G 56 27.23 1.80 43.02
N TYR G 57 28.35 2.03 42.32
CA TYR G 57 29.08 3.27 42.44
C TYR G 57 28.29 4.43 41.83
N THR G 58 28.28 5.57 42.53
CA THR G 58 27.52 6.74 42.12
C THR G 58 28.41 7.98 42.12
N GLU G 59 28.18 8.86 41.15
CA GLU G 59 28.77 10.19 41.11
C GLU G 59 27.65 11.21 40.94
N TYR G 60 27.75 12.34 41.61
CA TYR G 60 26.69 13.34 41.62
C TYR G 60 27.23 14.69 41.17
N ASN G 61 26.38 15.42 40.46
CA ASN G 61 26.59 16.86 40.30
C ASN G 61 26.47 17.50 41.67
N GLN G 62 27.51 18.23 42.09
CA GLN G 62 27.53 18.90 43.39
C GLN G 62 26.22 19.63 43.66
N LYS G 63 25.62 20.17 42.59
CA LYS G 63 24.36 20.90 42.70
C LYS G 63 23.24 20.03 43.22
N PHE G 64 23.34 18.71 43.04
CA PHE G 64 22.29 17.77 43.42
C PHE G 64 22.73 16.82 44.53
N LYS G 65 23.83 17.13 45.22
CA LYS G 65 24.36 16.23 46.25
C LYS G 65 23.35 15.98 47.36
N ASP G 66 22.72 17.04 47.86
CA ASP G 66 21.74 16.93 48.94
C ASP G 66 20.31 16.79 48.43
N LYS G 67 20.12 16.76 47.12
CA LYS G 67 18.80 16.66 46.54
C LYS G 67 18.48 15.26 46.03
N ALA G 68 19.42 14.61 45.33
CA ALA G 68 19.14 13.35 44.65
C ALA G 68 19.89 12.19 45.28
N THR G 69 19.29 11.01 45.18
CA THR G 69 19.92 9.76 45.61
C THR G 69 19.61 8.70 44.58
N LEU G 70 20.66 8.11 44.01
CA LEU G 70 20.53 7.20 42.89
C LEU G 70 20.77 5.76 43.37
N THR G 71 19.82 4.88 43.09
CA THR G 71 19.94 3.47 43.45
C THR G 71 19.67 2.60 42.22
N ALA G 72 20.13 1.36 42.28
CA ALA G 72 19.90 0.39 41.22
C ALA G 72 19.65 -0.99 41.81
N ASP G 73 18.74 -1.74 41.18
CA ASP G 73 18.41 -3.11 41.57
C ASP G 73 18.61 -4.01 40.35
N LYS G 74 19.58 -4.92 40.43
CA LYS G 74 19.92 -5.73 39.27
C LYS G 74 18.81 -6.71 38.93
N SER G 75 18.25 -7.38 39.94
CA SER G 75 17.25 -8.41 39.70
C SER G 75 16.06 -7.87 38.94
N SER G 76 15.73 -6.59 39.12
CA SER G 76 14.60 -6.00 38.43
C SER G 76 15.01 -5.14 37.25
N SER G 77 16.32 -4.99 37.00
CA SER G 77 16.80 -4.12 35.93
C SER G 77 16.22 -2.73 36.06
N THR G 78 16.17 -2.22 37.29
CA THR G 78 15.51 -0.96 37.59
C THR G 78 16.49 -0.02 38.29
N ALA G 79 16.57 1.21 37.79
CA ALA G 79 17.29 2.28 38.45
C ALA G 79 16.27 3.22 39.08
N TYR G 80 16.63 3.76 40.25
CA TYR G 80 15.74 4.65 40.98
C TYR G 80 16.47 5.96 41.28
N MET G 81 15.69 7.02 41.40
CA MET G 81 16.17 8.31 41.86
C MET G 81 15.18 8.84 42.89
N GLN G 82 15.69 9.19 44.07
CA GLN G 82 14.91 9.78 45.13
C GLN G 82 15.26 11.26 45.22
N LEU G 83 14.24 12.11 45.37
CA LEU G 83 14.41 13.55 45.50
C LEU G 83 13.78 14.02 46.80
N SER G 84 14.59 14.64 47.65
CA SER G 84 14.22 15.01 49.00
C SER G 84 14.08 16.53 49.13
N SER G 85 13.46 16.97 50.23
CA SER G 85 13.25 18.38 50.56
C SER G 85 12.75 19.16 49.35
N LEU G 86 11.60 18.71 48.85
CA LEU G 86 11.14 19.16 47.54
C LEU G 86 10.71 20.62 47.57
N THR G 87 11.09 21.34 46.52
CA THR G 87 10.70 22.72 46.31
C THR G 87 10.09 22.86 44.91
N SER G 88 9.41 23.98 44.70
CA SER G 88 8.82 24.25 43.39
C SER G 88 9.89 24.25 42.30
N GLU G 89 11.14 24.53 42.66
CA GLU G 89 12.25 24.48 41.71
C GLU G 89 12.57 23.06 41.27
N ASP G 90 12.01 22.05 41.93
CA ASP G 90 12.17 20.66 41.52
C ASP G 90 11.10 20.21 40.54
N SER G 91 10.12 21.06 40.25
CA SER G 91 9.11 20.73 39.24
C SER G 91 9.80 20.68 37.89
N ALA G 92 9.83 19.51 37.26
CA ALA G 92 10.56 19.30 36.01
C ALA G 92 10.20 17.94 35.46
N VAL G 93 10.73 17.65 34.27
CA VAL G 93 10.71 16.31 33.68
C VAL G 93 12.06 15.67 33.97
N TYR G 94 12.06 14.41 34.41
CA TYR G 94 13.28 13.72 34.78
C TYR G 94 13.45 12.49 33.89
N TYR G 95 14.58 12.44 33.19
CA TYR G 95 14.90 11.34 32.29
C TYR G 95 16.02 10.50 32.88
N CYS G 96 15.93 9.19 32.66
CA CYS G 96 17.04 8.27 32.83
C CYS G 96 17.57 7.91 31.46
N ALA G 97 18.88 7.72 31.36
CA ALA G 97 19.46 7.38 30.07
C ALA G 97 20.79 6.67 30.24
N PRO G 98 21.00 5.55 29.55
CA PRO G 98 22.31 4.88 29.57
C PRO G 98 23.29 5.55 28.62
N LEU G 99 23.79 6.72 29.04
CA LEU G 99 24.58 7.56 28.16
C LEU G 99 25.99 7.01 27.96
N TRP G 100 26.52 6.24 28.91
CA TRP G 100 27.87 5.75 28.80
C TRP G 100 27.96 4.31 29.26
N PRO G 101 28.69 3.45 28.54
CA PRO G 101 29.44 3.74 27.32
C PRO G 101 28.54 3.94 26.10
N LEU G 102 29.11 4.30 24.96
CA LEU G 102 28.32 4.47 23.76
C LEU G 102 27.72 3.14 23.33
N GLY G 103 26.61 3.20 22.60
CA GLY G 103 25.99 1.97 22.13
C GLY G 103 24.48 1.95 22.19
N THR G 104 23.92 2.58 23.22
CA THR G 104 22.47 2.66 23.42
C THR G 104 22.05 4.12 23.33
N ASP G 105 21.25 4.45 22.33
CA ASP G 105 20.88 5.83 22.06
C ASP G 105 19.56 6.26 22.70
N TYR G 106 18.85 5.35 23.37
CA TYR G 106 17.52 5.66 23.89
C TYR G 106 17.56 6.26 25.29
N TRP G 107 16.55 7.09 25.57
CA TRP G 107 16.27 7.61 26.89
C TRP G 107 14.91 7.11 27.35
N GLY G 108 14.65 7.21 28.64
CA GLY G 108 13.32 6.96 29.14
C GLY G 108 12.34 8.04 28.71
N GLN G 109 11.04 7.70 28.78
CA GLN G 109 10.04 8.67 28.36
C GLN G 109 9.97 9.88 29.28
N GLY G 110 10.54 9.78 30.46
CA GLY G 110 10.56 10.89 31.40
C GLY G 110 9.43 10.80 32.40
N THR G 111 9.70 11.26 33.63
CA THR G 111 8.72 11.33 34.70
C THR G 111 8.51 12.81 35.03
N THR G 112 7.27 13.27 34.94
CA THR G 112 6.95 14.64 35.26
C THR G 112 6.66 14.78 36.75
N LEU G 113 7.33 15.74 37.39
CA LEU G 113 7.16 16.01 38.81
C LEU G 113 6.64 17.42 38.98
N THR G 114 5.54 17.56 39.72
CA THR G 114 4.98 18.86 40.08
C THR G 114 5.00 18.97 41.59
N VAL G 115 5.66 20.01 42.10
CA VAL G 115 5.73 20.28 43.53
C VAL G 115 4.90 21.53 43.81
N SER G 116 3.91 21.40 44.70
CA SER G 116 3.00 22.50 44.94
C SER G 116 2.22 22.26 46.23
N SER G 117 1.99 23.32 47.00
CA SER G 117 1.15 23.26 48.19
C SER G 117 -0.31 23.57 47.91
N ALA G 118 -0.68 23.80 46.65
CA ALA G 118 -2.06 24.10 46.31
C ALA G 118 -2.95 22.87 46.52
N SER G 119 -4.24 23.12 46.78
CA SER G 119 -5.22 22.05 47.00
C SER G 119 -6.03 21.80 45.74
N THR G 120 -6.45 20.55 45.58
CA THR G 120 -7.26 20.16 44.42
C THR G 120 -8.53 20.99 44.31
N LYS G 121 -8.81 21.47 43.11
CA LYS G 121 -9.98 22.31 42.86
C LYS G 121 -10.36 22.18 41.39
N GLY G 122 -11.66 22.09 41.13
CA GLY G 122 -12.19 22.01 39.79
C GLY G 122 -12.30 23.39 39.18
N PRO G 123 -12.30 23.45 37.85
CA PRO G 123 -12.27 24.73 37.17
C PRO G 123 -13.64 25.38 37.10
N SER G 124 -13.63 26.71 36.95
CA SER G 124 -14.80 27.47 36.56
C SER G 124 -14.75 27.65 35.05
N VAL G 125 -15.88 27.44 34.39
CA VAL G 125 -15.96 27.53 32.93
C VAL G 125 -16.80 28.74 32.56
N PHE G 126 -16.21 29.69 31.82
CA PHE G 126 -16.88 30.88 31.36
C PHE G 126 -16.89 30.96 29.85
N PRO G 127 -17.96 31.46 29.24
CA PRO G 127 -18.03 31.51 27.78
C PRO G 127 -17.19 32.65 27.20
N LEU G 128 -16.53 32.35 26.09
CA LEU G 128 -15.91 33.36 25.23
C LEU G 128 -16.90 33.56 24.08
N ALA G 129 -17.79 34.53 24.24
CA ALA G 129 -18.99 34.62 23.41
C ALA G 129 -18.66 35.20 22.05
N PRO G 130 -19.19 34.61 20.98
CA PRO G 130 -19.02 35.21 19.65
C PRO G 130 -19.87 36.46 19.53
N SER G 131 -19.62 37.21 18.47
CA SER G 131 -20.25 38.51 18.30
C SER G 131 -20.73 38.64 16.86
N SER G 132 -22.03 38.45 16.65
CA SER G 132 -22.62 38.57 15.32
C SER G 132 -23.02 40.02 15.04
N GLY G 138 -16.56 36.40 7.28
CA GLY G 138 -17.41 35.22 7.25
C GLY G 138 -17.03 34.18 8.27
N THR G 139 -16.08 34.52 9.15
CA THR G 139 -15.58 33.62 10.18
C THR G 139 -15.83 34.21 11.56
N ALA G 140 -16.33 33.40 12.48
CA ALA G 140 -16.58 33.80 13.85
C ALA G 140 -15.82 32.90 14.82
N ALA G 141 -15.37 33.49 15.93
CA ALA G 141 -14.63 32.77 16.95
C ALA G 141 -15.42 32.70 18.25
N LEU G 142 -15.39 31.55 18.88
CA LEU G 142 -16.03 31.36 20.18
C LEU G 142 -15.17 30.40 20.98
N GLY G 143 -15.43 30.33 22.29
CA GLY G 143 -14.60 29.51 23.12
C GLY G 143 -15.08 29.43 24.55
N CYS G 144 -14.25 28.78 25.36
CA CYS G 144 -14.53 28.59 26.78
C CYS G 144 -13.26 28.91 27.57
N LEU G 145 -13.41 29.73 28.61
CA LEU G 145 -12.30 30.04 29.50
C LEU G 145 -12.36 29.07 30.68
N VAL G 146 -11.30 28.29 30.85
CA VAL G 146 -11.24 27.26 31.88
C VAL G 146 -10.28 27.77 32.95
N LYS G 147 -10.83 28.27 34.05
CA LYS G 147 -10.08 29.08 34.99
C LYS G 147 -10.06 28.47 36.38
N ASP G 148 -8.92 28.62 37.07
CA ASP G 148 -8.78 28.38 38.50
C ASP G 148 -9.01 26.91 38.88
N TYR G 149 -8.13 26.05 38.38
CA TYR G 149 -8.17 24.64 38.70
C TYR G 149 -6.78 24.16 39.10
N PHE G 150 -6.76 22.98 39.74
CA PHE G 150 -5.51 22.36 40.17
C PHE G 150 -5.79 20.91 40.51
N PRO G 151 -4.93 19.96 40.10
CA PRO G 151 -3.75 20.22 39.28
C PRO G 151 -4.03 20.01 37.81
N GLU G 152 -2.99 20.08 36.99
CA GLU G 152 -3.11 19.68 35.61
C GLU G 152 -3.42 18.18 35.54
N PRO G 153 -4.13 17.73 34.50
CA PRO G 153 -4.66 18.55 33.40
C PRO G 153 -6.17 18.65 33.38
N VAL G 154 -6.67 19.45 32.44
CA VAL G 154 -8.08 19.46 32.08
C VAL G 154 -8.18 19.05 30.62
N THR G 155 -9.31 18.43 30.26
CA THR G 155 -9.57 18.05 28.89
C THR G 155 -10.80 18.78 28.39
N VAL G 156 -10.68 19.39 27.22
CA VAL G 156 -11.73 20.19 26.61
C VAL G 156 -12.07 19.59 25.26
N SER G 157 -13.35 19.36 25.02
CA SER G 157 -13.86 18.92 23.72
C SER G 157 -15.05 19.81 23.35
N TRP G 158 -15.47 19.72 22.09
CA TRP G 158 -16.55 20.55 21.59
C TRP G 158 -17.63 19.66 20.98
N ASN G 159 -18.88 19.90 21.39
CA ASN G 159 -20.04 19.15 20.94
C ASN G 159 -19.83 17.65 21.12
N SER G 160 -19.34 17.29 22.32
CA SER G 160 -19.09 15.90 22.71
C SER G 160 -18.10 15.21 21.78
N GLY G 161 -17.17 15.98 21.22
CA GLY G 161 -16.19 15.43 20.31
C GLY G 161 -16.55 15.52 18.85
N ALA G 162 -17.79 15.89 18.52
CA ALA G 162 -18.21 15.99 17.13
C ALA G 162 -17.50 17.14 16.40
N LEU G 163 -17.00 18.13 17.12
CA LEU G 163 -16.37 19.30 16.52
C LEU G 163 -14.88 19.27 16.89
N THR G 164 -14.04 19.08 15.89
CA THR G 164 -12.60 19.07 16.10
C THR G 164 -11.90 20.08 15.18
N SER G 165 -12.52 20.37 14.05
CA SER G 165 -11.88 21.25 13.07
C SER G 165 -11.83 22.68 13.58
N GLY G 166 -10.65 23.29 13.50
CA GLY G 166 -10.44 24.65 13.94
C GLY G 166 -10.36 24.84 15.44
N VAL G 167 -10.26 23.77 16.22
CA VAL G 167 -10.19 23.88 17.67
C VAL G 167 -8.76 24.16 18.09
N HIS G 168 -8.58 25.19 18.93
CA HIS G 168 -7.30 25.46 19.56
C HIS G 168 -7.50 25.49 21.07
N THR G 169 -6.82 24.60 21.77
CA THR G 169 -6.85 24.56 23.23
C THR G 169 -5.46 24.93 23.72
N PHE G 170 -5.36 26.08 24.35
CA PHE G 170 -4.05 26.61 24.67
C PHE G 170 -3.44 25.86 25.85
N PRO G 171 -2.11 25.82 25.95
CA PRO G 171 -1.48 25.24 27.14
C PRO G 171 -1.88 26.02 28.38
N ALA G 172 -2.02 25.30 29.49
CA ALA G 172 -2.39 25.92 30.76
C ALA G 172 -1.29 26.86 31.23
N VAL G 173 -1.70 27.95 31.88
CA VAL G 173 -0.76 28.91 32.45
C VAL G 173 -0.94 28.88 33.97
N LEU G 174 0.17 28.82 34.70
CA LEU G 174 0.13 28.82 36.16
C LEU G 174 0.07 30.25 36.68
N GLN G 175 -1.05 30.60 37.29
CA GLN G 175 -1.28 31.95 37.81
C GLN G 175 -0.59 32.11 39.17
N SER G 176 -0.46 33.37 39.59
CA SER G 176 0.16 33.66 40.87
C SER G 176 -0.60 33.04 42.03
N SER G 177 -1.92 32.87 41.87
CA SER G 177 -2.72 32.17 42.87
C SER G 177 -2.26 30.74 43.11
N GLY G 178 -1.53 30.13 42.17
CA GLY G 178 -1.17 28.73 42.25
C GLY G 178 -2.13 27.80 41.53
N LEU G 179 -3.17 28.33 40.91
CA LEU G 179 -4.11 27.55 40.12
C LEU G 179 -3.85 27.81 38.63
N TYR G 180 -4.22 26.82 37.82
CA TYR G 180 -4.01 26.87 36.39
C TYR G 180 -5.20 27.51 35.69
N SER G 181 -4.94 27.97 34.46
CA SER G 181 -5.94 28.62 33.62
C SER G 181 -5.57 28.41 32.16
N LEU G 182 -6.58 28.13 31.33
CA LEU G 182 -6.39 28.06 29.89
C LEU G 182 -7.69 28.42 29.20
N SER G 183 -7.61 28.64 27.90
CA SER G 183 -8.77 28.84 27.05
C SER G 183 -8.75 27.83 25.91
N SER G 184 -9.94 27.45 25.47
CA SER G 184 -10.12 26.64 24.27
C SER G 184 -11.05 27.39 23.33
N VAL G 185 -10.61 27.57 22.08
CA VAL G 185 -11.33 28.38 21.11
C VAL G 185 -11.53 27.56 19.83
N VAL G 186 -12.52 27.96 19.05
CA VAL G 186 -12.80 27.33 17.77
C VAL G 186 -13.34 28.39 16.82
N THR G 187 -12.92 28.34 15.55
CA THR G 187 -13.44 29.25 14.53
C THR G 187 -14.42 28.51 13.63
N VAL G 188 -15.56 29.13 13.37
CA VAL G 188 -16.63 28.52 12.58
C VAL G 188 -17.13 29.58 11.59
N PRO G 189 -17.81 29.14 10.52
CA PRO G 189 -18.45 30.12 9.64
C PRO G 189 -19.53 30.86 10.39
N SER G 190 -19.51 32.20 10.29
CA SER G 190 -20.45 33.00 11.05
C SER G 190 -21.89 32.74 10.65
N SER G 191 -22.12 32.22 9.44
CA SER G 191 -23.48 31.90 9.03
C SER G 191 -24.08 30.79 9.88
N SER G 192 -23.25 29.90 10.41
CA SER G 192 -23.73 28.77 11.19
C SER G 192 -23.97 29.10 12.65
N LEU G 193 -23.84 30.37 13.07
CA LEU G 193 -23.90 30.70 14.48
C LEU G 193 -25.27 30.36 15.08
N GLY G 194 -26.33 30.88 14.48
CA GLY G 194 -27.69 30.63 14.94
C GLY G 194 -28.25 29.30 14.48
N THR G 195 -27.51 28.57 13.66
CA THR G 195 -27.94 27.33 13.05
C THR G 195 -27.37 26.10 13.75
N GLN G 196 -26.12 26.19 14.20
CA GLN G 196 -25.44 25.11 14.89
C GLN G 196 -25.24 25.50 16.34
N THR G 197 -25.35 24.51 17.24
CA THR G 197 -25.19 24.70 18.67
C THR G 197 -23.76 24.36 19.07
N TYR G 198 -23.12 25.19 19.90
CA TYR G 198 -21.72 25.02 20.28
C TYR G 198 -21.62 24.86 21.79
N ILE G 199 -21.21 23.67 22.23
CA ILE G 199 -21.03 23.35 23.65
C ILE G 199 -19.61 22.86 23.87
N CYS G 200 -18.95 23.39 24.91
CA CYS G 200 -17.64 22.90 25.30
C CYS G 200 -17.75 21.96 26.50
N ASN G 201 -17.02 20.85 26.42
CA ASN G 201 -17.03 19.81 27.46
C ASN G 201 -15.71 19.86 28.22
N VAL G 202 -15.73 20.45 29.41
CA VAL G 202 -14.54 20.59 30.24
C VAL G 202 -14.55 19.50 31.31
N ASN G 203 -13.44 18.80 31.46
CA ASN G 203 -13.32 17.65 32.35
C ASN G 203 -12.03 17.76 33.17
N HIS G 204 -12.14 17.51 34.47
CA HIS G 204 -11.00 17.57 35.38
C HIS G 204 -11.11 16.41 36.36
N LYS G 205 -10.26 15.39 36.21
CA LYS G 205 -10.42 14.14 36.95
C LYS G 205 -9.87 14.16 38.38
N PRO G 206 -8.92 15.04 38.73
CA PRO G 206 -8.57 15.17 40.16
C PRO G 206 -9.70 15.67 41.04
N SER G 207 -10.62 16.46 40.50
CA SER G 207 -11.81 16.88 41.24
C SER G 207 -13.08 16.14 40.80
N ASN G 208 -13.00 15.33 39.75
CA ASN G 208 -14.17 14.74 39.09
C ASN G 208 -15.21 15.82 38.81
N THR G 209 -14.76 16.88 38.16
CA THR G 209 -15.63 17.95 37.70
C THR G 209 -15.89 17.76 36.21
N LYS G 210 -17.16 17.80 35.84
CA LYS G 210 -17.57 17.75 34.44
C LYS G 210 -18.56 18.89 34.21
N VAL G 211 -18.23 19.76 33.26
CA VAL G 211 -19.01 20.97 33.00
C VAL G 211 -19.24 21.06 31.50
N ASP G 212 -20.49 21.29 31.10
CA ASP G 212 -20.86 21.57 29.72
C ASP G 212 -21.45 22.97 29.65
N LYS G 213 -20.77 23.86 28.93
CA LYS G 213 -21.20 25.25 28.83
C LYS G 213 -21.55 25.56 27.38
N LYS G 214 -22.82 25.91 27.14
CA LYS G 214 -23.28 26.35 25.83
C LYS G 214 -22.85 27.79 25.60
N VAL G 215 -22.09 28.04 24.53
CA VAL G 215 -21.58 29.37 24.22
C VAL G 215 -22.46 30.00 23.14
N GLU G 216 -23.10 31.11 23.47
CA GLU G 216 -23.98 31.85 22.58
C GLU G 216 -23.58 33.31 22.52
N PRO G 217 -23.89 34.01 21.42
CA PRO G 217 -23.64 35.45 21.38
C PRO G 217 -24.44 36.16 22.47
N LYS G 218 -23.74 36.98 23.25
CA LYS G 218 -24.41 37.76 24.29
C LYS G 218 -25.57 38.59 23.72
N SER G 219 -26.61 38.73 24.54
CA SER G 219 -27.87 39.33 24.16
C SER G 219 -27.95 40.79 24.59
N CYS G 220 -28.22 41.69 23.64
CA CYS G 220 -28.53 43.07 23.98
C CYS G 220 -29.98 43.38 23.66
N ASP H 1 32.05 25.05 36.04
CA ASP H 1 31.32 24.27 35.06
C ASP H 1 31.42 24.86 33.65
N ILE H 2 31.37 23.99 32.65
CA ILE H 2 31.38 24.44 31.26
C ILE H 2 29.96 24.86 30.90
N VAL H 3 29.78 26.10 30.44
CA VAL H 3 28.48 26.59 30.04
C VAL H 3 28.37 26.46 28.52
N LEU H 4 27.31 25.81 28.05
CA LEU H 4 27.04 25.65 26.63
C LEU H 4 25.87 26.53 26.24
N THR H 5 26.09 27.42 25.27
CA THR H 5 25.06 28.31 24.77
C THR H 5 24.79 27.97 23.30
N GLN H 6 23.53 27.66 22.98
CA GLN H 6 23.14 27.28 21.63
C GLN H 6 22.44 28.44 20.94
N SER H 7 22.84 28.70 19.71
CA SER H 7 22.30 29.78 18.92
C SER H 7 21.94 29.29 17.54
N PRO H 8 20.77 29.69 17.01
CA PRO H 8 19.78 30.49 17.76
C PRO H 8 18.93 29.63 18.67
N ALA H 9 18.24 30.26 19.64
CA ALA H 9 17.33 29.50 20.51
C ALA H 9 16.17 28.93 19.71
N ILE H 10 15.61 29.72 18.80
CA ILE H 10 14.53 29.29 17.92
C ILE H 10 14.87 29.69 16.50
N MET H 11 14.72 28.77 15.56
CA MET H 11 14.93 29.09 14.15
C MET H 11 13.97 28.28 13.29
N SER H 12 13.70 28.79 12.08
CA SER H 12 12.78 28.15 11.15
C SER H 12 13.45 27.98 9.79
N ALA H 13 13.16 26.87 9.12
CA ALA H 13 13.80 26.58 7.85
C ALA H 13 12.76 26.07 6.85
N SER H 14 12.88 26.55 5.60
CA SER H 14 12.01 26.13 4.51
C SER H 14 12.44 24.77 4.00
N PRO H 15 11.55 24.06 3.30
CA PRO H 15 11.93 22.73 2.77
C PRO H 15 13.11 22.85 1.82
N GLY H 16 14.06 21.93 1.98
CA GLY H 16 15.26 21.93 1.18
C GLY H 16 16.30 22.97 1.56
N GLU H 17 16.02 23.83 2.53
CA GLU H 17 16.97 24.86 2.93
C GLU H 17 18.09 24.21 3.74
N LYS H 18 19.30 24.80 3.65
CA LYS H 18 20.42 24.38 4.47
C LYS H 18 20.34 25.03 5.84
N VAL H 19 20.61 24.25 6.89
CA VAL H 19 20.44 24.69 8.28
C VAL H 19 21.72 24.48 9.06
N THR H 20 22.11 25.50 9.83
CA THR H 20 23.26 25.42 10.71
C THR H 20 22.92 26.05 12.05
N MET H 21 23.14 25.31 13.12
CA MET H 21 22.99 25.80 14.50
C MET H 21 24.31 25.62 15.22
N THR H 22 24.64 26.56 16.11
CA THR H 22 25.95 26.56 16.78
C THR H 22 25.80 26.23 18.26
N CYS H 23 26.83 25.59 18.81
CA CYS H 23 26.93 25.30 20.23
C CYS H 23 28.27 25.82 20.72
N SER H 24 28.25 26.84 21.57
CA SER H 24 29.45 27.48 22.07
C SER H 24 29.74 27.07 23.51
N ALA H 25 31.02 26.89 23.81
CA ALA H 25 31.48 26.45 25.12
C ALA H 25 32.27 27.56 25.79
N SER H 26 32.04 27.76 27.09
CA SER H 26 32.78 28.79 27.82
C SER H 26 34.26 28.45 27.95
N SER H 27 34.63 27.17 27.89
CA SER H 27 36.02 26.76 27.83
C SER H 27 36.16 25.61 26.86
N SER H 28 37.39 25.33 26.47
CA SER H 28 37.66 24.30 25.46
C SER H 28 37.09 22.96 25.88
N VAL H 29 36.47 22.27 24.92
CA VAL H 29 36.01 20.89 25.09
C VAL H 29 36.53 20.09 23.91
N SER H 30 36.80 18.81 24.16
CA SER H 30 37.43 17.95 23.17
C SER H 30 36.44 17.30 22.23
N TYR H 31 35.21 17.04 22.69
CA TYR H 31 34.21 16.42 21.84
C TYR H 31 32.85 16.98 22.21
N MET H 32 31.94 16.95 21.25
CA MET H 32 30.59 17.47 21.45
C MET H 32 29.58 16.46 20.97
N HIS H 33 28.52 16.31 21.75
CA HIS H 33 27.44 15.41 21.42
C HIS H 33 26.17 16.20 21.16
N TRP H 34 25.25 15.59 20.41
CA TRP H 34 24.00 16.23 20.07
C TRP H 34 22.88 15.24 20.24
N TYR H 35 21.78 15.71 20.82
CA TYR H 35 20.56 14.93 21.02
C TYR H 35 19.39 15.63 20.32
N GLN H 36 18.51 14.83 19.73
CA GLN H 36 17.29 15.32 19.10
C GLN H 36 16.10 14.93 19.96
N GLN H 37 15.24 15.91 20.26
CA GLN H 37 13.99 15.66 20.98
C GLN H 37 12.83 16.21 20.15
N LYS H 38 11.96 15.32 19.70
CA LYS H 38 10.71 15.73 19.10
C LYS H 38 9.71 16.05 20.21
N SER H 39 8.74 16.90 19.89
CA SER H 39 7.75 17.29 20.88
C SER H 39 7.00 16.06 21.38
N GLY H 40 6.85 15.96 22.69
CA GLY H 40 6.17 14.84 23.29
C GLY H 40 6.89 13.52 23.17
N THR H 41 8.21 13.53 22.95
CA THR H 41 9.01 12.31 22.95
C THR H 41 10.27 12.55 23.75
N SER H 42 10.98 11.48 24.04
CA SER H 42 12.22 11.56 24.78
C SER H 42 13.38 11.91 23.86
N PRO H 43 14.41 12.56 24.40
CA PRO H 43 15.60 12.83 23.58
C PRO H 43 16.25 11.54 23.09
N LYS H 44 16.95 11.66 21.96
CA LYS H 44 17.64 10.51 21.39
C LYS H 44 19.01 10.97 20.93
N ARG H 45 20.02 10.15 21.15
CA ARG H 45 21.36 10.50 20.69
C ARG H 45 21.37 10.67 19.18
N TRP H 46 21.93 11.80 18.72
CA TRP H 46 21.92 12.16 17.30
C TRP H 46 23.32 12.21 16.69
N ILE H 47 24.24 12.94 17.31
CA ILE H 47 25.63 13.00 16.89
C ILE H 47 26.50 12.79 18.12
N TYR H 48 27.55 11.99 17.98
CA TYR H 48 28.50 11.77 19.06
C TYR H 48 29.91 11.95 18.53
N ASP H 49 30.82 12.28 19.44
CA ASP H 49 32.22 12.59 19.11
C ASP H 49 32.30 13.63 17.99
N THR H 50 31.58 14.74 18.20
CA THR H 50 31.60 15.92 17.34
C THR H 50 30.96 15.68 15.98
N SER H 51 31.34 14.60 15.29
CA SER H 51 30.98 14.44 13.90
C SER H 51 30.39 13.08 13.51
N LYS H 52 30.28 12.13 14.45
CA LYS H 52 29.79 10.81 14.10
C LYS H 52 28.29 10.71 14.33
N LEU H 53 27.56 10.30 13.29
CA LEU H 53 26.12 10.16 13.36
C LEU H 53 25.73 8.89 14.08
N ALA H 54 24.75 8.99 14.97
CA ALA H 54 24.19 7.81 15.61
C ALA H 54 23.50 6.94 14.55
N SER H 55 23.27 5.68 14.90
CA SER H 55 22.66 4.76 13.96
C SER H 55 21.26 5.24 13.58
N GLY H 56 20.95 5.14 12.29
CA GLY H 56 19.66 5.55 11.79
C GLY H 56 19.49 7.04 11.57
N VAL H 57 20.49 7.85 11.86
CA VAL H 57 20.41 9.29 11.59
C VAL H 57 20.69 9.51 10.11
N PRO H 58 19.82 10.20 9.37
CA PRO H 58 20.03 10.34 7.92
C PRO H 58 21.27 11.17 7.63
N ALA H 59 21.84 10.90 6.45
CA ALA H 59 23.13 11.45 6.08
C ALA H 59 23.11 12.96 5.85
N ARG H 60 21.93 13.57 5.73
CA ARG H 60 21.87 15.02 5.59
C ARG H 60 22.33 15.74 6.86
N PHE H 61 22.44 15.03 7.98
CA PHE H 61 22.92 15.60 9.23
C PHE H 61 24.44 15.49 9.30
N SER H 62 25.07 16.52 9.86
CA SER H 62 26.50 16.45 10.13
C SER H 62 26.81 17.32 11.33
N GLY H 63 27.95 17.03 11.95
CA GLY H 63 28.44 17.85 13.05
C GLY H 63 29.92 18.14 12.87
N SER H 64 30.34 19.27 13.41
CA SER H 64 31.73 19.66 13.34
C SER H 64 32.02 20.62 14.49
N GLY H 65 33.24 21.12 14.52
CA GLY H 65 33.66 22.10 15.50
C GLY H 65 34.88 21.64 16.27
N SER H 66 35.42 22.57 17.06
CA SER H 66 36.54 22.30 17.94
C SER H 66 36.64 23.41 18.96
N GLY H 67 37.37 23.14 20.03
CA GLY H 67 37.61 24.14 21.06
C GLY H 67 36.36 24.60 21.77
N THR H 68 35.97 25.85 21.52
CA THR H 68 34.80 26.43 22.16
C THR H 68 33.65 26.66 21.18
N SER H 69 33.75 26.16 19.96
CA SER H 69 32.74 26.46 18.94
C SER H 69 32.41 25.20 18.15
N TYR H 70 31.16 24.74 18.26
CA TYR H 70 30.70 23.55 17.56
C TYR H 70 29.40 23.85 16.81
N SER H 71 29.02 22.95 15.91
CA SER H 71 27.83 23.21 15.11
C SER H 71 27.22 21.90 14.64
N LEU H 72 25.93 21.96 14.35
CA LEU H 72 25.19 20.90 13.69
C LEU H 72 24.60 21.47 12.42
N THR H 73 24.68 20.71 11.32
CA THR H 73 24.26 21.18 10.02
C THR H 73 23.36 20.15 9.35
N ILE H 74 22.27 20.64 8.76
CA ILE H 74 21.40 19.83 7.91
C ILE H 74 21.58 20.32 6.47
N SER H 75 22.06 19.42 5.60
CA SER H 75 22.35 19.85 4.24
C SER H 75 21.08 20.26 3.50
N SER H 76 19.99 19.52 3.70
CA SER H 76 18.72 19.82 3.03
C SER H 76 17.59 19.56 4.02
N MET H 77 16.94 20.63 4.47
CA MET H 77 15.90 20.53 5.50
C MET H 77 14.71 19.73 5.01
N GLU H 78 14.24 18.81 5.84
CA GLU H 78 13.00 18.09 5.61
C GLU H 78 12.06 18.30 6.80
N ALA H 79 10.77 18.10 6.55
CA ALA H 79 9.76 18.44 7.56
C ALA H 79 9.95 17.63 8.84
N GLU H 80 10.38 16.37 8.73
CA GLU H 80 10.54 15.53 9.90
C GLU H 80 11.71 15.97 10.78
N ASP H 81 12.55 16.90 10.33
CA ASP H 81 13.67 17.37 11.14
C ASP H 81 13.28 18.47 12.11
N ALA H 82 12.02 18.92 12.09
CA ALA H 82 11.57 19.90 13.07
C ALA H 82 11.61 19.27 14.46
N ALA H 83 12.36 19.91 15.36
CA ALA H 83 12.62 19.36 16.70
C ALA H 83 13.49 20.33 17.48
N THR H 84 13.81 19.97 18.72
CA THR H 84 14.78 20.70 19.53
C THR H 84 16.06 19.88 19.59
N TYR H 85 17.20 20.53 19.35
CA TYR H 85 18.51 19.87 19.32
C TYR H 85 19.35 20.40 20.47
N TYR H 86 19.82 19.49 21.33
CA TYR H 86 20.64 19.85 22.49
C TYR H 86 22.07 19.36 22.28
N CYS H 87 23.04 20.23 22.54
CA CYS H 87 24.42 19.81 22.61
C CYS H 87 24.82 19.52 24.06
N GLN H 88 25.86 18.70 24.21
CA GLN H 88 26.27 18.26 25.53
C GLN H 88 27.75 17.88 25.51
N GLN H 89 28.46 18.23 26.58
CA GLN H 89 29.87 17.93 26.71
C GLN H 89 30.12 17.09 27.95
N TRP H 90 31.19 16.30 27.93
CA TRP H 90 31.70 15.68 29.14
C TRP H 90 33.22 15.59 29.12
N SER H 91 33.87 16.53 28.42
CA SER H 91 35.32 16.67 28.56
C SER H 91 35.70 17.15 29.95
N SER H 92 34.78 17.86 30.62
CA SER H 92 34.99 18.35 31.97
C SER H 92 33.83 17.93 32.87
N ASN H 93 34.10 17.82 34.16
CA ASN H 93 33.04 17.46 35.08
C ASN H 93 32.50 18.69 35.80
N PRO H 94 31.18 18.76 35.99
CA PRO H 94 30.21 17.76 35.55
C PRO H 94 29.82 17.94 34.09
N PRO H 95 29.25 16.91 33.46
CA PRO H 95 28.72 17.07 32.10
C PRO H 95 27.63 18.15 32.11
N THR H 96 27.58 18.91 31.01
CA THR H 96 26.62 19.99 30.88
C THR H 96 25.96 19.94 29.51
N PHE H 97 24.76 20.51 29.43
CA PHE H 97 23.96 20.57 28.20
C PHE H 97 23.74 22.03 27.82
N GLY H 98 23.56 22.26 26.54
CA GLY H 98 23.00 23.52 26.09
C GLY H 98 21.51 23.59 26.39
N ALA H 99 20.95 24.77 26.21
CA ALA H 99 19.51 24.96 26.43
C ALA H 99 18.67 24.63 25.20
N GLY H 100 19.29 24.26 24.09
CA GLY H 100 18.60 23.75 22.92
C GLY H 100 18.41 24.79 21.81
N THR H 101 18.35 24.29 20.58
CA THR H 101 17.90 25.06 19.43
C THR H 101 16.60 24.47 18.92
N LYS H 102 15.55 25.27 18.93
CA LYS H 102 14.24 24.85 18.46
C LYS H 102 14.14 25.11 16.97
N LEU H 103 14.08 24.04 16.18
CA LEU H 103 14.02 24.14 14.73
C LEU H 103 12.58 23.90 14.28
N GLU H 104 12.03 24.87 13.55
CA GLU H 104 10.64 24.82 13.12
C GLU H 104 10.55 24.94 11.60
N LEU H 105 9.37 24.68 11.07
CA LEU H 105 9.10 24.77 9.64
C LEU H 105 8.80 26.20 9.25
N LYS H 106 9.55 26.72 8.28
CA LYS H 106 9.26 28.03 7.74
C LYS H 106 8.21 27.90 6.63
N ARG H 107 7.20 28.75 6.70
CA ARG H 107 6.16 28.84 5.68
C ARG H 107 5.97 30.31 5.36
N THR H 108 5.06 30.60 4.43
CA THR H 108 4.79 31.97 4.09
C THR H 108 4.13 32.71 5.25
N VAL H 109 4.19 34.03 5.17
CA VAL H 109 3.55 34.89 6.15
C VAL H 109 2.04 34.71 6.09
N ALA H 110 1.42 34.58 7.26
CA ALA H 110 -0.03 34.46 7.37
C ALA H 110 -0.49 35.42 8.45
N ALA H 111 -1.40 36.32 8.09
CA ALA H 111 -1.88 37.29 9.04
C ALA H 111 -2.81 36.63 10.06
N PRO H 112 -2.80 37.06 11.30
CA PRO H 112 -3.74 36.51 12.28
C PRO H 112 -5.13 37.06 12.06
N SER H 113 -6.11 36.21 12.35
CA SER H 113 -7.48 36.65 12.58
C SER H 113 -7.58 37.03 14.07
N VAL H 114 -8.04 38.24 14.34
CA VAL H 114 -8.04 38.79 15.70
C VAL H 114 -9.47 38.81 16.23
N PHE H 115 -9.64 38.38 17.47
CA PHE H 115 -10.94 38.41 18.13
C PHE H 115 -10.75 38.86 19.57
N ILE H 116 -11.72 39.61 20.07
CA ILE H 116 -11.70 40.06 21.46
C ILE H 116 -12.95 39.52 22.16
N PHE H 117 -12.77 39.08 23.40
CA PHE H 117 -13.85 38.49 24.18
C PHE H 117 -13.99 39.24 25.51
N PRO H 118 -15.11 39.92 25.76
CA PRO H 118 -15.30 40.56 27.07
C PRO H 118 -15.54 39.51 28.14
N PRO H 119 -15.36 39.86 29.41
CA PRO H 119 -15.66 38.89 30.47
C PRO H 119 -17.15 38.62 30.53
N SER H 120 -17.50 37.39 30.86
CA SER H 120 -18.90 37.02 31.02
C SER H 120 -19.48 37.64 32.29
N ASP H 121 -20.80 37.84 32.29
CA ASP H 121 -21.46 38.32 33.50
C ASP H 121 -21.28 37.34 34.65
N GLU H 122 -21.26 36.05 34.33
CA GLU H 122 -21.09 35.03 35.37
C GLU H 122 -19.78 35.23 36.11
N GLN H 123 -18.69 35.49 35.39
CA GLN H 123 -17.40 35.69 36.04
C GLN H 123 -17.34 37.01 36.80
N LEU H 124 -18.01 38.05 36.28
CA LEU H 124 -18.04 39.33 36.99
C LEU H 124 -18.68 39.21 38.36
N LYS H 125 -19.65 38.30 38.52
CA LYS H 125 -20.27 38.11 39.83
C LYS H 125 -19.29 37.62 40.89
N SER H 126 -18.34 36.78 40.52
CA SER H 126 -17.34 36.27 41.45
C SER H 126 -16.23 37.28 41.73
N GLY H 127 -16.24 38.44 41.07
CA GLY H 127 -15.37 39.55 41.42
C GLY H 127 -14.09 39.73 40.62
N THR H 128 -13.86 38.96 39.56
CA THR H 128 -12.71 39.19 38.70
C THR H 128 -13.17 39.24 37.26
N ALA H 129 -12.37 39.88 36.40
CA ALA H 129 -12.71 40.06 34.99
C ALA H 129 -11.56 39.60 34.12
N SER H 130 -11.83 38.66 33.24
CA SER H 130 -10.84 38.17 32.28
C SER H 130 -11.25 38.64 30.89
N VAL H 131 -10.39 39.41 30.24
CA VAL H 131 -10.58 39.86 28.86
C VAL H 131 -9.57 39.10 28.00
N VAL H 132 -10.06 38.45 26.95
CA VAL H 132 -9.24 37.55 26.14
C VAL H 132 -9.15 38.10 24.73
N CYS H 133 -7.93 38.14 24.18
CA CYS H 133 -7.72 38.52 22.80
C CYS H 133 -7.08 37.35 22.07
N LEU H 134 -7.66 36.98 20.93
CA LEU H 134 -7.28 35.76 20.23
C LEU H 134 -6.64 36.10 18.89
N LEU H 135 -5.46 35.52 18.65
CA LEU H 135 -4.76 35.62 17.36
C LEU H 135 -4.75 34.21 16.77
N ASN H 136 -5.43 34.02 15.65
CA ASN H 136 -5.67 32.69 15.11
C ASN H 136 -4.89 32.48 13.82
N ASN H 137 -4.12 31.38 13.78
CA ASN H 137 -3.48 30.86 12.58
C ASN H 137 -2.68 31.93 11.82
N PHE H 138 -1.54 32.26 12.41
CA PHE H 138 -0.63 33.26 11.86
C PHE H 138 0.78 32.69 11.81
N TYR H 139 1.65 33.39 11.07
CA TYR H 139 3.06 33.02 10.93
C TYR H 139 3.85 34.22 10.42
N PRO H 140 5.07 34.46 10.92
CA PRO H 140 5.86 33.74 11.93
C PRO H 140 5.30 33.97 13.34
N ARG H 141 5.97 33.46 14.38
CA ARG H 141 5.45 33.54 15.75
C ARG H 141 5.42 34.97 16.27
N GLU H 142 6.36 35.82 15.84
CA GLU H 142 6.49 37.15 16.41
C GLU H 142 5.25 37.99 16.22
N ALA H 143 4.71 38.52 17.32
CA ALA H 143 3.51 39.33 17.29
C ALA H 143 3.46 40.23 18.51
N LYS H 144 3.07 41.48 18.32
CA LYS H 144 2.92 42.44 19.40
C LYS H 144 1.44 42.60 19.71
N VAL H 145 1.03 42.24 20.93
CA VAL H 145 -0.35 42.30 21.37
C VAL H 145 -0.40 43.22 22.57
N GLN H 146 -1.04 44.38 22.42
CA GLN H 146 -1.08 45.40 23.45
C GLN H 146 -2.52 45.63 23.88
N TRP H 147 -2.73 45.70 25.19
CA TRP H 147 -4.04 45.99 25.77
C TRP H 147 -4.10 47.48 26.10
N LYS H 148 -5.18 48.13 25.69
CA LYS H 148 -5.37 49.54 25.94
C LYS H 148 -6.74 49.74 26.56
N VAL H 149 -6.76 50.34 27.74
CA VAL H 149 -7.98 50.55 28.50
C VAL H 149 -8.15 52.05 28.64
N ASP H 150 -9.17 52.60 27.98
CA ASP H 150 -9.29 54.04 27.79
C ASP H 150 -7.93 54.63 27.38
N ASN H 151 -7.34 54.05 26.34
CA ASN H 151 -6.06 54.45 25.76
C ASN H 151 -4.87 54.28 26.70
N ALA H 152 -5.08 53.71 27.88
CA ALA H 152 -3.98 53.44 28.81
C ALA H 152 -3.38 52.07 28.52
N LEU H 153 -2.10 52.06 28.14
CA LEU H 153 -1.41 50.80 27.88
C LEU H 153 -1.25 50.01 29.17
N GLN H 154 -1.65 48.74 29.14
CA GLN H 154 -1.60 47.87 30.31
C GLN H 154 -0.23 47.20 30.41
N SER H 155 0.23 47.01 31.65
CA SER H 155 1.50 46.37 31.91
C SER H 155 1.37 45.46 33.11
N GLY H 156 1.98 44.27 33.00
CA GLY H 156 2.06 43.36 34.11
C GLY H 156 0.76 42.67 34.50
N ASN H 157 -0.34 42.91 33.78
CA ASN H 157 -1.62 42.30 34.13
C ASN H 157 -2.18 41.43 33.00
N SER H 158 -1.34 41.00 32.08
CA SER H 158 -1.78 40.12 31.00
C SER H 158 -0.81 38.96 30.84
N GLN H 159 -1.31 37.87 30.25
CA GLN H 159 -0.54 36.66 30.04
C GLN H 159 -0.86 36.11 28.65
N GLU H 160 0.19 35.70 27.93
CA GLU H 160 0.03 35.16 26.58
C GLU H 160 0.27 33.67 26.58
N SER H 161 -0.49 32.95 25.77
CA SER H 161 -0.31 31.52 25.59
C SER H 161 -0.30 31.20 24.11
N VAL H 162 0.60 30.32 23.68
CA VAL H 162 0.81 30.02 22.27
C VAL H 162 0.77 28.51 22.05
N THR H 163 0.10 28.10 20.98
CA THR H 163 0.10 26.70 20.59
C THR H 163 1.40 26.34 19.89
N GLU H 164 1.65 25.04 19.79
CA GLU H 164 2.72 24.56 18.94
C GLU H 164 2.35 24.77 17.46
N GLN H 165 3.38 24.76 16.62
CA GLN H 165 3.17 24.91 15.19
C GLN H 165 2.19 23.85 14.70
N ASP H 166 1.11 24.29 14.05
CA ASP H 166 0.07 23.38 13.60
C ASP H 166 0.63 22.34 12.63
N SER H 167 0.18 21.10 12.78
CA SER H 167 0.73 20.03 11.96
C SER H 167 0.30 20.15 10.50
N LYS H 168 -0.83 20.80 10.22
CA LYS H 168 -1.36 20.86 8.87
C LYS H 168 -0.93 22.13 8.11
N ASP H 169 -1.11 23.31 8.70
CA ASP H 169 -0.80 24.54 7.99
C ASP H 169 0.39 25.30 8.59
N SER H 170 1.06 24.73 9.60
CA SER H 170 2.29 25.26 10.16
C SER H 170 2.11 26.62 10.83
N THR H 171 0.88 27.00 11.16
CA THR H 171 0.63 28.29 11.79
C THR H 171 0.71 28.19 13.31
N TYR H 172 0.70 29.33 13.96
CA TYR H 172 0.54 29.45 15.40
C TYR H 172 -0.80 30.10 15.72
N SER H 173 -1.25 29.87 16.94
CA SER H 173 -2.37 30.63 17.49
C SER H 173 -1.97 31.08 18.88
N LEU H 174 -2.46 32.25 19.28
CA LEU H 174 -2.06 32.88 20.53
C LEU H 174 -3.28 33.46 21.22
N SER H 175 -3.29 33.35 22.54
CA SER H 175 -4.29 34.02 23.38
C SER H 175 -3.56 34.99 24.29
N SER H 176 -4.09 36.20 24.41
CA SER H 176 -3.63 37.16 25.41
C SER H 176 -4.78 37.40 26.37
N THR H 177 -4.54 37.11 27.65
CA THR H 177 -5.56 37.20 28.68
C THR H 177 -5.25 38.37 29.61
N LEU H 178 -6.16 39.34 29.68
CA LEU H 178 -6.07 40.47 30.59
C LEU H 178 -6.97 40.21 31.79
N THR H 179 -6.39 40.16 32.99
CA THR H 179 -7.12 39.88 34.22
C THR H 179 -7.17 41.13 35.08
N LEU H 180 -8.37 41.56 35.43
CA LEU H 180 -8.60 42.73 36.28
C LEU H 180 -9.59 42.36 37.37
N SER H 181 -9.52 43.08 38.48
CA SER H 181 -10.58 42.98 39.47
C SER H 181 -11.87 43.54 38.90
N LYS H 182 -13.00 43.06 39.43
CA LYS H 182 -14.29 43.60 39.02
C LYS H 182 -14.33 45.12 39.21
N ALA H 183 -13.71 45.60 40.29
CA ALA H 183 -13.70 47.04 40.56
C ALA H 183 -12.97 47.80 39.46
N ASP H 184 -11.75 47.39 39.14
CA ASP H 184 -11.01 48.08 38.09
C ASP H 184 -11.70 47.92 36.75
N TYR H 185 -12.32 46.76 36.49
CA TYR H 185 -12.99 46.55 35.21
C TYR H 185 -14.13 47.54 35.01
N GLU H 186 -14.95 47.73 36.03
CA GLU H 186 -16.09 48.64 35.92
C GLU H 186 -15.67 50.10 36.06
N LYS H 187 -14.38 50.35 36.22
CA LYS H 187 -13.78 51.65 36.43
C LYS H 187 -13.36 52.33 35.12
N HIS H 188 -13.50 51.65 33.98
CA HIS H 188 -13.14 52.16 32.66
C HIS H 188 -14.15 51.64 31.63
N LYS H 189 -14.13 52.23 30.43
CA LYS H 189 -15.15 51.94 29.43
C LYS H 189 -14.64 51.17 28.21
N VAL H 190 -13.58 51.62 27.56
CA VAL H 190 -13.15 51.09 26.27
C VAL H 190 -12.00 50.11 26.49
N TYR H 191 -12.21 48.87 26.05
CA TYR H 191 -11.21 47.82 26.17
C TYR H 191 -10.79 47.40 24.77
N ALA H 192 -9.52 47.60 24.45
CA ALA H 192 -9.02 47.43 23.10
C ALA H 192 -7.82 46.49 23.09
N CYS H 193 -7.77 45.63 22.08
CA CYS H 193 -6.64 44.76 21.80
C CYS H 193 -6.08 45.16 20.44
N GLU H 194 -4.83 45.63 20.42
CA GLU H 194 -4.20 46.06 19.19
C GLU H 194 -3.07 45.11 18.84
N VAL H 195 -3.10 44.58 17.62
CA VAL H 195 -2.18 43.52 17.21
C VAL H 195 -1.32 44.04 16.07
N THR H 196 0.00 43.95 16.24
CA THR H 196 0.96 44.26 15.19
C THR H 196 1.61 42.97 14.73
N HIS H 197 1.60 42.73 13.42
CA HIS H 197 2.14 41.49 12.86
C HIS H 197 2.53 41.72 11.41
N GLN H 198 3.58 41.00 10.98
CA GLN H 198 4.15 41.20 9.66
C GLN H 198 3.11 41.04 8.55
N GLY H 199 2.13 40.17 8.74
CA GLY H 199 1.11 39.92 7.74
C GLY H 199 0.00 40.94 7.66
N LEU H 200 -0.05 41.90 8.57
CA LEU H 200 -1.00 42.99 8.47
C LEU H 200 -0.29 44.22 7.94
N ARG H 201 -0.88 44.84 6.91
CA ARG H 201 -0.29 46.07 6.37
C ARG H 201 -0.39 47.21 7.36
N SER H 202 -1.38 47.18 8.24
CA SER H 202 -1.50 48.08 9.36
C SER H 202 -1.96 47.30 10.58
N PRO H 203 -1.56 47.70 11.78
CA PRO H 203 -2.00 46.98 12.98
C PRO H 203 -3.51 46.95 13.07
N VAL H 204 -4.03 45.86 13.62
CA VAL H 204 -5.47 45.63 13.77
C VAL H 204 -5.87 45.84 15.23
N THR H 205 -6.97 46.54 15.44
CA THR H 205 -7.53 46.77 16.76
C THR H 205 -8.95 46.20 16.82
N LYS H 206 -9.19 45.34 17.81
CA LYS H 206 -10.53 44.88 18.15
C LYS H 206 -10.86 45.40 19.54
N SER H 207 -12.04 46.00 19.71
CA SER H 207 -12.39 46.60 20.98
C SER H 207 -13.89 46.44 21.25
N PHE H 208 -14.26 46.68 22.50
CA PHE H 208 -15.66 46.73 22.92
C PHE H 208 -15.78 47.77 24.02
N ASN H 209 -16.97 48.34 24.15
CA ASN H 209 -17.30 49.19 25.29
C ASN H 209 -18.03 48.37 26.34
N ARG H 210 -17.66 48.58 27.60
CA ARG H 210 -18.17 47.76 28.68
C ARG H 210 -19.69 47.84 28.79
N GLY H 211 -20.35 46.74 28.45
CA GLY H 211 -21.80 46.58 28.48
C GLY H 211 -22.67 47.57 27.72
N GLU H 212 -22.66 47.54 26.40
CA GLU H 212 -23.64 48.28 25.61
C GLU H 212 -24.83 47.38 25.25
N CYS H 213 -25.57 46.96 26.27
CA CYS H 213 -26.74 46.12 26.09
C CYS H 213 -27.96 46.74 26.79
C2 BGC I . -28.32 9.63 -9.10
C3 BGC I . -27.38 10.77 -9.24
C4 BGC I . -27.44 11.42 -10.60
C5 BGC I . -28.87 11.68 -11.10
C6 BGC I . -28.82 12.00 -12.57
C1 BGC I . -29.74 10.02 -9.50
O1 BGC I . -30.56 8.93 -9.41
O2 BGC I . -28.31 9.17 -7.73
O3 BGC I . -26.09 10.55 -8.83
O4 BGC I . -26.74 12.67 -10.56
O5 BGC I . -29.78 10.54 -10.90
O6 BGC I . -29.89 11.38 -13.23
C2 BGC I . -23.91 9.75 -8.36
C3 BGC I . -22.52 10.16 -8.04
C4 BGC I . -21.99 11.23 -8.94
C5 BGC I . -22.96 12.41 -9.12
C6 BGC I . -22.49 13.25 -10.26
C1 BGC I . -24.85 10.95 -8.42
O2 BGC I . -24.37 8.85 -7.34
O3 BGC I . -21.69 8.97 -8.16
O4 BGC I . -20.76 11.73 -8.41
O5 BGC I . -24.34 11.99 -9.39
O6 BGC I . -22.39 12.46 -11.42
C2 BGC J . -26.81 1.06 5.80
C3 BGC J . -25.77 0.01 5.60
C4 BGC J . -25.77 -1.03 6.67
C5 BGC J . -27.17 -1.62 6.91
C6 BGC J . -27.12 -2.60 8.05
C1 BGC J . -28.19 0.49 6.14
O1 BGC J . -29.01 1.49 6.54
O2 BGC J . -26.91 1.83 4.58
O3 BGC J . -24.46 0.64 5.56
O4 BGC J . -24.88 -2.09 6.29
O5 BGC J . -28.14 -0.56 7.22
O6 BGC J . -26.52 -2.00 9.17
#